data_7QB0
#
_entry.id   7QB0
#
loop_
_entity.id
_entity.type
_entity.pdbx_description
1 polymer 'Isoform Alpha of Paxillin'
2 non-polymer 'ZINC ION'
#
_entity_poly.entity_id   1
_entity_poly.type   'polypeptide(L)'
_entity_poly.pdbx_seq_one_letter_code
;SPRCYYCNGPILDKVVTALDRTWHPEHFFCAQCGAFFGPEGFHEKDGKAYCRKDYFDMFAPKCGGCARAILENYISALNT
LWHPECFVCRECFTPFVNGSFFEHDGQPYCEVHYHERRGSPEYFKNG
;
_entity_poly.pdbx_strand_id   A
#
loop_
_chem_comp.id
_chem_comp.type
_chem_comp.name
_chem_comp.formula
ZN non-polymer 'ZINC ION' 'Zn 2'
#
# COMPACT_ATOMS: atom_id res chain seq x y z
N SER A 1 -25.41 18.24 -16.31
CA SER A 1 -24.36 18.06 -15.32
C SER A 1 -24.31 16.61 -14.84
N PRO A 2 -23.17 16.21 -14.26
CA PRO A 2 -22.97 14.85 -13.76
C PRO A 2 -23.81 14.56 -12.52
N ARG A 3 -24.20 13.31 -12.36
CA ARG A 3 -25.02 12.89 -11.23
C ARG A 3 -24.49 11.58 -10.62
N CYS A 4 -24.33 11.58 -9.31
CA CYS A 4 -23.84 10.39 -8.63
C CYS A 4 -24.96 9.35 -8.60
N TYR A 5 -24.71 8.25 -9.32
CA TYR A 5 -25.68 7.16 -9.40
C TYR A 5 -25.69 6.34 -8.12
N TYR A 6 -24.60 6.43 -7.36
CA TYR A 6 -24.48 5.69 -6.11
C TYR A 6 -25.49 6.19 -5.08
N CYS A 7 -25.88 7.45 -5.21
CA CYS A 7 -26.84 8.04 -4.30
C CYS A 7 -27.89 8.80 -5.11
N ASN A 8 -27.86 8.55 -6.42
CA ASN A 8 -28.81 9.20 -7.35
C ASN A 8 -28.95 10.68 -7.02
N GLY A 9 -27.84 11.30 -6.64
CA GLY A 9 -27.86 12.72 -6.31
C GLY A 9 -26.93 13.54 -7.16
N PRO A 10 -27.15 14.85 -7.22
CA PRO A 10 -26.32 15.78 -8.00
C PRO A 10 -24.92 15.94 -7.42
N ILE A 11 -23.97 16.26 -8.28
CA ILE A 11 -22.58 16.45 -7.85
C ILE A 11 -22.12 17.88 -8.10
N LEU A 12 -21.72 18.56 -7.04
CA LEU A 12 -21.25 19.94 -7.14
C LEU A 12 -19.73 20.00 -7.06
N ASP A 13 -19.17 19.34 -6.06
CA ASP A 13 -17.72 19.32 -5.88
C ASP A 13 -17.05 18.49 -6.97
N LYS A 14 -15.80 18.12 -6.74
CA LYS A 14 -15.04 17.32 -7.70
C LYS A 14 -15.75 16.00 -8.00
N VAL A 15 -15.93 15.71 -9.28
CA VAL A 15 -16.59 14.48 -9.69
C VAL A 15 -15.58 13.45 -10.18
N VAL A 16 -15.81 12.19 -9.81
CA VAL A 16 -14.91 11.11 -10.21
C VAL A 16 -15.48 10.34 -11.38
N THR A 17 -14.65 10.10 -12.39
CA THR A 17 -15.07 9.38 -13.58
C THR A 17 -14.77 7.88 -13.46
N ALA A 18 -15.81 7.06 -13.57
CA ALA A 18 -15.64 5.62 -13.47
C ALA A 18 -16.71 4.88 -14.26
N LEU A 19 -16.29 3.94 -15.09
CA LEU A 19 -17.21 3.17 -15.91
C LEU A 19 -18.11 4.09 -16.75
N ASP A 20 -17.51 5.15 -17.28
CA ASP A 20 -18.24 6.11 -18.10
C ASP A 20 -19.38 6.74 -17.29
N ARG A 21 -19.26 6.72 -15.98
CA ARG A 21 -20.28 7.29 -15.10
C ARG A 21 -19.65 8.21 -14.06
N THR A 22 -20.45 9.11 -13.50
CA THR A 22 -19.97 10.04 -12.49
C THR A 22 -20.36 9.58 -11.10
N TRP A 23 -19.41 9.63 -10.17
CA TRP A 23 -19.65 9.22 -8.79
C TRP A 23 -19.12 10.26 -7.82
N HIS A 24 -19.70 10.29 -6.62
CA HIS A 24 -19.29 11.23 -5.59
C HIS A 24 -17.93 10.85 -5.01
N PRO A 25 -17.24 11.84 -4.43
CA PRO A 25 -15.91 11.64 -3.83
C PRO A 25 -15.97 10.80 -2.56
N GLU A 26 -16.97 11.07 -1.73
CA GLU A 26 -17.15 10.34 -0.48
C GLU A 26 -17.82 9.00 -0.72
N HIS A 27 -18.48 8.87 -1.87
CA HIS A 27 -19.17 7.64 -2.22
C HIS A 27 -18.29 6.77 -3.13
N PHE A 28 -17.10 7.25 -3.42
CA PHE A 28 -16.16 6.51 -4.27
C PHE A 28 -14.96 6.03 -3.48
N PHE A 29 -14.86 4.72 -3.30
CA PHE A 29 -13.75 4.13 -2.55
C PHE A 29 -13.32 2.80 -3.17
N CYS A 30 -12.03 2.53 -3.11
CA CYS A 30 -11.51 1.29 -3.67
C CYS A 30 -12.19 0.11 -2.98
N ALA A 31 -12.81 -0.73 -3.79
CA ALA A 31 -13.52 -1.90 -3.28
C ALA A 31 -12.54 -3.03 -2.97
N GLN A 32 -11.26 -2.80 -3.26
CA GLN A 32 -10.23 -3.80 -3.02
C GLN A 32 -9.48 -3.49 -1.72
N CYS A 33 -8.94 -2.29 -1.62
CA CYS A 33 -8.20 -1.88 -0.43
C CYS A 33 -9.02 -0.83 0.31
N GLY A 34 -9.84 -0.12 -0.46
CA GLY A 34 -10.68 0.92 0.11
C GLY A 34 -9.89 1.91 0.93
N ALA A 35 -9.07 2.72 0.25
CA ALA A 35 -8.25 3.71 0.92
C ALA A 35 -7.43 4.53 -0.08
N PHE A 36 -8.11 5.34 -0.88
CA PHE A 36 -7.46 6.16 -1.88
C PHE A 36 -7.34 7.61 -1.41
N PHE A 37 -6.38 8.33 -1.98
CA PHE A 37 -6.17 9.73 -1.62
C PHE A 37 -6.10 10.61 -2.86
N GLY A 38 -5.43 10.12 -3.89
CA GLY A 38 -5.31 10.87 -5.13
C GLY A 38 -4.32 10.26 -6.10
N PRO A 39 -4.59 9.01 -6.51
CA PRO A 39 -3.72 8.27 -7.43
C PRO A 39 -3.76 8.85 -8.84
N GLU A 40 -3.18 8.13 -9.79
CA GLU A 40 -3.14 8.57 -11.18
C GLU A 40 -3.15 7.38 -12.14
N GLY A 41 -4.22 7.26 -12.92
CA GLY A 41 -4.32 6.16 -13.86
C GLY A 41 -4.56 4.82 -13.17
N PHE A 42 -5.82 4.53 -12.88
CA PHE A 42 -6.17 3.27 -12.22
C PHE A 42 -6.75 2.28 -13.22
N HIS A 43 -6.67 0.99 -12.88
CA HIS A 43 -7.18 -0.06 -13.74
C HIS A 43 -8.59 -0.48 -13.32
N GLU A 44 -9.45 -0.72 -14.30
CA GLU A 44 -10.82 -1.12 -14.03
C GLU A 44 -11.00 -2.62 -14.28
N LYS A 45 -11.72 -3.27 -13.38
CA LYS A 45 -11.97 -4.71 -13.50
C LYS A 45 -13.38 -5.05 -12.99
N ASP A 46 -14.17 -5.70 -13.86
CA ASP A 46 -15.52 -6.08 -13.49
C ASP A 46 -16.33 -4.88 -13.02
N GLY A 47 -16.06 -3.73 -13.62
CA GLY A 47 -16.77 -2.51 -13.25
C GLY A 47 -16.37 -2.01 -11.87
N LYS A 48 -15.26 -2.53 -11.35
CA LYS A 48 -14.78 -2.13 -10.04
C LYS A 48 -13.49 -1.33 -10.15
N ALA A 49 -13.18 -0.57 -9.11
CA ALA A 49 -11.97 0.25 -9.10
C ALA A 49 -10.89 -0.38 -8.22
N TYR A 50 -9.73 -0.64 -8.81
CA TYR A 50 -8.61 -1.24 -8.08
C TYR A 50 -7.36 -0.40 -8.21
N CYS A 51 -6.62 -0.26 -7.12
CA CYS A 51 -5.40 0.52 -7.13
C CYS A 51 -4.34 -0.27 -7.89
N ARG A 52 -3.27 0.43 -8.23
CA ARG A 52 -2.16 -0.18 -8.97
C ARG A 52 -1.63 -1.41 -8.24
N LYS A 53 -1.59 -1.34 -6.92
CA LYS A 53 -1.11 -2.45 -6.11
C LYS A 53 -2.13 -3.60 -6.10
N ASP A 54 -3.41 -3.25 -5.97
CA ASP A 54 -4.47 -4.23 -5.94
C ASP A 54 -4.51 -5.03 -7.25
N TYR A 55 -4.14 -4.38 -8.35
CA TYR A 55 -4.13 -5.02 -9.66
C TYR A 55 -3.13 -6.17 -9.68
N PHE A 56 -1.94 -5.94 -9.13
CA PHE A 56 -0.90 -6.95 -9.09
C PHE A 56 -1.26 -8.06 -8.10
N ASP A 57 -1.92 -7.69 -7.02
CA ASP A 57 -2.32 -8.66 -6.01
C ASP A 57 -3.26 -9.71 -6.59
N MET A 58 -4.14 -9.28 -7.49
CA MET A 58 -5.09 -10.17 -8.13
C MET A 58 -4.37 -11.26 -8.91
N PHE A 59 -3.16 -10.94 -9.38
CA PHE A 59 -2.36 -11.89 -10.14
C PHE A 59 -1.42 -12.67 -9.23
N ALA A 60 -0.54 -11.94 -8.53
CA ALA A 60 0.41 -12.56 -7.62
C ALA A 60 1.21 -11.50 -6.87
N PRO A 61 1.82 -11.91 -5.75
CA PRO A 61 2.63 -11.01 -4.92
C PRO A 61 3.94 -10.61 -5.60
N LYS A 62 4.27 -9.33 -5.53
CA LYS A 62 5.50 -8.82 -6.13
C LYS A 62 6.19 -7.84 -5.20
N CYS A 63 7.52 -7.82 -5.24
CA CYS A 63 8.28 -6.92 -4.40
C CYS A 63 8.13 -5.49 -4.96
N GLY A 64 8.04 -4.54 -4.04
CA GLY A 64 7.90 -3.15 -4.43
C GLY A 64 8.95 -2.71 -5.43
N GLY A 65 10.13 -3.33 -5.35
CA GLY A 65 11.21 -2.98 -6.25
C GLY A 65 12.42 -3.87 -6.08
N CYS A 66 12.22 -5.18 -6.20
CA CYS A 66 13.32 -6.12 -6.04
C CYS A 66 13.19 -7.18 -7.13
N ALA A 67 12.00 -7.80 -7.18
CA ALA A 67 11.73 -8.83 -8.16
C ALA A 67 10.26 -8.82 -8.58
N ARG A 68 9.84 -9.85 -9.29
CA ARG A 68 8.47 -9.95 -9.75
C ARG A 68 7.70 -11.05 -9.00
N ALA A 69 7.99 -12.29 -9.35
CA ALA A 69 7.34 -13.43 -8.70
C ALA A 69 7.93 -13.68 -7.31
N ILE A 70 7.05 -13.72 -6.31
CA ILE A 70 7.48 -13.96 -4.93
C ILE A 70 7.27 -15.42 -4.53
N LEU A 71 8.30 -16.01 -3.94
CA LEU A 71 8.22 -17.41 -3.50
C LEU A 71 7.06 -17.60 -2.53
N GLU A 72 6.95 -18.82 -2.00
CA GLU A 72 5.89 -19.14 -1.06
C GLU A 72 5.84 -18.12 0.08
N ASN A 73 6.86 -18.13 0.92
CA ASN A 73 6.95 -17.21 2.04
C ASN A 73 6.80 -15.76 1.57
N TYR A 74 5.92 -15.01 2.22
CA TYR A 74 5.69 -13.62 1.87
C TYR A 74 5.29 -12.80 3.09
N ILE A 75 5.46 -11.49 2.99
CA ILE A 75 5.12 -10.59 4.10
C ILE A 75 4.37 -9.36 3.59
N SER A 76 3.19 -9.12 4.15
CA SER A 76 2.38 -7.98 3.76
C SER A 76 2.66 -6.78 4.66
N ALA A 77 3.26 -5.74 4.09
CA ALA A 77 3.56 -4.53 4.84
C ALA A 77 3.42 -3.29 3.97
N LEU A 78 2.95 -2.20 4.56
CA LEU A 78 2.77 -0.95 3.84
C LEU A 78 1.82 -1.14 2.65
N ASN A 79 0.81 -1.98 2.84
CA ASN A 79 -0.17 -2.24 1.79
C ASN A 79 0.49 -2.91 0.59
N THR A 80 1.71 -3.41 0.79
CA THR A 80 2.45 -4.07 -0.27
C THR A 80 3.08 -5.37 0.22
N LEU A 81 3.23 -6.33 -0.68
CA LEU A 81 3.82 -7.62 -0.33
C LEU A 81 5.28 -7.68 -0.75
N TRP A 82 6.14 -8.04 0.20
CA TRP A 82 7.56 -8.14 -0.07
C TRP A 82 8.13 -9.47 0.43
N HIS A 83 9.18 -9.94 -0.23
CA HIS A 83 9.81 -11.21 0.16
C HIS A 83 10.13 -11.23 1.64
N PRO A 84 10.32 -12.43 2.19
CA PRO A 84 10.64 -12.62 3.62
C PRO A 84 12.04 -12.13 3.97
N GLU A 85 12.99 -12.40 3.07
CA GLU A 85 14.37 -11.98 3.29
C GLU A 85 14.58 -10.53 2.86
N CYS A 86 13.63 -10.00 2.10
CA CYS A 86 13.73 -8.63 1.63
C CYS A 86 13.46 -7.70 2.83
N PHE A 87 12.82 -8.27 3.85
CA PHE A 87 12.49 -7.51 5.05
C PHE A 87 13.69 -7.43 5.98
N VAL A 88 14.65 -6.57 5.63
CA VAL A 88 15.85 -6.39 6.43
C VAL A 88 16.39 -4.96 6.30
N CYS A 89 17.05 -4.49 7.35
CA CYS A 89 17.61 -3.16 7.33
C CYS A 89 18.73 -3.10 6.30
N ARG A 90 18.98 -1.90 5.80
CA ARG A 90 20.01 -1.69 4.79
C ARG A 90 21.40 -1.83 5.40
N GLU A 91 21.44 -2.01 6.72
CA GLU A 91 22.70 -2.15 7.43
C GLU A 91 22.94 -3.61 7.84
N CYS A 92 21.96 -4.18 8.52
CA CYS A 92 22.06 -5.56 8.95
C CYS A 92 21.85 -6.48 7.75
N PHE A 93 20.85 -6.11 6.94
CA PHE A 93 20.52 -6.87 5.75
C PHE A 93 20.09 -8.30 6.11
N THR A 94 20.02 -8.57 7.41
CA THR A 94 19.63 -9.89 7.89
C THR A 94 18.27 -9.84 8.59
N PRO A 95 17.45 -10.87 8.36
CA PRO A 95 16.12 -10.97 8.95
C PRO A 95 16.17 -11.22 10.46
N PHE A 96 15.14 -10.77 11.17
CA PHE A 96 15.07 -10.95 12.61
C PHE A 96 13.77 -11.65 13.01
N VAL A 97 13.80 -12.99 12.99
CA VAL A 97 12.63 -13.77 13.35
C VAL A 97 12.00 -13.27 14.64
N ASN A 98 10.84 -12.65 14.53
CA ASN A 98 10.14 -12.12 15.69
C ASN A 98 8.63 -12.34 15.56
N GLY A 99 8.07 -11.88 14.44
CA GLY A 99 6.64 -12.03 14.21
C GLY A 99 6.05 -10.86 13.45
N SER A 100 5.68 -9.82 14.18
CA SER A 100 5.09 -8.63 13.58
C SER A 100 6.07 -7.96 12.63
N PHE A 101 5.55 -7.13 11.73
CA PHE A 101 6.39 -6.42 10.76
C PHE A 101 6.60 -4.98 11.17
N PHE A 102 7.83 -4.50 11.06
CA PHE A 102 8.17 -3.14 11.42
C PHE A 102 8.44 -2.30 10.17
N GLU A 103 7.88 -1.08 10.16
CA GLU A 103 8.06 -0.17 9.03
C GLU A 103 8.88 1.04 9.43
N HIS A 104 9.85 1.40 8.59
CA HIS A 104 10.70 2.56 8.87
C HIS A 104 11.10 3.25 7.57
N ASP A 105 10.72 4.52 7.44
CA ASP A 105 11.03 5.30 6.25
C ASP A 105 10.54 4.59 4.99
N GLY A 106 9.40 3.92 5.10
CA GLY A 106 8.84 3.20 3.97
C GLY A 106 9.62 1.95 3.63
N GLN A 107 10.51 1.55 4.54
CA GLN A 107 11.33 0.36 4.33
C GLN A 107 11.24 -0.58 5.54
N PRO A 108 11.45 -1.87 5.31
CA PRO A 108 11.41 -2.89 6.36
C PRO A 108 12.58 -2.78 7.32
N TYR A 109 12.31 -2.98 8.61
CA TYR A 109 13.34 -2.88 9.63
C TYR A 109 13.17 -3.99 10.66
N CYS A 110 14.20 -4.19 11.48
CA CYS A 110 14.15 -5.22 12.51
C CYS A 110 13.51 -4.62 13.75
N GLU A 111 13.18 -5.51 14.69
CA GLU A 111 12.56 -5.09 15.95
C GLU A 111 13.50 -4.21 16.76
N VAL A 112 14.73 -4.67 16.91
CA VAL A 112 15.74 -3.92 17.67
C VAL A 112 16.19 -2.68 16.91
N HIS A 113 16.35 -2.83 15.60
CA HIS A 113 16.77 -1.72 14.75
C HIS A 113 15.68 -0.65 14.66
N TYR A 114 14.44 -1.10 14.63
CA TYR A 114 13.30 -0.19 14.53
C TYR A 114 13.18 0.66 15.79
N HIS A 115 13.22 0.01 16.95
CA HIS A 115 13.11 0.69 18.23
C HIS A 115 14.35 1.55 18.48
N GLU A 116 15.51 1.05 18.08
CA GLU A 116 16.76 1.76 18.27
C GLU A 116 16.76 3.08 17.50
N ARG A 117 16.09 3.08 16.35
CA ARG A 117 16.01 4.28 15.52
C ARG A 117 15.15 5.35 16.19
N ARG A 118 14.06 4.92 16.83
CA ARG A 118 13.16 5.84 17.51
C ARG A 118 13.71 6.24 18.87
N GLY A 119 14.67 5.47 19.36
CA GLY A 119 15.27 5.74 20.65
C GLY A 119 15.75 7.17 20.77
N SER A 120 16.53 7.62 19.78
CA SER A 120 17.06 8.97 19.78
C SER A 120 16.64 9.72 18.51
N PRO A 121 16.71 11.06 18.56
CA PRO A 121 16.35 11.92 17.43
C PRO A 121 17.34 11.80 16.28
N GLU A 122 18.64 11.89 16.60
CA GLU A 122 19.68 11.80 15.59
C GLU A 122 20.50 10.53 15.77
N TYR A 123 21.32 10.49 16.83
CA TYR A 123 22.15 9.33 17.10
C TYR A 123 22.39 9.17 18.60
N PHE A 124 23.18 8.17 18.97
CA PHE A 124 23.48 7.91 20.37
C PHE A 124 24.66 6.95 20.50
N LYS A 125 25.17 6.83 21.71
CA LYS A 125 26.30 5.93 21.98
C LYS A 125 26.03 4.53 21.45
N ASN A 126 24.85 4.00 21.76
CA ASN A 126 24.47 2.67 21.32
C ASN A 126 23.98 2.70 19.87
N GLY A 127 24.34 1.68 19.11
CA GLY A 127 23.93 1.60 17.71
C GLY A 127 25.09 1.31 16.79
ZN ZN B . -23.33 10.13 -4.18
ZN ZN C . -7.19 -0.10 -3.71
ZN ZN D . 11.89 -8.79 -2.63
ZN ZN E . 18.03 -4.89 10.94
N SER A 1 -22.70 20.63 -11.97
CA SER A 1 -21.57 20.09 -11.19
C SER A 1 -21.71 18.59 -10.99
N PRO A 2 -20.60 17.92 -10.66
CA PRO A 2 -20.58 16.48 -10.45
C PRO A 2 -21.30 16.07 -9.17
N ARG A 3 -21.95 14.92 -9.21
CA ARG A 3 -22.69 14.41 -8.06
C ARG A 3 -22.23 13.01 -7.68
N CYS A 4 -21.97 12.79 -6.41
CA CYS A 4 -21.51 11.49 -5.94
C CYS A 4 -22.72 10.54 -5.94
N TYR A 5 -22.63 9.55 -6.80
CA TYR A 5 -23.70 8.54 -6.93
C TYR A 5 -23.66 7.58 -5.76
N TYR A 6 -22.52 7.47 -5.11
CA TYR A 6 -22.35 6.56 -3.98
C TYR A 6 -23.21 7.01 -2.80
N CYS A 7 -23.48 8.31 -2.74
CA CYS A 7 -24.29 8.84 -1.67
C CYS A 7 -25.34 9.78 -2.27
N ASN A 8 -25.47 9.70 -3.59
CA ASN A 8 -26.43 10.52 -4.32
C ASN A 8 -26.43 11.95 -3.79
N GLY A 9 -25.24 12.47 -3.50
CA GLY A 9 -25.12 13.82 -2.99
C GLY A 9 -24.20 14.68 -3.83
N PRO A 10 -24.32 16.01 -3.67
CA PRO A 10 -23.49 16.97 -4.42
C PRO A 10 -22.04 16.94 -3.96
N ILE A 11 -21.14 17.30 -4.87
CA ILE A 11 -19.71 17.32 -4.57
C ILE A 11 -19.14 18.73 -4.71
N LEU A 12 -18.60 19.25 -3.62
CA LEU A 12 -18.01 20.59 -3.62
C LEU A 12 -16.49 20.52 -3.62
N ASP A 13 -15.93 19.68 -2.76
CA ASP A 13 -14.49 19.52 -2.66
C ASP A 13 -13.95 18.72 -3.84
N LYS A 14 -12.72 18.23 -3.71
CA LYS A 14 -12.10 17.45 -4.77
C LYS A 14 -12.93 16.23 -5.12
N VAL A 15 -13.18 16.03 -6.41
CA VAL A 15 -13.97 14.90 -6.88
C VAL A 15 -13.11 13.89 -7.63
N VAL A 16 -13.36 12.62 -7.40
CA VAL A 16 -12.60 11.56 -8.05
C VAL A 16 -13.37 11.00 -9.25
N THR A 17 -12.67 10.88 -10.38
CA THR A 17 -13.28 10.36 -11.59
C THR A 17 -13.09 8.85 -11.71
N ALA A 18 -14.19 8.13 -11.88
CA ALA A 18 -14.15 6.68 -12.01
C ALA A 18 -15.31 6.17 -12.85
N LEU A 19 -14.99 5.34 -13.84
CA LEU A 19 -16.02 4.77 -14.73
C LEU A 19 -16.87 5.87 -15.34
N ASP A 20 -16.22 6.94 -15.78
CA ASP A 20 -16.92 8.06 -16.40
C ASP A 20 -17.94 8.67 -15.43
N ARG A 21 -17.73 8.41 -14.14
CA ARG A 21 -18.63 8.93 -13.11
C ARG A 21 -17.85 9.66 -12.02
N THR A 22 -18.52 10.55 -11.32
CA THR A 22 -17.89 11.31 -10.25
C THR A 22 -18.24 10.73 -8.88
N TRP A 23 -17.23 10.56 -8.04
CA TRP A 23 -17.43 10.01 -6.70
C TRP A 23 -16.71 10.85 -5.65
N HIS A 24 -17.19 10.79 -4.42
CA HIS A 24 -16.60 11.55 -3.32
C HIS A 24 -15.23 10.97 -2.95
N PRO A 25 -14.39 11.81 -2.32
CA PRO A 25 -13.05 11.41 -1.89
C PRO A 25 -13.07 10.43 -0.73
N GLU A 26 -13.96 10.67 0.22
CA GLU A 26 -14.09 9.81 1.39
C GLU A 26 -14.91 8.57 1.05
N HIS A 27 -15.68 8.65 -0.03
CA HIS A 27 -16.52 7.53 -0.46
C HIS A 27 -15.81 6.71 -1.52
N PHE A 28 -14.59 7.11 -1.87
CA PHE A 28 -13.81 6.40 -2.89
C PHE A 28 -12.60 5.71 -2.26
N PHE A 29 -12.65 4.39 -2.21
CA PHE A 29 -11.56 3.61 -1.64
C PHE A 29 -11.37 2.30 -2.40
N CYS A 30 -10.13 1.83 -2.45
CA CYS A 30 -9.83 0.60 -3.16
C CYS A 30 -10.63 -0.53 -2.51
N ALA A 31 -11.42 -1.21 -3.34
CA ALA A 31 -12.25 -2.31 -2.87
C ALA A 31 -11.44 -3.59 -2.76
N GLN A 32 -10.17 -3.53 -3.15
CA GLN A 32 -9.28 -4.67 -3.08
C GLN A 32 -8.39 -4.62 -1.85
N CYS A 33 -7.66 -3.52 -1.71
CA CYS A 33 -6.78 -3.35 -0.57
C CYS A 33 -7.36 -2.27 0.34
N GLY A 34 -8.14 -1.38 -0.28
CA GLY A 34 -8.75 -0.29 0.45
C GLY A 34 -7.75 0.50 1.27
N ALA A 35 -6.86 1.21 0.60
CA ALA A 35 -5.84 2.01 1.28
C ALA A 35 -4.96 2.75 0.28
N PHE A 36 -5.37 3.96 -0.06
CA PHE A 36 -4.62 4.78 -1.02
C PHE A 36 -4.80 6.26 -0.73
N PHE A 37 -3.89 7.08 -1.24
CA PHE A 37 -3.95 8.52 -1.04
C PHE A 37 -3.69 9.27 -2.35
N GLY A 38 -3.96 8.61 -3.46
CA GLY A 38 -3.76 9.23 -4.76
C GLY A 38 -4.64 8.62 -5.83
N PRO A 39 -5.90 9.06 -5.89
CA PRO A 39 -6.88 8.56 -6.87
C PRO A 39 -6.55 9.05 -8.29
N GLU A 40 -5.57 9.93 -8.40
CA GLU A 40 -5.17 10.47 -9.70
C GLU A 40 -4.25 9.49 -10.42
N GLY A 41 -4.79 8.35 -10.82
CA GLY A 41 -4.00 7.35 -11.52
C GLY A 41 -4.16 5.96 -10.91
N PHE A 42 -5.32 5.35 -11.14
CA PHE A 42 -5.59 4.02 -10.62
C PHE A 42 -6.00 3.07 -11.74
N HIS A 43 -5.81 1.78 -11.51
CA HIS A 43 -6.16 0.76 -12.50
C HIS A 43 -7.62 0.32 -12.34
N GLU A 44 -8.37 0.37 -13.43
CA GLU A 44 -9.77 -0.02 -13.41
C GLU A 44 -9.95 -1.41 -14.03
N LYS A 45 -10.73 -2.25 -13.37
CA LYS A 45 -10.99 -3.59 -13.86
C LYS A 45 -12.35 -4.10 -13.38
N ASP A 46 -13.15 -4.61 -14.30
CA ASP A 46 -14.48 -5.13 -13.97
C ASP A 46 -15.31 -4.07 -13.25
N GLY A 47 -15.09 -2.81 -13.61
CA GLY A 47 -15.83 -1.72 -12.98
C GLY A 47 -15.41 -1.49 -11.54
N LYS A 48 -14.27 -2.05 -11.17
CA LYS A 48 -13.76 -1.90 -9.81
C LYS A 48 -12.44 -1.14 -9.80
N ALA A 49 -12.09 -0.56 -8.66
CA ALA A 49 -10.86 0.20 -8.51
C ALA A 49 -9.77 -0.63 -7.82
N TYR A 50 -8.69 -0.88 -8.54
CA TYR A 50 -7.58 -1.66 -7.99
C TYR A 50 -6.26 -0.89 -8.11
N CYS A 51 -5.42 -1.06 -7.11
CA CYS A 51 -4.13 -0.38 -7.11
C CYS A 51 -3.18 -1.15 -8.03
N ARG A 52 -2.02 -0.54 -8.27
CA ARG A 52 -1.01 -1.14 -9.13
C ARG A 52 -0.64 -2.53 -8.64
N LYS A 53 -0.52 -2.68 -7.32
CA LYS A 53 -0.16 -3.97 -6.73
C LYS A 53 -1.32 -4.96 -6.85
N ASP A 54 -2.53 -4.47 -6.68
CA ASP A 54 -3.73 -5.32 -6.78
C ASP A 54 -3.83 -5.94 -8.16
N TYR A 55 -3.51 -5.17 -9.19
CA TYR A 55 -3.56 -5.64 -10.56
C TYR A 55 -2.67 -6.88 -10.75
N PHE A 56 -1.42 -6.76 -10.29
CA PHE A 56 -0.48 -7.87 -10.41
C PHE A 56 -0.85 -9.01 -9.49
N ASP A 57 -1.51 -8.68 -8.38
CA ASP A 57 -1.92 -9.69 -7.40
C ASP A 57 -2.89 -10.68 -8.03
N MET A 58 -3.69 -10.20 -8.98
CA MET A 58 -4.66 -11.04 -9.67
C MET A 58 -3.98 -12.20 -10.39
N PHE A 59 -2.73 -11.98 -10.78
CA PHE A 59 -1.96 -13.01 -11.47
C PHE A 59 -1.04 -13.76 -10.52
N ALA A 60 -0.29 -13.01 -9.71
CA ALA A 60 0.63 -13.60 -8.75
C ALA A 60 1.37 -12.53 -7.96
N PRO A 61 1.92 -12.92 -6.80
CA PRO A 61 2.66 -12.00 -5.93
C PRO A 61 4.00 -11.59 -6.53
N LYS A 62 4.40 -10.35 -6.27
CA LYS A 62 5.67 -9.83 -6.78
C LYS A 62 6.39 -9.01 -5.72
N CYS A 63 7.71 -9.10 -5.71
CA CYS A 63 8.51 -8.36 -4.74
C CYS A 63 8.60 -6.91 -5.22
N GLY A 64 8.58 -5.99 -4.25
CA GLY A 64 8.67 -4.57 -4.56
C GLY A 64 9.82 -4.25 -5.48
N GLY A 65 10.87 -5.06 -5.41
CA GLY A 65 12.03 -4.84 -6.26
C GLY A 65 13.12 -5.87 -6.04
N CYS A 66 12.76 -7.13 -6.20
CA CYS A 66 13.73 -8.21 -6.00
C CYS A 66 13.55 -9.22 -7.13
N ALA A 67 12.29 -9.64 -7.32
CA ALA A 67 11.95 -10.60 -8.35
C ALA A 67 10.50 -10.45 -8.81
N ARG A 68 10.02 -11.42 -9.57
CA ARG A 68 8.64 -11.38 -10.06
C ARG A 68 7.80 -12.46 -9.40
N ALA A 69 8.03 -13.71 -9.80
CA ALA A 69 7.29 -14.84 -9.24
C ALA A 69 7.79 -15.20 -7.85
N ILE A 70 6.88 -15.19 -6.88
CA ILE A 70 7.24 -15.51 -5.50
C ILE A 70 6.82 -16.93 -5.15
N LEU A 71 7.74 -17.68 -4.53
CA LEU A 71 7.47 -19.06 -4.13
C LEU A 71 6.24 -19.13 -3.23
N GLU A 72 5.93 -20.33 -2.76
CA GLU A 72 4.77 -20.54 -1.89
C GLU A 72 4.77 -19.53 -0.74
N ASN A 73 5.62 -19.78 0.25
CA ASN A 73 5.72 -18.89 1.41
C ASN A 73 5.90 -17.45 0.97
N TYR A 74 5.06 -16.57 1.51
CA TYR A 74 5.12 -15.15 1.18
C TYR A 74 4.67 -14.28 2.36
N ILE A 75 4.99 -13.00 2.31
CA ILE A 75 4.62 -12.08 3.36
C ILE A 75 3.94 -10.84 2.80
N SER A 76 2.87 -10.40 3.46
CA SER A 76 2.12 -9.22 3.02
C SER A 76 2.37 -8.05 3.95
N ALA A 77 2.98 -6.99 3.41
CA ALA A 77 3.27 -5.80 4.19
C ALA A 77 3.30 -4.56 3.31
N LEU A 78 2.82 -3.43 3.85
CA LEU A 78 2.80 -2.18 3.12
C LEU A 78 1.95 -2.32 1.85
N ASN A 79 0.89 -3.09 1.93
CA ASN A 79 0.00 -3.30 0.80
C ASN A 79 0.73 -4.01 -0.34
N THR A 80 1.89 -4.57 -0.03
CA THR A 80 2.70 -5.28 -1.02
C THR A 80 3.16 -6.63 -0.49
N LEU A 81 3.30 -7.59 -1.41
CA LEU A 81 3.74 -8.94 -1.03
C LEU A 81 5.23 -9.12 -1.30
N TRP A 82 5.98 -9.42 -0.25
CA TRP A 82 7.43 -9.63 -0.38
C TRP A 82 7.82 -10.99 0.16
N HIS A 83 8.94 -11.51 -0.33
CA HIS A 83 9.44 -12.81 0.10
C HIS A 83 9.73 -12.82 1.60
N PRO A 84 9.81 -14.01 2.19
CA PRO A 84 10.08 -14.18 3.62
C PRO A 84 11.51 -13.80 3.98
N GLU A 85 12.46 -14.16 3.12
CA GLU A 85 13.87 -13.86 3.36
C GLU A 85 14.20 -12.44 2.89
N CYS A 86 13.31 -11.87 2.10
CA CYS A 86 13.52 -10.52 1.59
C CYS A 86 13.32 -9.53 2.75
N PHE A 87 12.63 -10.01 3.77
CA PHE A 87 12.35 -9.19 4.95
C PHE A 87 13.56 -9.16 5.88
N VAL A 88 14.61 -8.45 5.46
CA VAL A 88 15.83 -8.34 6.25
C VAL A 88 16.53 -7.01 5.98
N CYS A 89 17.21 -6.49 6.99
CA CYS A 89 17.92 -5.24 6.86
C CYS A 89 19.04 -5.42 5.83
N ARG A 90 19.43 -4.31 5.22
CA ARG A 90 20.48 -4.32 4.20
C ARG A 90 21.84 -4.57 4.84
N GLU A 91 21.87 -4.64 6.17
CA GLU A 91 23.10 -4.88 6.90
C GLU A 91 23.15 -6.30 7.44
N CYS A 92 22.11 -6.68 8.17
CA CYS A 92 22.05 -8.02 8.74
C CYS A 92 21.76 -9.01 7.62
N PHE A 93 20.87 -8.60 6.73
CA PHE A 93 20.49 -9.44 5.60
C PHE A 93 19.83 -10.74 6.07
N THR A 94 19.67 -10.86 7.38
CA THR A 94 19.07 -12.06 7.96
C THR A 94 17.79 -11.71 8.71
N PRO A 95 16.81 -12.63 8.64
CA PRO A 95 15.51 -12.44 9.32
C PRO A 95 15.62 -12.54 10.83
N PHE A 96 14.74 -11.83 11.53
CA PHE A 96 14.74 -11.83 12.98
C PHE A 96 13.72 -12.83 13.53
N VAL A 97 13.76 -13.05 14.85
CA VAL A 97 12.84 -13.98 15.48
C VAL A 97 11.41 -13.73 15.05
N ASN A 98 10.62 -14.81 14.95
CA ASN A 98 9.23 -14.70 14.54
C ASN A 98 8.49 -13.66 15.38
N GLY A 99 7.29 -13.31 14.95
CA GLY A 99 6.49 -12.33 15.68
C GLY A 99 5.63 -11.49 14.77
N SER A 100 6.05 -10.26 14.51
CA SER A 100 5.30 -9.35 13.65
C SER A 100 6.21 -8.72 12.61
N PHE A 101 5.60 -7.97 11.69
CA PHE A 101 6.36 -7.30 10.63
C PHE A 101 6.46 -5.80 10.90
N PHE A 102 7.69 -5.27 10.87
CA PHE A 102 7.92 -3.87 11.10
C PHE A 102 8.31 -3.16 9.81
N GLU A 103 7.90 -1.89 9.69
CA GLU A 103 8.22 -1.11 8.49
C GLU A 103 9.29 -0.07 8.79
N HIS A 104 10.21 0.11 7.85
CA HIS A 104 11.29 1.07 8.01
C HIS A 104 11.74 1.62 6.66
N ASP A 105 11.61 2.93 6.48
CA ASP A 105 11.99 3.57 5.23
C ASP A 105 11.31 2.91 4.04
N GLY A 106 10.08 2.46 4.24
CA GLY A 106 9.34 1.81 3.18
C GLY A 106 9.88 0.44 2.85
N GLN A 107 10.79 -0.07 3.70
CA GLN A 107 11.38 -1.38 3.49
C GLN A 107 11.32 -2.21 4.77
N PRO A 108 11.33 -3.54 4.61
CA PRO A 108 11.27 -4.48 5.74
C PRO A 108 12.56 -4.46 6.56
N TYR A 109 12.41 -4.33 7.88
CA TYR A 109 13.56 -4.30 8.78
C TYR A 109 13.25 -5.05 10.06
N CYS A 110 14.29 -5.63 10.66
CA CYS A 110 14.13 -6.38 11.89
C CYS A 110 13.55 -5.43 12.95
N GLU A 111 12.95 -6.03 13.97
CA GLU A 111 12.35 -5.27 15.06
C GLU A 111 13.42 -4.51 15.85
N VAL A 112 14.50 -5.20 16.18
CA VAL A 112 15.60 -4.60 16.93
C VAL A 112 16.35 -3.57 16.08
N HIS A 113 16.57 -3.91 14.81
CA HIS A 113 17.26 -3.01 13.90
C HIS A 113 16.40 -1.79 13.57
N TYR A 114 15.10 -2.00 13.45
CA TYR A 114 14.17 -0.92 13.14
C TYR A 114 14.21 0.15 14.23
N HIS A 115 14.08 -0.28 15.49
CA HIS A 115 14.09 0.64 16.62
C HIS A 115 15.48 1.24 16.80
N GLU A 116 16.52 0.44 16.56
CA GLU A 116 17.89 0.90 16.70
C GLU A 116 18.24 1.91 15.62
N ARG A 117 17.62 1.77 14.44
CA ARG A 117 17.87 2.67 13.33
C ARG A 117 17.20 4.03 13.57
N ARG A 118 15.99 3.98 14.12
CA ARG A 118 15.25 5.21 14.40
C ARG A 118 15.73 5.87 15.68
N GLY A 119 16.15 5.05 16.64
CA GLY A 119 16.63 5.56 17.90
C GLY A 119 15.66 6.53 18.54
N SER A 120 15.98 7.83 18.47
CA SER A 120 15.12 8.85 19.06
C SER A 120 13.88 9.07 18.20
N PRO A 121 12.85 9.67 18.81
CA PRO A 121 11.58 9.95 18.12
C PRO A 121 11.73 11.06 17.07
N GLU A 122 12.50 12.08 17.40
CA GLU A 122 12.72 13.19 16.48
C GLU A 122 11.39 13.77 16.00
N TYR A 123 10.87 14.74 16.74
CA TYR A 123 9.60 15.37 16.39
C TYR A 123 9.82 16.79 15.87
N PHE A 124 9.63 16.97 14.57
CA PHE A 124 9.81 18.27 13.94
C PHE A 124 8.71 19.23 14.36
N LYS A 125 8.98 20.52 14.24
CA LYS A 125 8.01 21.55 14.60
C LYS A 125 6.65 21.25 13.99
N ASN A 126 5.59 21.43 14.78
CA ASN A 126 4.24 21.18 14.31
C ASN A 126 3.64 22.42 13.66
N GLY A 127 2.89 22.23 12.58
CA GLY A 127 2.27 23.34 11.89
C GLY A 127 1.47 22.90 10.68
ZN ZN B . -20.62 10.58 -1.65
ZN ZN C . -5.75 -1.32 -3.70
ZN ZN D . 11.72 -10.63 -2.69
ZN ZN E . 18.10 -6.70 10.56
N SER A 1 -23.95 18.35 -16.78
CA SER A 1 -22.89 18.00 -15.85
C SER A 1 -23.06 16.58 -15.33
N PRO A 2 -21.97 16.00 -14.80
CA PRO A 2 -21.97 14.63 -14.27
C PRO A 2 -22.79 14.52 -12.98
N ARG A 3 -23.47 13.39 -12.82
CA ARG A 3 -24.29 13.15 -11.63
C ARG A 3 -23.90 11.84 -10.96
N CYS A 4 -23.70 11.89 -9.65
CA CYS A 4 -23.32 10.70 -8.91
C CYS A 4 -24.56 9.80 -8.78
N TYR A 5 -24.47 8.64 -9.42
CA TYR A 5 -25.57 7.68 -9.42
C TYR A 5 -25.64 6.95 -8.07
N TYR A 6 -24.52 6.95 -7.36
CA TYR A 6 -24.44 6.29 -6.05
C TYR A 6 -25.36 6.98 -5.04
N CYS A 7 -25.59 8.26 -5.25
CA CYS A 7 -26.44 9.04 -4.35
C CYS A 7 -27.42 9.85 -5.20
N ASN A 8 -27.48 9.50 -6.48
CA ASN A 8 -28.37 10.18 -7.41
C ASN A 8 -28.34 11.69 -7.18
N GLY A 9 -27.15 12.23 -6.93
CA GLY A 9 -27.02 13.65 -6.70
C GLY A 9 -26.01 14.30 -7.63
N PRO A 10 -26.10 15.63 -7.77
CA PRO A 10 -25.19 16.40 -8.63
C PRO A 10 -23.78 16.44 -8.09
N ILE A 11 -22.81 16.59 -8.98
CA ILE A 11 -21.40 16.65 -8.58
C ILE A 11 -20.79 17.99 -8.96
N LEU A 12 -20.29 18.71 -7.96
CA LEU A 12 -19.68 20.02 -8.18
C LEU A 12 -18.15 19.91 -8.13
N ASP A 13 -17.64 19.36 -7.03
CA ASP A 13 -16.20 19.20 -6.87
C ASP A 13 -15.65 18.17 -7.86
N LYS A 14 -14.43 17.70 -7.58
CA LYS A 14 -13.80 16.71 -8.44
C LYS A 14 -14.66 15.46 -8.58
N VAL A 15 -14.89 15.03 -9.82
CA VAL A 15 -15.70 13.85 -10.08
C VAL A 15 -14.84 12.69 -10.57
N VAL A 16 -15.14 11.49 -10.08
CA VAL A 16 -14.39 10.30 -10.46
C VAL A 16 -15.12 9.52 -11.56
N THR A 17 -14.38 9.17 -12.61
CA THR A 17 -14.95 8.43 -13.73
C THR A 17 -14.70 6.94 -13.58
N ALA A 18 -15.77 6.16 -13.59
CA ALA A 18 -15.67 4.70 -13.46
C ALA A 18 -16.83 4.00 -14.15
N LEU A 19 -16.51 2.95 -14.90
CA LEU A 19 -17.53 2.19 -15.62
C LEU A 19 -18.37 3.12 -16.51
N ASP A 20 -17.71 4.06 -17.17
CA ASP A 20 -18.39 5.00 -18.04
C ASP A 20 -19.44 5.79 -17.28
N ARG A 21 -19.25 5.93 -15.97
CA ARG A 21 -20.17 6.67 -15.12
C ARG A 21 -19.43 7.58 -14.15
N THR A 22 -20.11 8.62 -13.69
CA THR A 22 -19.51 9.56 -12.76
C THR A 22 -19.95 9.28 -11.32
N TRP A 23 -18.99 9.26 -10.41
CA TRP A 23 -19.27 9.00 -9.00
C TRP A 23 -18.59 10.03 -8.11
N HIS A 24 -19.13 10.21 -6.91
CA HIS A 24 -18.57 11.16 -5.96
C HIS A 24 -17.26 10.64 -5.37
N PRO A 25 -16.44 11.56 -4.84
CA PRO A 25 -15.15 11.21 -4.23
C PRO A 25 -15.31 10.44 -2.93
N GLU A 26 -16.25 10.87 -2.10
CA GLU A 26 -16.50 10.22 -0.83
C GLU A 26 -17.35 8.97 -1.00
N HIS A 27 -18.03 8.89 -2.15
CA HIS A 27 -18.89 7.74 -2.44
C HIS A 27 -18.15 6.73 -3.31
N PHE A 28 -16.89 7.02 -3.61
CA PHE A 28 -16.08 6.13 -4.43
C PHE A 28 -14.97 5.49 -3.60
N PHE A 29 -15.09 4.19 -3.36
CA PHE A 29 -14.10 3.46 -2.58
C PHE A 29 -13.72 2.15 -3.26
N CYS A 30 -12.45 1.78 -3.14
CA CYS A 30 -11.97 0.55 -3.76
C CYS A 30 -12.72 -0.63 -3.13
N ALA A 31 -13.37 -1.41 -3.99
CA ALA A 31 -14.13 -2.56 -3.55
C ALA A 31 -13.21 -3.75 -3.29
N GLN A 32 -11.93 -3.58 -3.58
CA GLN A 32 -10.95 -4.63 -3.37
C GLN A 32 -10.20 -4.45 -2.06
N CYS A 33 -9.60 -3.28 -1.89
CA CYS A 33 -8.86 -2.98 -0.68
C CYS A 33 -9.64 -1.94 0.13
N GLY A 34 -10.42 -1.14 -0.60
CA GLY A 34 -11.22 -0.11 0.04
C GLY A 34 -10.42 0.71 1.04
N ALA A 35 -9.74 1.74 0.53
CA ALA A 35 -8.93 2.61 1.39
C ALA A 35 -8.40 3.81 0.61
N PHE A 36 -9.25 4.39 -0.23
CA PHE A 36 -8.86 5.54 -1.04
C PHE A 36 -9.98 6.58 -1.08
N PHE A 37 -9.74 7.67 -1.79
CA PHE A 37 -10.72 8.74 -1.91
C PHE A 37 -10.99 9.07 -3.38
N GLY A 38 -9.92 9.31 -4.13
CA GLY A 38 -10.06 9.64 -5.54
C GLY A 38 -8.74 9.56 -6.28
N PRO A 39 -8.27 8.33 -6.53
CA PRO A 39 -7.01 8.08 -7.25
C PRO A 39 -7.10 8.46 -8.72
N GLU A 40 -6.04 9.08 -9.22
CA GLU A 40 -6.00 9.48 -10.63
C GLU A 40 -5.26 8.45 -11.48
N GLY A 41 -5.95 7.92 -12.48
CA GLY A 41 -5.35 6.93 -13.36
C GLY A 41 -5.47 5.53 -12.79
N PHE A 42 -6.69 5.02 -12.74
CA PHE A 42 -6.94 3.68 -12.23
C PHE A 42 -7.52 2.78 -13.31
N HIS A 43 -7.38 1.47 -13.13
CA HIS A 43 -7.89 0.50 -14.09
C HIS A 43 -9.09 -0.26 -13.50
N GLU A 44 -10.20 -0.27 -14.24
CA GLU A 44 -11.40 -0.96 -13.80
C GLU A 44 -11.38 -2.42 -14.24
N LYS A 45 -11.95 -3.29 -13.42
CA LYS A 45 -12.02 -4.71 -13.72
C LYS A 45 -13.23 -5.36 -13.08
N ASP A 46 -13.91 -6.22 -13.82
CA ASP A 46 -15.09 -6.91 -13.32
C ASP A 46 -16.14 -5.91 -12.85
N GLY A 47 -16.20 -4.76 -13.51
CA GLY A 47 -17.16 -3.75 -13.15
C GLY A 47 -16.84 -3.08 -11.82
N LYS A 48 -15.66 -3.39 -11.29
CA LYS A 48 -15.23 -2.82 -10.02
C LYS A 48 -13.88 -2.14 -10.15
N ALA A 49 -13.62 -1.14 -9.31
CA ALA A 49 -12.36 -0.41 -9.33
C ALA A 49 -11.33 -1.06 -8.42
N TYR A 50 -10.18 -1.41 -8.98
CA TYR A 50 -9.12 -2.04 -8.21
C TYR A 50 -7.82 -1.23 -8.29
N CYS A 51 -7.08 -1.18 -7.20
CA CYS A 51 -5.84 -0.44 -7.16
C CYS A 51 -4.78 -1.24 -7.92
N ARG A 52 -3.63 -0.59 -8.14
CA ARG A 52 -2.53 -1.22 -8.85
C ARG A 52 -2.13 -2.54 -8.19
N LYS A 53 -2.09 -2.53 -6.86
CA LYS A 53 -1.73 -3.73 -6.10
C LYS A 53 -2.82 -4.77 -6.18
N ASP A 54 -4.08 -4.33 -6.13
CA ASP A 54 -5.22 -5.23 -6.20
C ASP A 54 -5.26 -5.95 -7.54
N TYR A 55 -4.99 -5.21 -8.62
CA TYR A 55 -5.00 -5.79 -9.96
C TYR A 55 -3.84 -6.76 -10.14
N PHE A 56 -2.67 -6.39 -9.64
CA PHE A 56 -1.48 -7.23 -9.75
C PHE A 56 -1.60 -8.45 -8.84
N ASP A 57 -2.23 -8.27 -7.69
CA ASP A 57 -2.40 -9.34 -6.73
C ASP A 57 -3.22 -10.48 -7.35
N MET A 58 -4.12 -10.14 -8.26
CA MET A 58 -4.95 -11.13 -8.92
C MET A 58 -4.11 -12.14 -9.68
N PHE A 59 -2.92 -11.72 -10.09
CA PHE A 59 -2.01 -12.59 -10.83
C PHE A 59 -0.97 -13.21 -9.90
N ALA A 60 -0.28 -12.34 -9.16
CA ALA A 60 0.76 -12.79 -8.23
C ALA A 60 1.37 -11.61 -7.47
N PRO A 61 2.03 -11.91 -6.34
CA PRO A 61 2.67 -10.90 -5.51
C PRO A 61 3.89 -10.27 -6.19
N LYS A 62 4.13 -9.00 -5.91
CA LYS A 62 5.26 -8.28 -6.49
C LYS A 62 5.94 -7.39 -5.45
N CYS A 63 7.25 -7.27 -5.54
CA CYS A 63 8.00 -6.45 -4.61
C CYS A 63 7.96 -5.01 -5.10
N GLY A 64 7.59 -4.11 -4.19
CA GLY A 64 7.52 -2.70 -4.53
C GLY A 64 8.78 -2.19 -5.19
N GLY A 65 9.91 -2.84 -4.89
CA GLY A 65 11.18 -2.43 -5.47
C GLY A 65 12.18 -3.56 -5.53
N CYS A 66 11.76 -4.70 -6.08
CA CYS A 66 12.63 -5.85 -6.18
C CYS A 66 11.95 -6.88 -7.07
N ALA A 67 12.72 -7.90 -7.45
CA ALA A 67 12.22 -8.98 -8.30
C ALA A 67 10.70 -9.08 -8.21
N ARG A 68 10.05 -9.02 -9.37
CA ARG A 68 8.60 -9.10 -9.43
C ARG A 68 8.10 -10.41 -8.81
N ALA A 69 8.40 -11.52 -9.46
CA ALA A 69 8.00 -12.82 -8.98
C ALA A 69 8.51 -13.07 -7.57
N ILE A 70 7.59 -13.34 -6.64
CA ILE A 70 7.96 -13.60 -5.25
C ILE A 70 7.86 -15.08 -4.93
N LEU A 71 8.90 -15.60 -4.28
CA LEU A 71 8.94 -17.01 -3.91
C LEU A 71 7.77 -17.37 -3.00
N GLU A 72 7.78 -18.58 -2.47
CA GLU A 72 6.72 -19.05 -1.58
C GLU A 72 6.53 -18.09 -0.42
N ASN A 73 7.46 -18.13 0.54
CA ASN A 73 7.39 -17.25 1.71
C ASN A 73 7.25 -15.80 1.30
N TYR A 74 6.31 -15.10 1.93
CA TYR A 74 6.08 -13.69 1.62
C TYR A 74 5.57 -12.94 2.86
N ILE A 75 5.65 -11.62 2.80
CA ILE A 75 5.20 -10.78 3.91
C ILE A 75 4.30 -9.66 3.43
N SER A 76 3.23 -9.40 4.17
CA SER A 76 2.29 -8.34 3.82
C SER A 76 2.52 -7.10 4.67
N ALA A 77 2.84 -5.99 4.02
CA ALA A 77 3.08 -4.73 4.72
C ALA A 77 2.78 -3.54 3.82
N LEU A 78 2.23 -2.48 4.41
CA LEU A 78 1.90 -1.27 3.66
C LEU A 78 0.96 -1.60 2.50
N ASN A 79 0.02 -2.51 2.74
CA ASN A 79 -0.93 -2.90 1.72
C ASN A 79 -0.23 -3.50 0.51
N THR A 80 1.03 -3.89 0.70
CA THR A 80 1.81 -4.48 -0.38
C THR A 80 2.53 -5.75 0.10
N LEU A 81 2.75 -6.67 -0.83
CA LEU A 81 3.42 -7.93 -0.51
C LEU A 81 4.90 -7.86 -0.89
N TRP A 82 5.76 -8.15 0.09
CA TRP A 82 7.21 -8.12 -0.14
C TRP A 82 7.86 -9.40 0.35
N HIS A 83 9.01 -9.73 -0.21
CA HIS A 83 9.74 -10.93 0.17
C HIS A 83 10.05 -10.92 1.66
N PRO A 84 10.36 -12.11 2.21
CA PRO A 84 10.69 -12.27 3.63
C PRO A 84 12.03 -11.64 3.99
N GLU A 85 13.00 -11.79 3.10
CA GLU A 85 14.34 -11.24 3.33
C GLU A 85 14.41 -9.78 2.89
N CYS A 86 13.42 -9.36 2.10
CA CYS A 86 13.38 -7.99 1.61
C CYS A 86 13.05 -7.08 2.78
N PHE A 87 12.50 -7.69 3.83
CA PHE A 87 12.13 -6.94 5.03
C PHE A 87 13.34 -6.73 5.94
N VAL A 88 14.23 -5.83 5.52
CA VAL A 88 15.43 -5.52 6.28
C VAL A 88 15.89 -4.09 6.04
N CYS A 89 16.51 -3.50 7.05
CA CYS A 89 16.99 -2.13 6.93
C CYS A 89 18.12 -2.11 5.92
N ARG A 90 18.32 -0.93 5.32
CA ARG A 90 19.36 -0.75 4.31
C ARG A 90 20.74 -0.77 4.96
N GLU A 91 20.77 -0.85 6.29
CA GLU A 91 22.03 -0.87 7.03
C GLU A 91 22.32 -2.28 7.57
N CYS A 92 21.35 -2.84 8.27
CA CYS A 92 21.52 -4.17 8.83
C CYS A 92 21.36 -5.18 7.70
N PHE A 93 20.37 -4.93 6.84
CA PHE A 93 20.10 -5.80 5.70
C PHE A 93 19.71 -7.20 6.18
N THR A 94 19.63 -7.38 7.49
CA THR A 94 19.26 -8.66 8.08
C THR A 94 17.89 -8.59 8.74
N PRO A 95 17.11 -9.67 8.59
CA PRO A 95 15.75 -9.75 9.16
C PRO A 95 15.79 -9.87 10.69
N PHE A 96 14.73 -9.39 11.33
CA PHE A 96 14.63 -9.45 12.78
C PHE A 96 13.78 -10.63 13.23
N VAL A 97 13.83 -10.93 14.53
CA VAL A 97 13.06 -12.03 15.08
C VAL A 97 11.59 -11.94 14.67
N ASN A 98 10.97 -13.10 14.45
CA ASN A 98 9.56 -13.14 14.07
C ASN A 98 8.71 -12.32 15.01
N GLY A 99 7.56 -11.85 14.52
CA GLY A 99 6.67 -11.05 15.34
C GLY A 99 5.70 -10.23 14.51
N SER A 100 6.04 -8.97 14.30
CA SER A 100 5.20 -8.07 13.52
C SER A 100 6.02 -7.24 12.54
N PHE A 101 5.37 -6.69 11.53
CA PHE A 101 6.04 -5.89 10.52
C PHE A 101 5.98 -4.41 10.89
N PHE A 102 7.03 -3.67 10.51
CA PHE A 102 7.11 -2.24 10.81
C PHE A 102 7.31 -1.43 9.53
N GLU A 103 6.75 -0.23 9.50
CA GLU A 103 6.87 0.64 8.33
C GLU A 103 7.65 1.90 8.67
N HIS A 104 8.72 2.15 7.92
CA HIS A 104 9.56 3.33 8.15
C HIS A 104 9.93 3.98 6.83
N ASP A 105 9.49 5.23 6.65
CA ASP A 105 9.79 5.97 5.44
C ASP A 105 9.37 5.18 4.20
N GLY A 106 8.28 4.43 4.33
CA GLY A 106 7.79 3.63 3.22
C GLY A 106 8.69 2.44 2.93
N GLN A 107 9.57 2.12 3.87
CA GLN A 107 10.49 0.99 3.70
C GLN A 107 10.47 0.09 4.92
N PRO A 108 10.81 -1.19 4.72
CA PRO A 108 10.83 -2.19 5.79
C PRO A 108 11.96 -1.95 6.78
N TYR A 109 11.65 -2.05 8.07
CA TYR A 109 12.63 -1.84 9.11
C TYR A 109 12.50 -2.88 10.22
N CYS A 110 13.52 -2.97 11.07
CA CYS A 110 13.50 -3.94 12.16
C CYS A 110 12.79 -3.29 13.34
N GLU A 111 12.48 -4.13 14.33
CA GLU A 111 11.80 -3.67 15.54
C GLU A 111 12.68 -2.69 16.31
N VAL A 112 13.93 -3.06 16.53
CA VAL A 112 14.87 -2.21 17.26
C VAL A 112 15.28 -1.01 16.43
N HIS A 113 15.49 -1.24 15.13
CA HIS A 113 15.89 -0.17 14.22
C HIS A 113 14.76 0.82 14.02
N TYR A 114 13.54 0.32 13.99
CA TYR A 114 12.36 1.17 13.81
C TYR A 114 12.17 2.10 15.00
N HIS A 115 12.21 1.52 16.20
CA HIS A 115 12.04 2.30 17.42
C HIS A 115 13.23 3.23 17.65
N GLU A 116 14.42 2.75 17.31
CA GLU A 116 15.64 3.53 17.47
C GLU A 116 15.61 4.77 16.59
N ARG A 117 15.06 4.62 15.39
CA ARG A 117 14.98 5.73 14.45
C ARG A 117 14.05 6.83 14.98
N ARG A 118 13.01 6.42 15.69
CA ARG A 118 12.05 7.36 16.25
C ARG A 118 12.59 7.97 17.54
N GLY A 119 13.48 7.25 18.21
CA GLY A 119 14.05 7.72 19.45
C GLY A 119 14.63 6.62 20.29
N SER A 120 15.72 6.92 21.00
CA SER A 120 16.38 5.93 21.84
C SER A 120 17.60 6.54 22.55
N PRO A 121 18.03 5.88 23.64
CA PRO A 121 19.18 6.35 24.42
C PRO A 121 20.50 6.18 23.67
N GLU A 122 21.11 7.30 23.32
CA GLU A 122 22.38 7.28 22.60
C GLU A 122 23.40 6.39 23.31
N TYR A 123 24.49 6.09 22.63
CA TYR A 123 25.54 5.25 23.20
C TYR A 123 26.89 5.98 23.21
N PHE A 124 27.62 5.83 24.30
CA PHE A 124 28.92 6.48 24.45
C PHE A 124 29.92 5.89 23.46
N LYS A 125 31.20 6.25 23.63
CA LYS A 125 32.25 5.76 22.76
C LYS A 125 32.20 4.24 22.65
N ASN A 126 31.83 3.75 21.48
CA ASN A 126 31.75 2.31 21.24
C ASN A 126 33.13 1.70 21.07
N GLY A 127 34.06 2.51 20.57
CA GLY A 127 35.41 2.04 20.35
C GLY A 127 35.56 1.23 19.08
ZN ZN B . -22.71 10.65 -4.48
ZN ZN C . -7.73 -1.03 -3.82
ZN ZN D . 11.55 -8.32 -2.63
ZN ZN E . 17.40 -3.54 10.67
N SER A 1 -25.88 17.98 -16.73
CA SER A 1 -24.86 17.97 -15.69
C SER A 1 -24.69 16.57 -15.11
N PRO A 2 -23.55 16.32 -14.45
CA PRO A 2 -23.24 15.03 -13.84
C PRO A 2 -24.12 14.75 -12.62
N ARG A 3 -24.59 13.51 -12.51
CA ARG A 3 -25.43 13.11 -11.40
C ARG A 3 -24.92 11.81 -10.77
N CYS A 4 -24.80 11.82 -9.44
CA CYS A 4 -24.32 10.65 -8.74
C CYS A 4 -25.46 9.62 -8.69
N TYR A 5 -25.23 8.50 -9.37
CA TYR A 5 -26.21 7.43 -9.43
C TYR A 5 -26.23 6.64 -8.12
N TYR A 6 -25.15 6.73 -7.36
CA TYR A 6 -25.04 6.03 -6.09
C TYR A 6 -26.05 6.57 -5.09
N CYS A 7 -26.43 7.83 -5.25
CA CYS A 7 -27.39 8.45 -4.35
C CYS A 7 -28.43 9.18 -5.20
N ASN A 8 -28.39 8.91 -6.50
CA ASN A 8 -29.32 9.54 -7.44
C ASN A 8 -29.45 11.03 -7.17
N GLY A 9 -28.33 11.65 -6.81
CA GLY A 9 -28.34 13.08 -6.53
C GLY A 9 -27.37 13.85 -7.42
N PRO A 10 -27.60 15.16 -7.55
CA PRO A 10 -26.76 16.03 -8.38
C PRO A 10 -25.38 16.23 -7.77
N ILE A 11 -24.38 16.39 -8.63
CA ILE A 11 -23.01 16.59 -8.18
C ILE A 11 -22.52 18.00 -8.52
N LEU A 12 -22.16 18.76 -7.49
CA LEU A 12 -21.67 20.12 -7.67
C LEU A 12 -20.15 20.17 -7.62
N ASP A 13 -19.58 19.65 -6.54
CA ASP A 13 -18.13 19.63 -6.37
C ASP A 13 -17.48 18.73 -7.42
N LYS A 14 -16.22 18.35 -7.16
CA LYS A 14 -15.48 17.49 -8.07
C LYS A 14 -16.23 16.19 -8.31
N VAL A 15 -16.41 15.82 -9.59
CA VAL A 15 -17.10 14.60 -9.95
C VAL A 15 -16.12 13.54 -10.45
N VAL A 16 -16.34 12.30 -10.04
CA VAL A 16 -15.48 11.20 -10.45
C VAL A 16 -16.13 10.38 -11.57
N THR A 17 -15.36 10.12 -12.62
CA THR A 17 -15.85 9.35 -13.76
C THR A 17 -15.56 7.86 -13.59
N ALA A 18 -16.60 7.05 -13.69
CA ALA A 18 -16.45 5.60 -13.54
C ALA A 18 -17.51 4.86 -14.34
N LEU A 19 -17.07 3.91 -15.17
CA LEU A 19 -17.99 3.14 -15.99
C LEU A 19 -18.87 4.04 -16.85
N ASP A 20 -18.27 5.09 -17.40
CA ASP A 20 -18.99 6.03 -18.24
C ASP A 20 -20.14 6.68 -17.46
N ARG A 21 -19.97 6.79 -16.15
CA ARG A 21 -20.99 7.38 -15.30
C ARG A 21 -20.36 8.34 -14.29
N THR A 22 -21.17 9.24 -13.74
CA THR A 22 -20.69 10.21 -12.77
C THR A 22 -21.02 9.75 -11.35
N TRP A 23 -20.03 9.86 -10.46
CA TRP A 23 -20.23 9.46 -9.07
C TRP A 23 -19.72 10.55 -8.12
N HIS A 24 -20.23 10.55 -6.89
CA HIS A 24 -19.83 11.53 -5.90
C HIS A 24 -18.45 11.21 -5.34
N PRO A 25 -17.78 12.23 -4.79
CA PRO A 25 -16.44 12.08 -4.21
C PRO A 25 -16.45 11.27 -2.92
N GLU A 26 -17.44 11.54 -2.07
CA GLU A 26 -17.56 10.83 -0.80
C GLU A 26 -18.24 9.48 -0.99
N HIS A 27 -18.93 9.32 -2.12
CA HIS A 27 -19.61 8.08 -2.42
C HIS A 27 -18.75 7.18 -3.31
N PHE A 28 -17.55 7.65 -3.62
CA PHE A 28 -16.63 6.90 -4.47
C PHE A 28 -15.42 6.43 -3.67
N PHE A 29 -15.35 5.12 -3.44
CA PHE A 29 -14.24 4.54 -2.68
C PHE A 29 -13.86 3.18 -3.24
N CYS A 30 -12.56 2.88 -3.22
CA CYS A 30 -12.08 1.61 -3.72
C CYS A 30 -12.78 0.48 -2.95
N ALA A 31 -13.47 -0.38 -3.70
CA ALA A 31 -14.18 -1.50 -3.12
C ALA A 31 -13.22 -2.64 -2.77
N GLN A 32 -11.95 -2.47 -3.11
CA GLN A 32 -10.94 -3.48 -2.84
C GLN A 32 -10.15 -3.14 -1.57
N CYS A 33 -9.59 -1.94 -1.55
CA CYS A 33 -8.81 -1.51 -0.39
C CYS A 33 -9.58 -0.39 0.30
N GLY A 34 -10.37 0.33 -0.48
CA GLY A 34 -11.16 1.42 0.05
C GLY A 34 -10.30 2.46 0.75
N ALA A 35 -9.46 3.14 -0.02
CA ALA A 35 -8.58 4.17 0.52
C ALA A 35 -7.74 4.81 -0.57
N PHE A 36 -8.39 5.54 -1.48
CA PHE A 36 -7.70 6.21 -2.57
C PHE A 36 -8.26 7.59 -2.81
N PHE A 37 -7.59 8.37 -3.64
CA PHE A 37 -8.02 9.73 -3.96
C PHE A 37 -7.13 10.35 -5.02
N GLY A 38 -7.72 10.70 -6.16
CA GLY A 38 -6.97 11.31 -7.24
C GLY A 38 -7.81 11.48 -8.50
N PRO A 39 -7.19 12.07 -9.54
CA PRO A 39 -7.87 12.32 -10.82
C PRO A 39 -8.13 11.02 -11.59
N GLU A 40 -8.58 11.16 -12.83
CA GLU A 40 -8.88 10.01 -13.66
C GLU A 40 -7.60 9.27 -14.05
N GLY A 41 -7.74 7.99 -14.41
CA GLY A 41 -6.58 7.20 -14.81
C GLY A 41 -6.49 5.90 -14.03
N PHE A 42 -7.60 5.17 -13.97
CA PHE A 42 -7.64 3.90 -13.25
C PHE A 42 -8.27 2.81 -14.12
N HIS A 43 -7.95 1.56 -13.81
CA HIS A 43 -8.49 0.42 -14.56
C HIS A 43 -9.76 -0.11 -13.89
N GLU A 44 -10.76 -0.42 -14.71
CA GLU A 44 -12.03 -0.95 -14.21
C GLU A 44 -12.11 -2.45 -14.40
N LYS A 45 -12.57 -3.14 -13.37
CA LYS A 45 -12.70 -4.60 -13.41
C LYS A 45 -14.01 -5.05 -12.77
N ASP A 46 -14.82 -5.78 -13.53
CA ASP A 46 -16.10 -6.27 -13.04
C ASP A 46 -16.97 -5.12 -12.54
N GLY A 47 -16.85 -3.97 -13.20
CA GLY A 47 -17.63 -2.81 -12.82
C GLY A 47 -17.19 -2.22 -11.49
N LYS A 48 -16.07 -2.70 -10.98
CA LYS A 48 -15.53 -2.22 -9.71
C LYS A 48 -14.25 -1.45 -9.92
N ALA A 49 -13.90 -0.60 -8.95
CA ALA A 49 -12.68 0.19 -9.03
C ALA A 49 -11.58 -0.40 -8.15
N TYR A 50 -10.42 -0.62 -8.75
CA TYR A 50 -9.28 -1.19 -8.03
C TYR A 50 -8.04 -0.32 -8.19
N CYS A 51 -7.23 -0.26 -7.14
CA CYS A 51 -6.02 0.55 -7.19
C CYS A 51 -4.95 -0.25 -7.92
N ARG A 52 -3.84 0.41 -8.20
CA ARG A 52 -2.72 -0.21 -8.91
C ARG A 52 -2.24 -1.45 -8.17
N LYS A 53 -2.15 -1.35 -6.84
CA LYS A 53 -1.71 -2.48 -6.02
C LYS A 53 -2.77 -3.58 -5.98
N ASP A 54 -4.03 -3.17 -5.93
CA ASP A 54 -5.15 -4.12 -5.89
C ASP A 54 -5.14 -5.01 -7.12
N TYR A 55 -4.70 -4.46 -8.24
CA TYR A 55 -4.65 -5.21 -9.49
C TYR A 55 -3.70 -6.40 -9.38
N PHE A 56 -2.49 -6.14 -8.87
CA PHE A 56 -1.49 -7.19 -8.72
C PHE A 56 -1.88 -8.13 -7.58
N ASP A 57 -2.41 -7.57 -6.50
CA ASP A 57 -2.83 -8.37 -5.35
C ASP A 57 -3.91 -9.36 -5.74
N MET A 58 -4.79 -8.95 -6.65
CA MET A 58 -5.87 -9.80 -7.10
C MET A 58 -5.33 -11.08 -7.74
N PHE A 59 -4.12 -11.00 -8.28
CA PHE A 59 -3.50 -12.14 -8.92
C PHE A 59 -2.57 -12.87 -7.96
N ALA A 60 -1.54 -12.17 -7.48
CA ALA A 60 -0.60 -12.76 -6.55
C ALA A 60 0.40 -11.72 -6.06
N PRO A 61 1.07 -12.01 -4.94
CA PRO A 61 2.06 -11.11 -4.34
C PRO A 61 3.33 -11.00 -5.18
N LYS A 62 3.80 -9.78 -5.36
CA LYS A 62 5.01 -9.53 -6.14
C LYS A 62 5.91 -8.52 -5.44
N CYS A 63 7.22 -8.75 -5.53
CA CYS A 63 8.18 -7.86 -4.91
C CYS A 63 8.33 -6.61 -5.78
N GLY A 64 8.57 -5.49 -5.13
CA GLY A 64 8.74 -4.23 -5.84
C GLY A 64 10.14 -4.05 -6.36
N GLY A 65 10.98 -5.06 -6.19
CA GLY A 65 12.36 -4.98 -6.64
C GLY A 65 12.91 -6.33 -7.05
N CYS A 66 12.75 -7.32 -6.19
CA CYS A 66 13.25 -8.66 -6.48
C CYS A 66 12.69 -9.09 -7.84
N ALA A 67 11.47 -9.62 -7.81
CA ALA A 67 10.81 -10.08 -9.02
C ALA A 67 9.28 -10.02 -8.86
N ARG A 68 8.58 -10.71 -9.75
CA ARG A 68 7.12 -10.73 -9.71
C ARG A 68 6.62 -11.94 -8.92
N ALA A 69 7.12 -13.12 -9.28
CA ALA A 69 6.72 -14.34 -8.61
C ALA A 69 7.39 -14.46 -7.24
N ILE A 70 6.59 -14.57 -6.19
CA ILE A 70 7.11 -14.70 -4.84
C ILE A 70 6.97 -16.12 -4.33
N LEU A 71 8.05 -16.64 -3.74
CA LEU A 71 8.05 -18.00 -3.20
C LEU A 71 6.93 -18.19 -2.20
N GLU A 72 6.86 -19.38 -1.61
CA GLU A 72 5.82 -19.69 -0.63
C GLU A 72 5.72 -18.58 0.42
N ASN A 73 6.67 -18.55 1.34
CA ASN A 73 6.68 -17.55 2.40
C ASN A 73 6.69 -16.13 1.80
N TYR A 74 5.89 -15.25 2.37
CA TYR A 74 5.80 -13.88 1.90
C TYR A 74 5.49 -12.92 3.05
N ILE A 75 5.74 -11.63 2.83
CA ILE A 75 5.49 -10.62 3.84
C ILE A 75 4.82 -9.39 3.23
N SER A 76 3.81 -8.87 3.92
CA SER A 76 3.09 -7.69 3.44
C SER A 76 3.50 -6.45 4.22
N ALA A 77 4.06 -5.47 3.51
CA ALA A 77 4.50 -4.23 4.13
C ALA A 77 4.53 -3.09 3.12
N LEU A 78 4.19 -1.89 3.57
CA LEU A 78 4.17 -0.72 2.71
C LEU A 78 3.19 -0.90 1.56
N ASN A 79 2.09 -1.61 1.83
CA ASN A 79 1.08 -1.86 0.82
C ASN A 79 1.64 -2.69 -0.33
N THR A 80 2.80 -3.30 -0.10
CA THR A 80 3.44 -4.12 -1.12
C THR A 80 3.91 -5.46 -0.52
N LEU A 81 3.97 -6.48 -1.37
CA LEU A 81 4.40 -7.80 -0.94
C LEU A 81 5.86 -8.04 -1.28
N TRP A 82 6.67 -8.33 -0.26
CA TRP A 82 8.09 -8.57 -0.45
C TRP A 82 8.50 -9.91 0.17
N HIS A 83 9.51 -10.55 -0.42
CA HIS A 83 9.99 -11.82 0.09
C HIS A 83 10.45 -11.70 1.53
N PRO A 84 10.42 -12.82 2.27
CA PRO A 84 10.83 -12.86 3.68
C PRO A 84 12.35 -12.68 3.85
N GLU A 85 13.11 -13.30 2.95
CA GLU A 85 14.57 -13.20 3.01
C GLU A 85 15.04 -11.89 2.39
N CYS A 86 14.23 -11.32 1.51
CA CYS A 86 14.58 -10.08 0.85
C CYS A 86 14.17 -8.92 1.76
N PHE A 87 13.57 -9.29 2.89
CA PHE A 87 13.11 -8.31 3.88
C PHE A 87 14.18 -8.03 4.92
N VAL A 88 15.36 -7.61 4.44
CA VAL A 88 16.48 -7.32 5.33
C VAL A 88 17.25 -6.09 4.85
N CYS A 89 18.14 -5.60 5.69
CA CYS A 89 18.94 -4.44 5.34
C CYS A 89 19.93 -4.86 4.25
N ARG A 90 20.32 -3.87 3.43
CA ARG A 90 21.27 -4.11 2.35
C ARG A 90 22.68 -4.35 2.88
N GLU A 91 22.84 -4.22 4.19
CA GLU A 91 24.13 -4.42 4.82
C GLU A 91 24.19 -5.75 5.55
N CYS A 92 23.20 -6.00 6.41
CA CYS A 92 23.15 -7.24 7.16
C CYS A 92 22.67 -8.35 6.22
N PHE A 93 21.66 -8.02 5.43
CA PHE A 93 21.08 -8.96 4.48
C PHE A 93 20.58 -10.22 5.20
N THR A 94 20.58 -10.16 6.53
CA THR A 94 20.11 -11.29 7.33
C THR A 94 18.93 -10.91 8.20
N PRO A 95 17.89 -11.75 8.21
CA PRO A 95 16.68 -11.53 8.99
C PRO A 95 16.92 -11.67 10.49
N PHE A 96 16.14 -10.96 11.29
CA PHE A 96 16.27 -10.99 12.74
C PHE A 96 14.91 -10.84 13.42
N VAL A 97 14.20 -11.96 13.57
CA VAL A 97 12.89 -11.95 14.21
C VAL A 97 12.93 -11.20 15.53
N ASN A 98 12.22 -10.07 15.58
CA ASN A 98 12.17 -9.25 16.79
C ASN A 98 11.04 -8.23 16.72
N GLY A 99 10.05 -8.38 17.59
CA GLY A 99 8.93 -7.48 17.60
C GLY A 99 8.18 -7.44 16.28
N SER A 100 7.89 -6.24 15.80
CA SER A 100 7.18 -6.08 14.54
C SER A 100 8.14 -5.70 13.42
N PHE A 101 7.58 -5.37 12.25
CA PHE A 101 8.40 -5.00 11.10
C PHE A 101 8.56 -3.48 11.02
N PHE A 102 9.76 -3.04 10.70
CA PHE A 102 10.07 -1.62 10.60
C PHE A 102 10.37 -1.23 9.15
N GLU A 103 9.99 -0.01 8.79
CA GLU A 103 10.23 0.48 7.43
C GLU A 103 11.29 1.58 7.43
N HIS A 104 12.17 1.54 6.43
CA HIS A 104 13.23 2.53 6.31
C HIS A 104 13.48 2.89 4.85
N ASP A 105 13.28 4.16 4.51
CA ASP A 105 13.48 4.64 3.15
C ASP A 105 12.68 3.79 2.16
N GLY A 106 11.50 3.34 2.58
CA GLY A 106 10.67 2.53 1.71
C GLY A 106 11.21 1.13 1.54
N GLN A 107 12.14 0.74 2.40
CA GLN A 107 12.75 -0.59 2.34
C GLN A 107 12.72 -1.26 3.70
N PRO A 108 12.74 -2.61 3.69
CA PRO A 108 12.72 -3.41 4.92
C PRO A 108 14.02 -3.30 5.71
N TYR A 109 13.90 -3.10 7.01
CA TYR A 109 15.06 -2.98 7.88
C TYR A 109 14.87 -3.76 9.17
N CYS A 110 15.96 -3.95 9.91
CA CYS A 110 15.90 -4.68 11.15
C CYS A 110 15.52 -3.69 12.27
N GLU A 111 15.15 -4.27 13.42
CA GLU A 111 14.76 -3.46 14.57
C GLU A 111 15.94 -2.62 15.08
N VAL A 112 17.08 -3.28 15.24
CA VAL A 112 18.29 -2.60 15.72
C VAL A 112 18.85 -1.67 14.66
N HIS A 113 18.82 -2.12 13.41
CA HIS A 113 19.32 -1.31 12.30
C HIS A 113 18.43 -0.10 12.05
N TYR A 114 17.13 -0.30 12.22
CA TYR A 114 16.16 0.79 12.01
C TYR A 114 16.37 1.90 13.04
N HIS A 115 16.43 1.52 14.31
CA HIS A 115 16.62 2.48 15.39
C HIS A 115 18.02 3.08 15.35
N GLU A 116 19.00 2.25 14.98
CA GLU A 116 20.39 2.69 14.91
C GLU A 116 20.56 3.75 13.82
N ARG A 117 19.90 3.53 12.68
CA ARG A 117 19.98 4.46 11.56
C ARG A 117 19.27 5.78 11.89
N ARG A 118 18.13 5.68 12.57
CA ARG A 118 17.36 6.85 12.94
C ARG A 118 17.92 7.49 14.21
N GLY A 119 18.84 6.79 14.86
CA GLY A 119 19.44 7.29 16.09
C GLY A 119 18.60 7.01 17.31
N SER A 120 19.00 7.56 18.44
CA SER A 120 18.28 7.35 19.69
C SER A 120 18.53 8.50 20.66
N PRO A 121 17.64 8.64 21.65
CA PRO A 121 17.73 9.70 22.67
C PRO A 121 18.90 9.49 23.62
N GLU A 122 19.74 10.52 23.78
CA GLU A 122 20.89 10.43 24.66
C GLU A 122 20.54 10.93 26.06
N TYR A 123 19.68 10.19 26.74
CA TYR A 123 19.27 10.55 28.10
C TYR A 123 19.42 9.36 29.04
N PHE A 124 20.65 8.92 29.23
CA PHE A 124 20.94 7.80 30.12
C PHE A 124 20.68 8.17 31.57
N LYS A 125 20.39 7.17 32.40
CA LYS A 125 20.11 7.39 33.81
C LYS A 125 21.36 7.92 34.52
N ASN A 126 21.14 8.55 35.67
CA ASN A 126 22.24 9.11 36.45
C ASN A 126 21.85 9.30 37.91
N GLY A 127 22.82 9.64 38.75
CA GLY A 127 22.54 9.85 40.17
C GLY A 127 23.77 10.29 40.93
ZN ZN B . -23.87 10.48 -4.29
ZN ZN C . -7.82 0.09 -3.77
ZN ZN D . 11.63 -9.60 -2.67
ZN ZN E . 19.54 -5.41 9.22
N SER A 1 -22.80 20.33 -16.54
CA SER A 1 -22.08 19.85 -15.37
C SER A 1 -22.10 18.32 -15.31
N PRO A 2 -21.17 17.75 -14.54
CA PRO A 2 -21.06 16.29 -14.38
C PRO A 2 -22.21 15.72 -13.57
N ARG A 3 -22.60 14.49 -13.90
CA ARG A 3 -23.70 13.82 -13.21
C ARG A 3 -23.28 12.43 -12.75
N CYS A 4 -23.56 12.12 -11.49
CA CYS A 4 -23.21 10.81 -10.95
C CYS A 4 -24.18 9.78 -11.51
N TYR A 5 -23.63 8.88 -12.31
CA TYR A 5 -24.42 7.82 -12.94
C TYR A 5 -24.78 6.73 -11.93
N TYR A 6 -24.01 6.66 -10.85
CA TYR A 6 -24.24 5.67 -9.81
C TYR A 6 -25.56 5.93 -9.09
N CYS A 7 -25.97 7.19 -9.08
CA CYS A 7 -27.22 7.56 -8.43
C CYS A 7 -28.02 8.45 -9.39
N ASN A 8 -27.56 8.48 -10.64
CA ASN A 8 -28.22 9.28 -11.66
C ASN A 8 -28.60 10.65 -11.13
N GLY A 9 -27.72 11.23 -10.31
CA GLY A 9 -28.00 12.53 -9.74
C GLY A 9 -26.90 13.54 -10.03
N PRO A 10 -27.21 14.83 -9.88
CA PRO A 10 -26.26 15.91 -10.12
C PRO A 10 -25.16 15.96 -9.07
N ILE A 11 -23.99 16.46 -9.47
CA ILE A 11 -22.85 16.57 -8.56
C ILE A 11 -22.46 18.02 -8.33
N LEU A 12 -22.51 18.46 -7.08
CA LEU A 12 -22.16 19.83 -6.73
C LEU A 12 -20.78 19.89 -6.09
N ASP A 13 -20.51 18.95 -5.19
CA ASP A 13 -19.22 18.89 -4.50
C ASP A 13 -18.15 18.31 -5.41
N LYS A 14 -17.04 17.91 -4.81
CA LYS A 14 -15.93 17.33 -5.57
C LYS A 14 -16.38 16.10 -6.35
N VAL A 15 -16.07 16.06 -7.64
CA VAL A 15 -16.44 14.95 -8.49
C VAL A 15 -15.23 14.08 -8.82
N VAL A 16 -15.43 12.77 -8.80
CA VAL A 16 -14.35 11.83 -9.10
C VAL A 16 -14.44 11.34 -10.55
N THR A 17 -13.31 11.37 -11.24
CA THR A 17 -13.25 10.94 -12.63
C THR A 17 -12.87 9.46 -12.73
N ALA A 18 -13.72 8.67 -13.37
CA ALA A 18 -13.47 7.25 -13.53
C ALA A 18 -14.14 6.72 -14.80
N LEU A 19 -13.36 6.01 -15.62
CA LEU A 19 -13.87 5.45 -16.86
C LEU A 19 -14.51 6.53 -17.72
N ASP A 20 -13.86 7.68 -17.79
CA ASP A 20 -14.37 8.80 -18.58
C ASP A 20 -15.76 9.22 -18.11
N ARG A 21 -16.08 8.86 -16.87
CA ARG A 21 -17.38 9.19 -16.30
C ARG A 21 -17.21 9.88 -14.94
N THR A 22 -18.24 10.61 -14.53
CA THR A 22 -18.21 11.31 -13.25
C THR A 22 -19.02 10.56 -12.19
N TRP A 23 -18.43 10.40 -11.01
CA TRP A 23 -19.10 9.71 -9.91
C TRP A 23 -18.98 10.50 -8.62
N HIS A 24 -19.92 10.26 -7.71
CA HIS A 24 -19.92 10.95 -6.42
C HIS A 24 -18.79 10.46 -5.53
N PRO A 25 -18.39 11.28 -4.55
CA PRO A 25 -17.31 10.95 -3.62
C PRO A 25 -17.72 9.84 -2.65
N GLU A 26 -18.95 9.93 -2.14
CA GLU A 26 -19.46 8.95 -1.20
C GLU A 26 -19.94 7.70 -1.93
N HIS A 27 -20.17 7.83 -3.23
CA HIS A 27 -20.64 6.71 -4.05
C HIS A 27 -19.46 6.02 -4.74
N PHE A 28 -18.25 6.49 -4.46
CA PHE A 28 -17.05 5.92 -5.06
C PHE A 28 -16.23 5.16 -4.02
N PHE A 29 -16.24 3.83 -4.12
CA PHE A 29 -15.49 3.00 -3.19
C PHE A 29 -14.92 1.78 -3.90
N CYS A 30 -13.85 1.23 -3.34
CA CYS A 30 -13.21 0.06 -3.92
C CYS A 30 -14.20 -1.10 -3.86
N ALA A 31 -14.49 -1.66 -5.04
CA ALA A 31 -15.42 -2.77 -5.15
C ALA A 31 -14.75 -4.09 -4.76
N GLN A 32 -13.45 -4.02 -4.46
CA GLN A 32 -12.69 -5.21 -4.08
C GLN A 32 -12.54 -5.29 -2.56
N CYS A 33 -12.02 -4.22 -1.97
CA CYS A 33 -11.84 -4.19 -0.53
C CYS A 33 -12.83 -3.19 0.07
N GLY A 34 -13.21 -2.22 -0.76
CA GLY A 34 -14.16 -1.20 -0.32
C GLY A 34 -13.74 -0.54 0.97
N ALA A 35 -12.71 0.30 0.90
CA ALA A 35 -12.21 1.00 2.08
C ALA A 35 -11.06 1.93 1.72
N PHE A 36 -11.39 3.19 1.45
CA PHE A 36 -10.38 4.18 1.09
C PHE A 36 -10.84 5.58 1.45
N PHE A 37 -9.93 6.55 1.36
CA PHE A 37 -10.25 7.94 1.67
C PHE A 37 -9.35 8.89 0.88
N GLY A 38 -9.89 9.44 -0.20
CA GLY A 38 -9.14 10.37 -1.01
C GLY A 38 -8.35 9.66 -2.11
N PRO A 39 -9.07 9.24 -3.17
CA PRO A 39 -8.44 8.54 -4.30
C PRO A 39 -7.56 9.45 -5.13
N GLU A 40 -6.38 8.96 -5.50
CA GLU A 40 -5.44 9.74 -6.30
C GLU A 40 -4.51 8.83 -7.08
N GLY A 41 -4.58 8.91 -8.41
CA GLY A 41 -3.73 8.09 -9.26
C GLY A 41 -3.95 6.62 -9.03
N PHE A 42 -4.97 6.06 -9.67
CA PHE A 42 -5.29 4.64 -9.53
C PHE A 42 -5.45 3.98 -10.89
N HIS A 43 -5.29 2.67 -10.94
CA HIS A 43 -5.43 1.92 -12.18
C HIS A 43 -6.76 1.18 -12.23
N GLU A 44 -7.46 1.30 -13.35
CA GLU A 44 -8.76 0.64 -13.51
C GLU A 44 -8.59 -0.73 -14.14
N LYS A 45 -9.45 -1.67 -13.74
CA LYS A 45 -9.39 -3.03 -14.27
C LYS A 45 -10.79 -3.56 -14.54
N ASP A 46 -11.03 -3.97 -15.78
CA ASP A 46 -12.34 -4.51 -16.17
C ASP A 46 -13.45 -3.51 -15.85
N GLY A 47 -13.14 -2.22 -15.95
CA GLY A 47 -14.12 -1.19 -15.67
C GLY A 47 -14.41 -1.07 -14.18
N LYS A 48 -13.54 -1.65 -13.37
CA LYS A 48 -13.71 -1.60 -11.91
C LYS A 48 -12.53 -0.89 -11.25
N ALA A 49 -12.74 -0.42 -10.03
CA ALA A 49 -11.70 0.27 -9.28
C ALA A 49 -11.06 -0.65 -8.25
N TYR A 50 -9.75 -0.85 -8.36
CA TYR A 50 -9.01 -1.71 -7.45
C TYR A 50 -7.83 -0.97 -6.85
N CYS A 51 -7.55 -1.25 -5.58
CA CYS A 51 -6.44 -0.60 -4.89
C CYS A 51 -5.14 -1.13 -5.50
N ARG A 52 -4.06 -0.42 -5.21
CA ARG A 52 -2.74 -0.79 -5.71
C ARG A 52 -2.40 -2.23 -5.36
N LYS A 53 -2.61 -2.59 -4.09
CA LYS A 53 -2.33 -3.93 -3.62
C LYS A 53 -3.34 -4.93 -4.18
N ASP A 54 -4.60 -4.50 -4.26
CA ASP A 54 -5.66 -5.35 -4.79
C ASP A 54 -5.38 -5.76 -6.22
N TYR A 55 -4.86 -4.82 -7.01
CA TYR A 55 -4.56 -5.07 -8.42
C TYR A 55 -3.55 -6.22 -8.54
N PHE A 56 -2.43 -6.10 -7.82
CA PHE A 56 -1.39 -7.12 -7.85
C PHE A 56 -1.83 -8.37 -7.10
N ASP A 57 -2.68 -8.18 -6.09
CA ASP A 57 -3.18 -9.29 -5.30
C ASP A 57 -3.88 -10.33 -6.17
N MET A 58 -4.47 -9.86 -7.26
CA MET A 58 -5.18 -10.74 -8.19
C MET A 58 -4.25 -11.81 -8.74
N PHE A 59 -2.96 -11.50 -8.77
CA PHE A 59 -1.97 -12.44 -9.28
C PHE A 59 -1.01 -12.88 -8.17
N ALA A 60 -0.29 -11.93 -7.60
CA ALA A 60 0.65 -12.22 -6.53
C ALA A 60 1.02 -10.95 -5.76
N PRO A 61 1.58 -11.12 -4.56
CA PRO A 61 2.00 -10.01 -3.71
C PRO A 61 3.20 -9.26 -4.27
N LYS A 62 3.17 -7.94 -4.17
CA LYS A 62 4.26 -7.11 -4.68
C LYS A 62 4.97 -6.39 -3.52
N CYS A 63 6.29 -6.31 -3.62
CA CYS A 63 7.07 -5.66 -2.59
C CYS A 63 7.13 -4.16 -2.90
N GLY A 64 7.15 -3.36 -1.85
CA GLY A 64 7.21 -1.92 -2.00
C GLY A 64 8.63 -1.39 -2.04
N GLY A 65 9.59 -2.28 -2.32
CA GLY A 65 10.98 -1.89 -2.37
C GLY A 65 11.79 -2.73 -3.34
N CYS A 66 11.49 -4.03 -3.38
CA CYS A 66 12.20 -4.92 -4.27
C CYS A 66 11.31 -5.23 -5.47
N ALA A 67 11.69 -6.26 -6.22
CA ALA A 67 10.93 -6.66 -7.40
C ALA A 67 9.46 -6.85 -7.07
N ARG A 68 8.63 -6.92 -8.11
CA ARG A 68 7.20 -7.10 -7.93
C ARG A 68 6.87 -8.55 -7.60
N ALA A 69 7.61 -9.48 -8.19
CA ALA A 69 7.40 -10.90 -7.95
C ALA A 69 7.99 -11.32 -6.61
N ILE A 70 7.13 -11.84 -5.74
CA ILE A 70 7.57 -12.29 -4.42
C ILE A 70 7.65 -13.81 -4.35
N LEU A 71 8.75 -14.31 -3.82
CA LEU A 71 8.95 -15.75 -3.69
C LEU A 71 7.83 -16.40 -2.87
N GLU A 72 7.98 -17.69 -2.58
CA GLU A 72 6.98 -18.41 -1.81
C GLU A 72 6.65 -17.66 -0.52
N ASN A 73 7.57 -17.74 0.45
CA ASN A 73 7.37 -17.07 1.73
C ASN A 73 7.15 -15.57 1.55
N TYR A 74 6.29 -14.99 2.37
CA TYR A 74 5.99 -13.57 2.30
C TYR A 74 5.65 -13.01 3.67
N ILE A 75 5.75 -11.69 3.81
CA ILE A 75 5.44 -11.03 5.07
C ILE A 75 4.62 -9.77 4.84
N SER A 76 3.62 -9.56 5.69
CA SER A 76 2.76 -8.39 5.59
C SER A 76 3.06 -7.39 6.69
N ALA A 77 3.41 -6.16 6.30
CA ALA A 77 3.73 -5.11 7.25
C ALA A 77 3.48 -3.73 6.65
N LEU A 78 3.00 -2.81 7.48
CA LEU A 78 2.73 -1.46 7.02
C LEU A 78 1.72 -1.46 5.87
N ASN A 79 0.73 -2.34 5.97
CA ASN A 79 -0.30 -2.45 4.95
C ASN A 79 0.30 -2.81 3.60
N THR A 80 1.55 -3.31 3.62
CA THR A 80 2.24 -3.70 2.40
C THR A 80 2.89 -5.07 2.56
N LEU A 81 2.96 -5.81 1.45
CA LEU A 81 3.56 -7.14 1.47
C LEU A 81 5.00 -7.09 0.96
N TRP A 82 5.94 -7.46 1.82
CA TRP A 82 7.36 -7.47 1.44
C TRP A 82 7.95 -8.85 1.60
N HIS A 83 9.03 -9.12 0.87
CA HIS A 83 9.71 -10.42 0.93
C HIS A 83 10.17 -10.72 2.36
N PRO A 84 10.31 -12.02 2.66
CA PRO A 84 10.74 -12.47 3.98
C PRO A 84 12.20 -12.14 4.26
N GLU A 85 13.05 -12.28 3.25
CA GLU A 85 14.47 -11.99 3.39
C GLU A 85 14.73 -10.50 3.25
N CYS A 86 13.85 -9.80 2.55
CA CYS A 86 14.00 -8.37 2.36
C CYS A 86 13.42 -7.66 3.58
N PHE A 87 12.89 -8.45 4.50
CA PHE A 87 12.31 -7.92 5.73
C PHE A 87 13.32 -7.92 6.87
N VAL A 88 14.45 -7.26 6.64
CA VAL A 88 15.50 -7.17 7.65
C VAL A 88 16.15 -5.78 7.66
N CYS A 89 16.95 -5.52 8.67
CA CYS A 89 17.62 -4.24 8.79
C CYS A 89 18.68 -4.15 7.68
N ARG A 90 18.98 -2.91 7.29
CA ARG A 90 19.96 -2.66 6.25
C ARG A 90 21.38 -2.91 6.77
N GLU A 91 21.48 -3.23 8.06
CA GLU A 91 22.78 -3.49 8.67
C GLU A 91 22.97 -4.98 8.91
N CYS A 92 22.00 -5.61 9.56
CA CYS A 92 22.08 -7.03 9.85
C CYS A 92 21.76 -7.80 8.56
N PHE A 93 20.73 -7.33 7.86
CA PHE A 93 20.30 -7.95 6.62
C PHE A 93 19.93 -9.42 6.83
N THR A 94 19.89 -9.83 8.10
CA THR A 94 19.55 -11.20 8.44
C THR A 94 18.27 -11.27 9.27
N PRO A 95 17.35 -12.15 8.85
CA PRO A 95 16.06 -12.34 9.53
C PRO A 95 16.22 -12.99 10.90
N PHE A 96 15.33 -12.63 11.82
CA PHE A 96 15.37 -13.19 13.18
C PHE A 96 14.08 -13.93 13.49
N VAL A 97 12.99 -13.52 12.85
CA VAL A 97 11.68 -14.15 13.07
C VAL A 97 10.68 -13.68 12.03
N ASN A 98 9.81 -14.61 11.60
CA ASN A 98 8.80 -14.30 10.60
C ASN A 98 7.53 -13.75 11.26
N GLY A 99 7.08 -14.43 12.31
CA GLY A 99 5.90 -14.00 13.02
C GLY A 99 5.96 -12.54 13.42
N SER A 100 6.50 -12.28 14.61
CA SER A 100 6.61 -10.91 15.10
C SER A 100 7.29 -10.00 14.08
N PHE A 101 6.66 -8.86 13.80
CA PHE A 101 7.20 -7.92 12.83
C PHE A 101 7.21 -6.51 13.41
N PHE A 102 8.29 -5.77 13.16
CA PHE A 102 8.42 -4.41 13.65
C PHE A 102 8.64 -3.43 12.50
N GLU A 103 8.11 -2.22 12.65
CA GLU A 103 8.25 -1.19 11.62
C GLU A 103 9.16 -0.06 12.10
N HIS A 104 10.00 0.44 11.20
CA HIS A 104 10.92 1.52 11.52
C HIS A 104 11.27 2.33 10.28
N ASP A 105 10.94 3.62 10.31
CA ASP A 105 11.22 4.50 9.19
C ASP A 105 10.62 3.94 7.90
N GLY A 106 9.48 3.28 8.01
CA GLY A 106 8.82 2.71 6.85
C GLY A 106 9.57 1.50 6.31
N GLN A 107 10.50 0.99 7.10
CA GLN A 107 11.28 -0.18 6.69
C GLN A 107 11.25 -1.26 7.77
N PRO A 108 11.42 -2.52 7.35
CA PRO A 108 11.42 -3.67 8.26
C PRO A 108 12.64 -3.70 9.17
N TYR A 109 12.43 -4.07 10.43
CA TYR A 109 13.53 -4.14 11.39
C TYR A 109 13.38 -5.35 12.30
N CYS A 110 14.45 -5.68 13.02
CA CYS A 110 14.43 -6.82 13.91
C CYS A 110 13.90 -6.36 15.27
N GLU A 111 13.58 -7.33 16.12
CA GLU A 111 13.07 -7.05 17.45
C GLU A 111 14.12 -6.33 18.30
N VAL A 112 15.32 -6.87 18.31
CA VAL A 112 16.42 -6.28 19.08
C VAL A 112 16.88 -4.97 18.46
N HIS A 113 16.93 -4.93 17.13
CA HIS A 113 17.36 -3.73 16.40
C HIS A 113 16.31 -2.62 16.54
N TYR A 114 15.05 -3.01 16.52
CA TYR A 114 13.95 -2.05 16.63
C TYR A 114 14.01 -1.31 17.95
N HIS A 115 14.17 -2.05 19.04
CA HIS A 115 14.25 -1.46 20.38
C HIS A 115 15.54 -0.67 20.54
N GLU A 116 16.62 -1.16 19.95
CA GLU A 116 17.92 -0.50 20.03
C GLU A 116 17.90 0.81 19.25
N ARG A 117 17.21 0.82 18.12
CA ARG A 117 17.12 2.01 17.28
C ARG A 117 16.41 3.14 18.02
N ARG A 118 15.56 2.78 18.97
CA ARG A 118 14.82 3.76 19.75
C ARG A 118 15.76 4.68 20.51
N GLY A 119 16.98 4.20 20.75
CA GLY A 119 17.96 4.99 21.47
C GLY A 119 19.07 5.50 20.57
N SER A 120 19.95 6.33 21.13
CA SER A 120 21.06 6.89 20.37
C SER A 120 20.54 7.78 19.24
N PRO A 121 21.42 8.65 18.73
CA PRO A 121 21.07 9.58 17.65
C PRO A 121 20.87 8.86 16.31
N GLU A 122 20.74 9.63 15.24
CA GLU A 122 20.53 9.07 13.91
C GLU A 122 21.63 9.54 12.95
N TYR A 123 21.67 8.92 11.78
CA TYR A 123 22.68 9.27 10.77
C TYR A 123 22.30 10.56 10.05
N PHE A 124 23.31 11.25 9.53
CA PHE A 124 23.10 12.50 8.82
C PHE A 124 22.43 12.26 7.47
N LYS A 125 21.93 13.32 6.86
CA LYS A 125 21.26 13.23 5.57
C LYS A 125 22.18 12.58 4.54
N ASN A 126 23.27 13.26 4.21
CA ASN A 126 24.23 12.76 3.23
C ASN A 126 25.55 13.51 3.33
N GLY A 127 26.60 12.80 3.74
CA GLY A 127 27.90 13.41 3.87
C GLY A 127 28.91 12.49 4.52
ZN ZN B . -24.13 9.56 -6.76
ZN ZN C . -9.39 -1.97 -2.59
ZN ZN D . 11.00 -7.17 -0.95
ZN ZN E . 18.19 -6.43 12.12
N SER A 1 -25.61 16.70 -18.09
CA SER A 1 -24.48 16.52 -17.18
C SER A 1 -24.59 15.18 -16.46
N PRO A 2 -23.45 14.72 -15.91
CA PRO A 2 -23.37 13.45 -15.18
C PRO A 2 -24.10 13.51 -13.84
N ARG A 3 -24.64 12.38 -13.43
CA ARG A 3 -25.37 12.30 -12.16
C ARG A 3 -24.89 11.11 -11.33
N CYS A 4 -24.61 11.36 -10.06
CA CYS A 4 -24.14 10.31 -9.17
C CYS A 4 -25.33 9.41 -8.84
N TYR A 5 -25.25 8.16 -9.30
CA TYR A 5 -26.30 7.18 -9.06
C TYR A 5 -26.25 6.67 -7.63
N TYR A 6 -25.10 6.81 -7.00
CA TYR A 6 -24.92 6.35 -5.63
C TYR A 6 -25.77 7.17 -4.67
N CYS A 7 -26.07 8.39 -5.05
CA CYS A 7 -26.88 9.26 -4.23
C CYS A 7 -27.95 9.92 -5.10
N ASN A 8 -28.09 9.38 -6.32
CA ASN A 8 -29.07 9.89 -7.27
C ASN A 8 -29.08 11.41 -7.27
N GLY A 9 -27.90 12.00 -7.17
CA GLY A 9 -27.80 13.46 -7.17
C GLY A 9 -26.88 13.98 -8.25
N PRO A 10 -27.02 15.27 -8.58
CA PRO A 10 -26.20 15.92 -9.61
C PRO A 10 -24.75 16.09 -9.18
N ILE A 11 -23.84 16.09 -10.16
CA ILE A 11 -22.43 16.24 -9.88
C ILE A 11 -21.88 17.54 -10.48
N LEU A 12 -21.35 18.41 -9.61
CA LEU A 12 -20.79 19.67 -10.06
C LEU A 12 -19.27 19.62 -10.07
N ASP A 13 -18.68 19.06 -9.02
CA ASP A 13 -17.24 18.95 -8.92
C ASP A 13 -16.71 17.83 -9.82
N LYS A 14 -15.48 17.41 -9.58
CA LYS A 14 -14.86 16.36 -10.36
C LYS A 14 -15.69 15.09 -10.32
N VAL A 15 -15.98 14.53 -11.49
CA VAL A 15 -16.77 13.31 -11.59
C VAL A 15 -15.89 12.10 -11.90
N VAL A 16 -16.18 10.97 -11.25
CA VAL A 16 -15.41 9.76 -11.45
C VAL A 16 -16.11 8.81 -12.42
N THR A 17 -15.37 8.30 -13.39
CA THR A 17 -15.93 7.40 -14.40
C THR A 17 -15.69 5.95 -14.00
N ALA A 18 -16.77 5.20 -13.82
CA ALA A 18 -16.69 3.80 -13.45
C ALA A 18 -17.89 3.01 -13.96
N LEU A 19 -17.62 1.89 -14.62
CA LEU A 19 -18.69 1.05 -15.17
C LEU A 19 -19.58 1.85 -16.10
N ASP A 20 -18.98 2.72 -16.91
CA ASP A 20 -19.72 3.54 -17.85
C ASP A 20 -20.73 4.42 -17.13
N ARG A 21 -20.50 4.65 -15.84
CA ARG A 21 -21.38 5.48 -15.04
C ARG A 21 -20.60 6.54 -14.28
N THR A 22 -21.30 7.61 -13.87
CA THR A 22 -20.66 8.69 -13.13
C THR A 22 -20.97 8.60 -11.64
N TRP A 23 -19.94 8.76 -10.82
CA TRP A 23 -20.10 8.69 -9.38
C TRP A 23 -19.39 9.86 -8.70
N HIS A 24 -19.85 10.20 -7.49
CA HIS A 24 -19.27 11.31 -6.74
C HIS A 24 -17.89 10.92 -6.20
N PRO A 25 -17.07 11.94 -5.89
CA PRO A 25 -15.72 11.73 -5.36
C PRO A 25 -15.74 11.18 -3.93
N GLU A 26 -16.63 11.73 -3.11
CA GLU A 26 -16.75 11.29 -1.72
C GLU A 26 -17.56 10.02 -1.62
N HIS A 27 -18.33 9.72 -2.66
CA HIS A 27 -19.16 8.52 -2.69
C HIS A 27 -18.46 7.39 -3.43
N PHE A 28 -17.19 7.60 -3.77
CA PHE A 28 -16.40 6.60 -4.47
C PHE A 28 -15.30 6.04 -3.58
N PHE A 29 -15.46 4.79 -3.19
CA PHE A 29 -14.48 4.13 -2.32
C PHE A 29 -14.10 2.76 -2.89
N CYS A 30 -12.91 2.30 -2.53
CA CYS A 30 -12.44 1.01 -3.00
C CYS A 30 -13.20 -0.09 -2.25
N ALA A 31 -13.85 -0.95 -3.03
CA ALA A 31 -14.62 -2.05 -2.48
C ALA A 31 -13.72 -3.23 -2.12
N GLN A 32 -12.44 -3.10 -2.43
CA GLN A 32 -11.47 -4.15 -2.14
C GLN A 32 -10.70 -3.84 -0.87
N CYS A 33 -10.07 -2.68 -0.83
CA CYS A 33 -9.31 -2.28 0.35
C CYS A 33 -10.09 -1.17 1.07
N GLY A 34 -10.88 -0.44 0.30
CA GLY A 34 -11.67 0.64 0.87
C GLY A 34 -10.87 1.52 1.80
N ALA A 35 -10.16 2.49 1.22
CA ALA A 35 -9.35 3.40 2.01
C ALA A 35 -8.83 4.56 1.16
N PHE A 36 -9.72 5.15 0.37
CA PHE A 36 -9.35 6.26 -0.51
C PHE A 36 -10.39 7.36 -0.44
N PHE A 37 -10.07 8.52 -1.01
CA PHE A 37 -10.97 9.66 -1.01
C PHE A 37 -11.30 10.09 -2.44
N GLY A 38 -10.33 9.95 -3.33
CA GLY A 38 -10.54 10.32 -4.72
C GLY A 38 -9.91 9.35 -5.69
N PRO A 39 -10.28 9.46 -6.97
CA PRO A 39 -9.75 8.58 -8.03
C PRO A 39 -8.29 8.86 -8.33
N GLU A 40 -7.48 7.80 -8.34
CA GLU A 40 -6.05 7.94 -8.61
C GLU A 40 -5.58 6.85 -9.58
N GLY A 41 -5.99 6.98 -10.84
CA GLY A 41 -5.60 6.00 -11.84
C GLY A 41 -5.89 4.57 -11.41
N PHE A 42 -7.17 4.26 -11.25
CA PHE A 42 -7.58 2.93 -10.83
C PHE A 42 -8.13 2.14 -12.02
N HIS A 43 -8.02 0.80 -11.94
CA HIS A 43 -8.50 -0.06 -13.00
C HIS A 43 -9.82 -0.71 -12.62
N GLU A 44 -10.71 -0.85 -13.60
CA GLU A 44 -12.02 -1.45 -13.36
C GLU A 44 -11.97 -2.96 -13.55
N LYS A 45 -12.63 -3.69 -12.65
CA LYS A 45 -12.66 -5.15 -12.73
C LYS A 45 -13.94 -5.69 -12.10
N ASP A 46 -14.69 -6.46 -12.89
CA ASP A 46 -15.94 -7.05 -12.42
C ASP A 46 -16.88 -5.96 -11.89
N GLY A 47 -16.80 -4.78 -12.49
CA GLY A 47 -17.66 -3.68 -12.05
C GLY A 47 -17.27 -3.16 -10.69
N LYS A 48 -16.07 -3.50 -10.24
CA LYS A 48 -15.57 -3.05 -8.95
C LYS A 48 -14.27 -2.26 -9.10
N ALA A 49 -14.14 -1.20 -8.32
CA ALA A 49 -12.95 -0.36 -8.36
C ALA A 49 -11.85 -0.91 -7.45
N TYR A 50 -10.67 -1.14 -8.04
CA TYR A 50 -9.54 -1.67 -7.28
C TYR A 50 -8.33 -0.76 -7.41
N CYS A 51 -7.62 -0.57 -6.31
CA CYS A 51 -6.43 0.28 -6.32
C CYS A 51 -5.35 -0.41 -7.13
N ARG A 52 -4.28 0.32 -7.38
CA ARG A 52 -3.15 -0.20 -8.15
C ARG A 52 -2.61 -1.48 -7.53
N LYS A 53 -2.51 -1.49 -6.20
CA LYS A 53 -2.00 -2.66 -5.48
C LYS A 53 -3.01 -3.80 -5.52
N ASP A 54 -4.29 -3.46 -5.41
CA ASP A 54 -5.35 -4.47 -5.45
C ASP A 54 -5.34 -5.22 -6.78
N TYR A 55 -5.05 -4.50 -7.85
CA TYR A 55 -5.00 -5.10 -9.19
C TYR A 55 -3.84 -6.08 -9.31
N PHE A 56 -2.69 -5.69 -8.79
CA PHE A 56 -1.50 -6.55 -8.83
C PHE A 56 -1.66 -7.74 -7.90
N ASP A 57 -2.42 -7.55 -6.83
CA ASP A 57 -2.64 -8.62 -5.86
C ASP A 57 -3.30 -9.83 -6.51
N MET A 58 -4.23 -9.56 -7.43
CA MET A 58 -4.94 -10.63 -8.13
C MET A 58 -3.97 -11.50 -8.92
N PHE A 59 -2.83 -10.92 -9.30
CA PHE A 59 -1.82 -11.64 -10.06
C PHE A 59 -0.52 -11.74 -9.27
N ALA A 60 -0.64 -12.07 -7.99
CA ALA A 60 0.53 -12.22 -7.12
C ALA A 60 1.20 -10.87 -6.89
N PRO A 61 1.55 -10.59 -5.63
CA PRO A 61 2.22 -9.33 -5.24
C PRO A 61 3.65 -9.26 -5.77
N LYS A 62 4.18 -8.04 -5.84
CA LYS A 62 5.54 -7.83 -6.32
C LYS A 62 6.26 -6.78 -5.47
N CYS A 63 7.57 -6.91 -5.38
CA CYS A 63 8.36 -5.98 -4.59
C CYS A 63 8.14 -4.57 -5.16
N GLY A 64 8.09 -3.60 -4.26
CA GLY A 64 7.87 -2.22 -4.67
C GLY A 64 8.89 -1.77 -5.71
N GLY A 65 10.03 -2.44 -5.76
CA GLY A 65 11.06 -2.08 -6.72
C GLY A 65 12.29 -2.97 -6.60
N CYS A 66 12.07 -4.28 -6.68
CA CYS A 66 13.18 -5.22 -6.58
C CYS A 66 12.97 -6.31 -7.63
N ALA A 67 11.80 -6.94 -7.55
CA ALA A 67 11.46 -8.01 -8.49
C ALA A 67 9.96 -8.00 -8.79
N ARG A 68 9.48 -9.08 -9.40
CA ARG A 68 8.07 -9.20 -9.75
C ARG A 68 7.40 -10.31 -8.95
N ALA A 69 7.75 -11.55 -9.25
CA ALA A 69 7.18 -12.70 -8.56
C ALA A 69 7.79 -12.86 -7.16
N ILE A 70 6.95 -12.87 -6.15
CA ILE A 70 7.40 -13.01 -4.77
C ILE A 70 7.16 -14.42 -4.26
N LEU A 71 8.19 -15.00 -3.65
CA LEU A 71 8.09 -16.36 -3.11
C LEU A 71 6.97 -16.45 -2.08
N GLU A 72 6.86 -17.61 -1.44
CA GLU A 72 5.83 -17.84 -0.44
C GLU A 72 5.85 -16.74 0.61
N ASN A 73 6.86 -16.77 1.48
CA ASN A 73 6.98 -15.77 2.54
C ASN A 73 6.89 -14.36 1.96
N TYR A 74 6.03 -13.54 2.56
CA TYR A 74 5.85 -12.17 2.10
C TYR A 74 5.45 -11.26 3.26
N ILE A 75 6.01 -10.06 3.28
CA ILE A 75 5.72 -9.09 4.33
C ILE A 75 4.96 -7.88 3.78
N SER A 76 3.96 -7.44 4.52
CA SER A 76 3.16 -6.28 4.11
C SER A 76 3.63 -5.01 4.81
N ALA A 77 4.13 -4.07 4.02
CA ALA A 77 4.61 -2.80 4.57
C ALA A 77 4.35 -1.65 3.60
N LEU A 78 3.85 -0.53 4.12
CA LEU A 78 3.56 0.63 3.30
C LEU A 78 2.52 0.29 2.22
N ASN A 79 1.53 -0.51 2.59
CA ASN A 79 0.48 -0.90 1.65
C ASN A 79 1.07 -1.66 0.47
N THR A 80 2.30 -2.14 0.63
CA THR A 80 2.97 -2.89 -0.42
C THR A 80 3.64 -4.13 0.13
N LEU A 81 3.70 -5.18 -0.68
CA LEU A 81 4.31 -6.44 -0.28
C LEU A 81 5.75 -6.52 -0.76
N TRP A 82 6.66 -6.88 0.15
CA TRP A 82 8.07 -7.00 -0.18
C TRP A 82 8.64 -8.32 0.32
N HIS A 83 9.57 -8.88 -0.44
CA HIS A 83 10.20 -10.15 -0.07
C HIS A 83 10.67 -10.11 1.38
N PRO A 84 10.91 -11.30 1.95
CA PRO A 84 11.37 -11.44 3.34
C PRO A 84 12.80 -10.95 3.52
N GLU A 85 13.64 -11.20 2.52
CA GLU A 85 15.03 -10.79 2.56
C GLU A 85 15.19 -9.32 2.18
N CYS A 86 14.20 -8.80 1.48
CA CYS A 86 14.23 -7.41 1.06
C CYS A 86 13.98 -6.53 2.29
N PHE A 87 13.39 -7.14 3.31
CA PHE A 87 13.09 -6.44 4.55
C PHE A 87 14.31 -6.40 5.47
N VAL A 88 15.31 -5.64 5.08
CA VAL A 88 16.54 -5.52 5.87
C VAL A 88 17.18 -4.15 5.69
N CYS A 89 17.79 -3.64 6.74
CA CYS A 89 18.43 -2.33 6.68
C CYS A 89 19.60 -2.43 5.72
N ARG A 90 19.98 -1.27 5.17
CA ARG A 90 21.08 -1.19 4.22
C ARG A 90 22.42 -1.41 4.92
N GLU A 91 22.37 -1.56 6.24
CA GLU A 91 23.58 -1.77 7.03
C GLU A 91 23.67 -3.21 7.51
N CYS A 92 22.60 -3.69 8.14
CA CYS A 92 22.58 -5.05 8.65
C CYS A 92 22.38 -5.99 7.47
N PHE A 93 21.51 -5.57 6.55
CA PHE A 93 21.20 -6.36 5.36
C PHE A 93 20.57 -7.69 5.74
N THR A 94 20.31 -7.88 7.03
CA THR A 94 19.71 -9.10 7.54
C THR A 94 18.40 -8.82 8.25
N PRO A 95 17.41 -9.71 8.05
CA PRO A 95 16.09 -9.58 8.68
C PRO A 95 16.13 -9.80 10.18
N PHE A 96 15.22 -9.16 10.90
CA PHE A 96 15.15 -9.29 12.35
C PHE A 96 14.15 -10.37 12.75
N VAL A 97 12.89 -10.17 12.40
CA VAL A 97 11.84 -11.13 12.72
C VAL A 97 10.73 -11.10 11.68
N ASN A 98 9.74 -11.97 11.85
CA ASN A 98 8.62 -12.05 10.92
C ASN A 98 7.35 -11.49 11.55
N GLY A 99 6.62 -10.69 10.78
CA GLY A 99 5.39 -10.10 11.29
C GLY A 99 5.53 -8.62 11.60
N SER A 100 6.13 -8.31 12.73
CA SER A 100 6.33 -6.92 13.14
C SER A 100 7.22 -6.19 12.15
N PHE A 101 6.59 -5.45 11.23
CA PHE A 101 7.32 -4.70 10.22
C PHE A 101 7.36 -3.22 10.57
N PHE A 102 8.45 -2.55 10.19
CA PHE A 102 8.62 -1.13 10.47
C PHE A 102 9.00 -0.36 9.20
N GLU A 103 8.53 0.86 9.09
CA GLU A 103 8.83 1.70 7.94
C GLU A 103 9.77 2.85 8.31
N HIS A 104 10.85 2.97 7.55
CA HIS A 104 11.83 4.03 7.80
C HIS A 104 12.32 4.63 6.49
N ASP A 105 12.08 5.92 6.32
CA ASP A 105 12.51 6.62 5.10
C ASP A 105 11.98 5.91 3.86
N GLY A 106 10.78 5.34 3.97
CA GLY A 106 10.19 4.64 2.84
C GLY A 106 10.89 3.33 2.54
N GLN A 107 11.70 2.86 3.49
CA GLN A 107 12.43 1.61 3.32
C GLN A 107 12.26 0.71 4.53
N PRO A 108 12.39 -0.60 4.32
CA PRO A 108 12.25 -1.60 5.40
C PRO A 108 13.40 -1.54 6.39
N TYR A 109 13.08 -1.64 7.68
CA TYR A 109 14.09 -1.60 8.73
C TYR A 109 13.78 -2.62 9.82
N CYS A 110 14.76 -2.86 10.68
CA CYS A 110 14.58 -3.82 11.76
C CYS A 110 13.94 -3.09 12.95
N GLU A 111 13.46 -3.88 13.90
CA GLU A 111 12.82 -3.35 15.10
C GLU A 111 13.81 -2.50 15.90
N VAL A 112 15.00 -3.05 16.15
CA VAL A 112 16.03 -2.36 16.91
C VAL A 112 16.60 -1.19 16.11
N HIS A 113 16.91 -1.44 14.84
CA HIS A 113 17.46 -0.41 13.97
C HIS A 113 16.47 0.74 13.79
N TYR A 114 15.19 0.41 13.78
CA TYR A 114 14.14 1.41 13.61
C TYR A 114 14.10 2.36 14.80
N HIS A 115 14.10 1.79 16.00
CA HIS A 115 14.06 2.59 17.23
C HIS A 115 15.38 3.32 17.44
N GLU A 116 16.47 2.64 17.09
CA GLU A 116 17.81 3.22 17.25
C GLU A 116 18.02 4.38 16.28
N ARG A 117 17.41 4.27 15.10
CA ARG A 117 17.53 5.30 14.08
C ARG A 117 16.88 6.60 14.54
N ARG A 118 15.87 6.48 15.39
CA ARG A 118 15.16 7.65 15.91
C ARG A 118 15.91 8.28 17.08
N GLY A 119 16.57 7.43 17.86
CA GLY A 119 17.32 7.92 19.01
C GLY A 119 18.80 7.57 18.93
N SER A 120 19.40 7.28 20.08
CA SER A 120 20.81 6.94 20.14
C SER A 120 21.07 5.63 19.41
N PRO A 121 22.34 5.40 19.05
CA PRO A 121 22.76 4.18 18.35
C PRO A 121 22.70 2.94 19.24
N GLU A 122 23.25 1.84 18.75
CA GLU A 122 23.25 0.59 19.51
C GLU A 122 24.35 0.60 20.56
N TYR A 123 24.26 1.53 21.50
CA TYR A 123 25.25 1.65 22.57
C TYR A 123 24.57 1.60 23.94
N PHE A 124 25.10 0.75 24.81
CA PHE A 124 24.56 0.59 26.15
C PHE A 124 24.63 1.91 26.92
N LYS A 125 23.87 2.01 28.01
CA LYS A 125 23.85 3.21 28.82
C LYS A 125 25.20 3.44 29.50
N ASN A 126 25.99 2.38 29.58
CA ASN A 126 27.31 2.46 30.21
C ASN A 126 28.33 3.05 29.25
N GLY A 127 28.82 4.25 29.58
CA GLY A 127 29.80 4.90 28.74
C GLY A 127 30.59 5.95 29.48
ZN ZN B . -23.26 10.96 -4.84
ZN ZN C . -8.17 -0.53 -2.96
ZN ZN D . 12.04 -7.83 -2.99
ZN ZN E . 18.54 -3.89 10.37
N SER A 1 -22.02 20.29 -15.13
CA SER A 1 -21.13 19.77 -14.09
C SER A 1 -21.36 18.27 -13.88
N PRO A 2 -20.38 17.60 -13.28
CA PRO A 2 -20.45 16.16 -13.00
C PRO A 2 -21.48 15.82 -11.92
N ARG A 3 -22.21 14.74 -12.15
CA ARG A 3 -23.23 14.32 -11.18
C ARG A 3 -22.98 12.87 -10.74
N CYS A 4 -23.02 12.65 -9.44
CA CYS A 4 -22.80 11.32 -8.91
C CYS A 4 -24.04 10.47 -9.21
N TYR A 5 -23.84 9.45 -10.05
CA TYR A 5 -24.93 8.56 -10.44
C TYR A 5 -25.25 7.57 -9.31
N TYR A 6 -24.28 7.38 -8.42
CA TYR A 6 -24.45 6.45 -7.30
C TYR A 6 -25.52 6.96 -6.34
N CYS A 7 -25.70 8.28 -6.31
CA CYS A 7 -26.70 8.88 -5.44
C CYS A 7 -27.50 9.90 -6.25
N ASN A 8 -27.33 9.83 -7.57
CA ASN A 8 -28.03 10.73 -8.48
C ASN A 8 -28.05 12.15 -7.92
N GLY A 9 -26.92 12.59 -7.39
CA GLY A 9 -26.82 13.93 -6.83
C GLY A 9 -25.64 14.70 -7.38
N PRO A 10 -25.67 16.03 -7.21
CA PRO A 10 -24.61 16.92 -7.70
C PRO A 10 -23.31 16.74 -6.90
N ILE A 11 -22.19 17.14 -7.52
CA ILE A 11 -20.89 17.03 -6.87
C ILE A 11 -20.21 18.39 -6.80
N LEU A 12 -19.87 18.81 -5.59
CA LEU A 12 -19.20 20.09 -5.38
C LEU A 12 -17.71 19.88 -5.08
N ASP A 13 -17.43 19.02 -4.11
CA ASP A 13 -16.06 18.73 -3.72
C ASP A 13 -15.36 17.88 -4.78
N LYS A 14 -14.24 17.28 -4.40
CA LYS A 14 -13.48 16.43 -5.32
C LYS A 14 -14.34 15.29 -5.83
N VAL A 15 -14.24 15.02 -7.13
CA VAL A 15 -15.00 13.94 -7.75
C VAL A 15 -14.08 12.91 -8.39
N VAL A 16 -14.43 11.63 -8.24
CA VAL A 16 -13.64 10.55 -8.81
C VAL A 16 -14.23 10.08 -10.15
N THR A 17 -13.39 10.05 -11.17
CA THR A 17 -13.82 9.63 -12.50
C THR A 17 -13.57 8.14 -12.70
N ALA A 18 -14.61 7.40 -13.07
CA ALA A 18 -14.51 5.97 -13.31
C ALA A 18 -15.53 5.51 -14.34
N LEU A 19 -15.08 4.65 -15.26
CA LEU A 19 -15.96 4.13 -16.29
C LEU A 19 -16.60 5.26 -17.09
N ASP A 20 -15.81 6.28 -17.39
CA ASP A 20 -16.29 7.42 -18.16
C ASP A 20 -17.45 8.11 -17.44
N ARG A 21 -17.52 7.92 -16.12
CA ARG A 21 -18.59 8.51 -15.33
C ARG A 21 -18.02 9.17 -14.07
N THR A 22 -18.77 10.12 -13.52
CA THR A 22 -18.34 10.83 -12.33
C THR A 22 -19.03 10.28 -11.09
N TRP A 23 -18.24 10.04 -10.04
CA TRP A 23 -18.79 9.51 -8.79
C TRP A 23 -18.28 10.31 -7.59
N HIS A 24 -19.04 10.27 -6.50
CA HIS A 24 -18.66 11.00 -5.29
C HIS A 24 -17.45 10.36 -4.64
N PRO A 25 -16.70 11.16 -3.86
CA PRO A 25 -15.50 10.69 -3.16
C PRO A 25 -15.83 9.71 -2.02
N GLU A 26 -16.88 10.03 -1.26
CA GLU A 26 -17.29 9.19 -0.15
C GLU A 26 -18.13 8.01 -0.65
N HIS A 27 -18.62 8.10 -1.88
CA HIS A 27 -19.43 7.05 -2.47
C HIS A 27 -18.57 6.14 -3.35
N PHE A 28 -17.28 6.42 -3.40
CA PHE A 28 -16.36 5.62 -4.20
C PHE A 28 -15.41 4.83 -3.30
N PHE A 29 -15.60 3.50 -3.28
CA PHE A 29 -14.77 2.63 -2.47
C PHE A 29 -14.21 1.48 -3.30
N CYS A 30 -13.04 0.99 -2.90
CA CYS A 30 -12.41 -0.11 -3.62
C CYS A 30 -13.18 -1.40 -3.31
N ALA A 31 -13.66 -2.04 -4.37
CA ALA A 31 -14.41 -3.28 -4.24
C ALA A 31 -13.47 -4.47 -4.04
N GLN A 32 -12.17 -4.21 -4.10
CA GLN A 32 -11.17 -5.26 -3.94
C GLN A 32 -10.62 -5.27 -2.52
N CYS A 33 -10.12 -4.14 -2.08
CA CYS A 33 -9.57 -4.03 -0.74
C CYS A 33 -10.51 -3.16 0.11
N GLY A 34 -11.22 -2.27 -0.58
CA GLY A 34 -12.15 -1.39 0.09
C GLY A 34 -11.55 -0.73 1.32
N ALA A 35 -10.85 0.38 1.10
CA ALA A 35 -10.23 1.11 2.20
C ALA A 35 -9.66 2.44 1.71
N PHE A 36 -10.37 3.08 0.80
CA PHE A 36 -9.94 4.36 0.25
C PHE A 36 -11.13 5.20 -0.18
N PHE A 37 -10.87 6.44 -0.57
CA PHE A 37 -11.93 7.35 -1.01
C PHE A 37 -11.70 7.80 -2.45
N GLY A 38 -10.43 7.88 -2.84
CA GLY A 38 -10.10 8.28 -4.19
C GLY A 38 -8.66 8.77 -4.31
N PRO A 39 -7.71 7.84 -4.17
CA PRO A 39 -6.28 8.15 -4.26
C PRO A 39 -5.85 8.51 -5.67
N GLU A 40 -4.54 8.63 -5.88
CA GLU A 40 -4.00 8.97 -7.19
C GLU A 40 -3.62 7.71 -7.96
N GLY A 41 -3.98 7.67 -9.24
CA GLY A 41 -3.66 6.52 -10.07
C GLY A 41 -4.62 5.36 -9.85
N PHE A 42 -5.72 5.37 -10.58
CA PHE A 42 -6.73 4.32 -10.46
C PHE A 42 -6.71 3.41 -11.68
N HIS A 43 -7.06 2.14 -11.47
CA HIS A 43 -7.08 1.16 -12.55
C HIS A 43 -8.46 0.53 -12.68
N GLU A 44 -9.04 0.61 -13.86
CA GLU A 44 -10.36 0.04 -14.11
C GLU A 44 -10.25 -1.41 -14.56
N LYS A 45 -11.08 -2.27 -13.97
CA LYS A 45 -11.08 -3.69 -14.31
C LYS A 45 -12.45 -4.31 -14.09
N ASP A 46 -13.02 -4.89 -15.15
CA ASP A 46 -14.33 -5.51 -15.08
C ASP A 46 -15.37 -4.53 -14.53
N GLY A 47 -15.20 -3.25 -14.87
CA GLY A 47 -16.13 -2.24 -14.41
C GLY A 47 -15.99 -1.96 -12.93
N LYS A 48 -14.89 -2.40 -12.34
CA LYS A 48 -14.64 -2.20 -10.92
C LYS A 48 -13.37 -1.38 -10.71
N ALA A 49 -13.24 -0.78 -9.52
CA ALA A 49 -12.08 0.02 -9.19
C ALA A 49 -11.12 -0.75 -8.29
N TYR A 50 -9.89 -0.93 -8.75
CA TYR A 50 -8.88 -1.65 -7.99
C TYR A 50 -7.65 -0.78 -7.75
N CYS A 51 -7.10 -0.87 -6.54
CA CYS A 51 -5.93 -0.08 -6.20
C CYS A 51 -4.74 -0.62 -6.99
N ARG A 52 -3.64 0.12 -6.92
CA ARG A 52 -2.42 -0.26 -7.63
C ARG A 52 -1.99 -1.68 -7.25
N LYS A 53 -2.04 -1.97 -5.96
CA LYS A 53 -1.65 -3.30 -5.47
C LYS A 53 -2.68 -4.34 -5.87
N ASP A 54 -3.96 -3.98 -5.83
CA ASP A 54 -5.03 -4.88 -6.20
C ASP A 54 -4.89 -5.34 -7.65
N TYR A 55 -4.51 -4.41 -8.52
CA TYR A 55 -4.34 -4.71 -9.93
C TYR A 55 -3.13 -5.63 -10.16
N PHE A 56 -2.06 -5.37 -9.42
CA PHE A 56 -0.85 -6.16 -9.53
C PHE A 56 -1.05 -7.55 -8.93
N ASP A 57 -1.92 -7.63 -7.93
CA ASP A 57 -2.20 -8.90 -7.27
C ASP A 57 -2.86 -9.88 -8.23
N MET A 58 -3.60 -9.35 -9.20
CA MET A 58 -4.28 -10.18 -10.19
C MET A 58 -3.28 -11.01 -10.98
N PHE A 59 -2.06 -10.50 -11.09
CA PHE A 59 -1.00 -11.19 -11.83
C PHE A 59 -0.08 -11.96 -10.88
N ALA A 60 0.60 -11.23 -10.02
CA ALA A 60 1.52 -11.84 -9.06
C ALA A 60 2.03 -10.81 -8.07
N PRO A 61 2.60 -11.30 -6.95
CA PRO A 61 3.14 -10.43 -5.89
C PRO A 61 4.40 -9.71 -6.33
N LYS A 62 4.57 -8.48 -5.84
CA LYS A 62 5.75 -7.68 -6.18
C LYS A 62 6.32 -7.00 -4.94
N CYS A 63 7.63 -7.02 -4.81
CA CYS A 63 8.28 -6.39 -3.67
C CYS A 63 8.47 -4.91 -3.98
N GLY A 64 8.40 -4.10 -2.93
CA GLY A 64 8.56 -2.66 -3.08
C GLY A 64 10.00 -2.23 -2.97
N GLY A 65 10.92 -3.11 -3.34
CA GLY A 65 12.33 -2.79 -3.27
C GLY A 65 13.20 -3.82 -3.98
N CYS A 66 12.96 -5.09 -3.69
CA CYS A 66 13.71 -6.16 -4.32
C CYS A 66 13.47 -6.11 -5.82
N ALA A 67 12.44 -6.84 -6.25
CA ALA A 67 12.08 -6.89 -7.66
C ALA A 67 10.60 -7.14 -7.83
N ARG A 68 10.21 -7.61 -9.02
CA ARG A 68 8.81 -7.90 -9.31
C ARG A 68 8.45 -9.32 -8.89
N ALA A 69 8.96 -10.30 -9.61
CA ALA A 69 8.70 -11.70 -9.33
C ALA A 69 9.15 -12.06 -7.91
N ILE A 70 8.20 -12.51 -7.10
CA ILE A 70 8.50 -12.89 -5.72
C ILE A 70 8.53 -14.40 -5.55
N LEU A 71 9.55 -14.90 -4.85
CA LEU A 71 9.69 -16.34 -4.63
C LEU A 71 8.44 -16.91 -3.97
N GLU A 72 8.47 -18.21 -3.68
CA GLU A 72 7.34 -18.87 -3.05
C GLU A 72 6.88 -18.11 -1.81
N ASN A 73 7.63 -18.25 -0.73
CA ASN A 73 7.29 -17.56 0.52
C ASN A 73 7.07 -16.08 0.30
N TYR A 74 6.00 -15.54 0.87
CA TYR A 74 5.68 -14.12 0.73
C TYR A 74 4.97 -13.60 1.97
N ILE A 75 5.22 -12.33 2.29
CA ILE A 75 4.60 -11.70 3.45
C ILE A 75 3.88 -10.42 3.06
N SER A 76 2.65 -10.25 3.57
CA SER A 76 1.86 -9.06 3.27
C SER A 76 2.03 -8.01 4.37
N ALA A 77 2.68 -6.91 4.02
CA ALA A 77 2.90 -5.83 4.97
C ALA A 77 2.80 -4.46 4.29
N LEU A 78 2.22 -3.50 4.99
CA LEU A 78 2.06 -2.15 4.45
C LEU A 78 1.31 -2.18 3.13
N ASN A 79 0.34 -3.08 3.02
CA ASN A 79 -0.45 -3.21 1.80
C ASN A 79 0.42 -3.66 0.63
N THR A 80 1.62 -4.15 0.94
CA THR A 80 2.55 -4.61 -0.08
C THR A 80 3.16 -5.96 0.29
N LEU A 81 3.44 -6.77 -0.72
CA LEU A 81 4.02 -8.09 -0.51
C LEU A 81 5.54 -8.06 -0.70
N TRP A 82 6.27 -8.40 0.36
CA TRP A 82 7.72 -8.41 0.31
C TRP A 82 8.27 -9.80 0.64
N HIS A 83 9.48 -10.08 0.16
CA HIS A 83 10.11 -11.37 0.41
C HIS A 83 10.37 -11.58 1.89
N PRO A 84 10.46 -12.85 2.30
CA PRO A 84 10.71 -13.21 3.70
C PRO A 84 12.12 -12.85 4.16
N GLU A 85 13.09 -13.08 3.28
CA GLU A 85 14.48 -12.78 3.59
C GLU A 85 14.76 -11.28 3.46
N CYS A 86 13.92 -10.60 2.70
CA CYS A 86 14.09 -9.17 2.51
C CYS A 86 13.27 -8.44 3.57
N PHE A 87 12.62 -9.23 4.42
CA PHE A 87 11.79 -8.68 5.49
C PHE A 87 12.60 -8.52 6.77
N VAL A 88 13.77 -7.89 6.66
CA VAL A 88 14.63 -7.67 7.81
C VAL A 88 15.27 -6.29 7.75
N CYS A 89 15.90 -5.89 8.85
CA CYS A 89 16.56 -4.59 8.91
C CYS A 89 17.77 -4.62 7.98
N ARG A 90 18.13 -3.44 7.49
CA ARG A 90 19.27 -3.30 6.59
C ARG A 90 20.58 -3.47 7.34
N GLU A 91 20.49 -3.63 8.65
CA GLU A 91 21.68 -3.82 9.48
C GLU A 91 21.83 -5.27 9.92
N CYS A 92 20.76 -5.81 10.49
CA CYS A 92 20.78 -7.20 10.95
C CYS A 92 20.66 -8.11 9.73
N PHE A 93 19.75 -7.73 8.84
CA PHE A 93 19.52 -8.50 7.62
C PHE A 93 19.14 -9.94 7.95
N THR A 94 18.87 -10.21 9.23
CA THR A 94 18.51 -11.54 9.68
C THR A 94 17.12 -11.55 10.32
N PRO A 95 16.26 -12.47 9.86
CA PRO A 95 14.90 -12.60 10.38
C PRO A 95 14.87 -13.14 11.81
N PHE A 96 13.83 -12.77 12.55
CA PHE A 96 13.68 -13.22 13.92
C PHE A 96 12.84 -14.49 14.00
N VAL A 97 13.09 -15.29 15.04
CA VAL A 97 12.36 -16.54 15.23
C VAL A 97 11.23 -16.36 16.24
N ASN A 98 10.78 -15.12 16.40
CA ASN A 98 9.70 -14.81 17.33
C ASN A 98 9.28 -13.36 17.23
N GLY A 99 8.01 -13.08 17.52
CA GLY A 99 7.51 -11.72 17.46
C GLY A 99 6.80 -11.44 16.15
N SER A 100 5.77 -10.59 16.21
CA SER A 100 5.00 -10.23 15.02
C SER A 100 5.82 -9.34 14.10
N PHE A 101 5.17 -8.80 13.07
CA PHE A 101 5.82 -7.93 12.11
C PHE A 101 5.66 -6.46 12.51
N PHE A 102 6.71 -5.67 12.30
CA PHE A 102 6.68 -4.26 12.64
C PHE A 102 7.08 -3.41 11.44
N GLU A 103 6.49 -2.22 11.33
CA GLU A 103 6.79 -1.31 10.23
C GLU A 103 7.68 -0.16 10.69
N HIS A 104 8.64 0.20 9.86
CA HIS A 104 9.57 1.29 10.18
C HIS A 104 10.09 1.95 8.92
N ASP A 105 9.82 3.24 8.77
CA ASP A 105 10.26 3.99 7.60
C ASP A 105 9.80 3.33 6.32
N GLY A 106 8.62 2.70 6.38
CA GLY A 106 8.09 2.03 5.21
C GLY A 106 8.85 0.76 4.86
N GLN A 107 9.66 0.29 5.79
CA GLN A 107 10.46 -0.92 5.58
C GLN A 107 10.30 -1.88 6.75
N PRO A 108 10.49 -3.18 6.46
CA PRO A 108 10.37 -4.24 7.48
C PRO A 108 11.50 -4.19 8.50
N TYR A 109 11.15 -4.27 9.78
CA TYR A 109 12.14 -4.24 10.84
C TYR A 109 11.84 -5.30 11.90
N CYS A 110 12.81 -5.54 12.77
CA CYS A 110 12.63 -6.54 13.82
C CYS A 110 11.93 -5.86 15.01
N GLU A 111 11.46 -6.71 15.93
CA GLU A 111 10.76 -6.23 17.11
C GLU A 111 11.69 -5.40 17.99
N VAL A 112 12.88 -5.93 18.26
CA VAL A 112 13.87 -5.24 19.08
C VAL A 112 14.43 -4.02 18.37
N HIS A 113 14.69 -4.17 17.07
CA HIS A 113 15.23 -3.09 16.26
C HIS A 113 14.20 -1.99 16.07
N TYR A 114 12.94 -2.38 15.94
CA TYR A 114 11.86 -1.41 15.74
C TYR A 114 11.74 -0.49 16.96
N HIS A 115 11.67 -1.08 18.15
CA HIS A 115 11.55 -0.32 19.38
C HIS A 115 12.84 0.44 19.67
N GLU A 116 13.97 -0.24 19.52
CA GLU A 116 15.27 0.37 19.76
C GLU A 116 15.51 1.55 18.81
N ARG A 117 14.95 1.45 17.61
CA ARG A 117 15.11 2.50 16.60
C ARG A 117 14.37 3.76 17.03
N ARG A 118 13.31 3.59 17.81
CA ARG A 118 12.52 4.72 18.28
C ARG A 118 13.37 5.68 19.09
N GLY A 119 14.49 5.18 19.62
CA GLY A 119 15.36 6.02 20.42
C GLY A 119 16.76 6.08 19.86
N SER A 120 17.01 7.05 18.98
CA SER A 120 18.32 7.22 18.36
C SER A 120 18.78 8.67 18.45
N PRO A 121 20.10 8.88 18.29
CA PRO A 121 20.69 10.21 18.35
C PRO A 121 20.31 11.07 17.15
N GLU A 122 19.91 12.31 17.41
CA GLU A 122 19.52 13.22 16.35
C GLU A 122 20.69 14.11 15.92
N TYR A 123 21.78 13.48 15.49
CA TYR A 123 22.96 14.20 15.06
C TYR A 123 22.99 14.37 13.54
N PHE A 124 23.22 15.59 13.10
CA PHE A 124 23.28 15.89 11.67
C PHE A 124 24.63 16.48 11.28
N LYS A 125 25.25 15.89 10.26
CA LYS A 125 26.55 16.37 9.79
C LYS A 125 26.51 17.86 9.50
N ASN A 126 27.67 18.51 9.61
CA ASN A 126 27.77 19.94 9.36
C ASN A 126 28.77 20.23 8.24
N GLY A 127 28.63 21.40 7.62
CA GLY A 127 29.53 21.77 6.55
C GLY A 127 28.88 22.72 5.55
ZN ZN B . -22.99 10.32 -4.55
ZN ZN C . -8.12 -1.51 -3.31
ZN ZN D . 11.67 -8.26 -1.37
ZN ZN E . 16.62 -6.36 12.56
N SER A 1 -20.64 20.22 -14.63
CA SER A 1 -19.69 19.85 -13.59
C SER A 1 -19.95 18.43 -13.10
N PRO A 2 -18.93 17.84 -12.45
CA PRO A 2 -19.03 16.48 -11.91
C PRO A 2 -19.97 16.39 -10.72
N ARG A 3 -20.67 15.27 -10.61
CA ARG A 3 -21.62 15.06 -9.52
C ARG A 3 -21.47 13.64 -8.94
N CYS A 4 -21.38 13.56 -7.62
CA CYS A 4 -21.24 12.29 -6.96
C CYS A 4 -22.59 11.58 -6.98
N TYR A 5 -22.65 10.47 -7.71
CA TYR A 5 -23.87 9.68 -7.83
C TYR A 5 -24.14 8.89 -6.55
N TYR A 6 -23.08 8.67 -5.77
CA TYR A 6 -23.20 7.92 -4.53
C TYR A 6 -24.05 8.67 -3.51
N CYS A 7 -24.11 9.99 -3.65
CA CYS A 7 -24.89 10.81 -2.75
C CYS A 7 -25.68 11.82 -3.58
N ASN A 8 -25.70 11.58 -4.90
CA ASN A 8 -26.41 12.45 -5.83
C ASN A 8 -26.17 13.92 -5.48
N GLY A 9 -24.93 14.24 -5.10
CA GLY A 9 -24.60 15.62 -4.76
C GLY A 9 -23.46 16.16 -5.59
N PRO A 10 -23.34 17.49 -5.62
CA PRO A 10 -22.28 18.17 -6.38
C PRO A 10 -20.90 17.96 -5.76
N ILE A 11 -19.86 18.02 -6.60
CA ILE A 11 -18.50 17.84 -6.13
C ILE A 11 -17.66 19.09 -6.39
N LEU A 12 -17.12 19.66 -5.33
CA LEU A 12 -16.29 20.86 -5.44
C LEU A 12 -14.82 20.52 -5.34
N ASP A 13 -14.48 19.65 -4.39
CA ASP A 13 -13.09 19.24 -4.18
C ASP A 13 -12.68 18.22 -5.25
N LYS A 14 -11.58 17.52 -5.00
CA LYS A 14 -11.07 16.52 -5.93
C LYS A 14 -12.12 15.45 -6.19
N VAL A 15 -12.37 15.18 -7.47
CA VAL A 15 -13.35 14.17 -7.86
C VAL A 15 -12.66 12.93 -8.42
N VAL A 16 -13.17 11.75 -8.05
CA VAL A 16 -12.61 10.50 -8.52
C VAL A 16 -13.43 9.92 -9.68
N THR A 17 -12.75 9.53 -10.74
CA THR A 17 -13.40 8.96 -11.91
C THR A 17 -13.50 7.44 -11.82
N ALA A 18 -14.70 6.91 -11.99
CA ALA A 18 -14.92 5.47 -11.92
C ALA A 18 -16.09 5.06 -12.79
N LEU A 19 -15.86 4.11 -13.69
CA LEU A 19 -16.90 3.62 -14.59
C LEU A 19 -17.48 4.76 -15.41
N ASP A 20 -16.62 5.68 -15.85
CA ASP A 20 -17.06 6.82 -16.65
C ASP A 20 -18.01 7.70 -15.86
N ARG A 21 -17.87 7.69 -14.53
CA ARG A 21 -18.73 8.49 -13.66
C ARG A 21 -17.90 9.20 -12.60
N THR A 22 -18.47 10.27 -12.04
CA THR A 22 -17.78 11.03 -11.00
C THR A 22 -18.26 10.63 -9.61
N TRP A 23 -17.31 10.43 -8.70
CA TRP A 23 -17.64 10.04 -7.33
C TRP A 23 -16.89 10.91 -6.33
N HIS A 24 -17.42 11.00 -5.11
CA HIS A 24 -16.81 11.80 -4.07
C HIS A 24 -15.58 11.10 -3.49
N PRO A 25 -14.65 11.88 -2.93
CA PRO A 25 -13.43 11.35 -2.33
C PRO A 25 -13.69 10.58 -1.04
N GLU A 26 -14.57 11.11 -0.20
CA GLU A 26 -14.93 10.47 1.06
C GLU A 26 -15.93 9.35 0.84
N HIS A 27 -16.61 9.38 -0.30
CA HIS A 27 -17.60 8.37 -0.63
C HIS A 27 -17.00 7.28 -1.52
N PHE A 28 -15.70 7.41 -1.81
CA PHE A 28 -15.01 6.44 -2.64
C PHE A 28 -14.00 5.64 -1.82
N PHE A 29 -14.30 4.36 -1.61
CA PHE A 29 -13.43 3.49 -0.84
C PHE A 29 -13.25 2.15 -1.53
N CYS A 30 -12.03 1.63 -1.53
CA CYS A 30 -11.75 0.36 -2.15
C CYS A 30 -12.62 -0.72 -1.49
N ALA A 31 -13.44 -1.37 -2.32
CA ALA A 31 -14.32 -2.42 -1.83
C ALA A 31 -13.58 -3.73 -1.64
N GLN A 32 -12.29 -3.73 -1.97
CA GLN A 32 -11.46 -4.92 -1.84
C GLN A 32 -10.63 -4.86 -0.56
N CYS A 33 -9.87 -3.79 -0.40
CA CYS A 33 -9.04 -3.62 0.78
C CYS A 33 -9.61 -2.47 1.61
N GLY A 34 -10.28 -1.55 0.92
CA GLY A 34 -10.88 -0.41 1.59
C GLY A 34 -9.85 0.40 2.36
N ALA A 35 -8.91 1.01 1.65
CA ALA A 35 -7.88 1.82 2.28
C ALA A 35 -6.98 2.47 1.25
N PHE A 36 -7.57 3.30 0.38
CA PHE A 36 -6.83 3.98 -0.66
C PHE A 36 -6.44 5.39 -0.22
N PHE A 37 -5.72 6.09 -1.08
CA PHE A 37 -5.27 7.45 -0.78
C PHE A 37 -5.50 8.37 -1.97
N GLY A 38 -5.19 7.88 -3.16
CA GLY A 38 -5.36 8.66 -4.36
C GLY A 38 -4.45 8.22 -5.49
N PRO A 39 -4.75 7.05 -6.07
CA PRO A 39 -3.96 6.49 -7.17
C PRO A 39 -4.11 7.29 -8.47
N GLU A 40 -3.55 6.76 -9.54
CA GLU A 40 -3.63 7.43 -10.84
C GLU A 40 -4.05 6.44 -11.93
N GLY A 41 -3.50 5.23 -11.86
CA GLY A 41 -3.83 4.22 -12.85
C GLY A 41 -4.39 2.95 -12.23
N PHE A 42 -5.68 2.95 -11.94
CA PHE A 42 -6.33 1.79 -11.33
C PHE A 42 -7.14 1.02 -12.37
N HIS A 43 -7.39 -0.26 -12.08
CA HIS A 43 -8.14 -1.11 -12.99
C HIS A 43 -9.50 -1.47 -12.38
N GLU A 44 -10.52 -1.50 -13.22
CA GLU A 44 -11.87 -1.83 -12.77
C GLU A 44 -12.17 -3.31 -12.96
N LYS A 45 -12.95 -3.88 -12.04
CA LYS A 45 -13.30 -5.30 -12.11
C LYS A 45 -14.68 -5.53 -11.52
N ASP A 46 -15.57 -6.12 -12.32
CA ASP A 46 -16.93 -6.40 -11.89
C ASP A 46 -17.62 -5.14 -11.37
N GLY A 47 -17.29 -4.01 -11.99
CA GLY A 47 -17.88 -2.74 -11.58
C GLY A 47 -17.37 -2.27 -10.24
N LYS A 48 -16.30 -2.89 -9.76
CA LYS A 48 -15.71 -2.54 -8.47
C LYS A 48 -14.35 -1.87 -8.66
N ALA A 49 -13.91 -1.14 -7.64
CA ALA A 49 -12.63 -0.46 -7.69
C ALA A 49 -11.59 -1.18 -6.84
N TYR A 50 -10.51 -1.62 -7.48
CA TYR A 50 -9.44 -2.32 -6.78
C TYR A 50 -8.12 -1.56 -6.89
N CYS A 51 -7.31 -1.65 -5.84
CA CYS A 51 -6.03 -0.97 -5.83
C CYS A 51 -5.09 -1.70 -6.80
N ARG A 52 -4.06 -0.98 -7.22
CA ARG A 52 -3.07 -1.53 -8.15
C ARG A 52 -2.48 -2.83 -7.59
N LYS A 53 -2.18 -2.83 -6.30
CA LYS A 53 -1.60 -4.00 -5.65
C LYS A 53 -2.64 -5.13 -5.55
N ASP A 54 -3.89 -4.76 -5.27
CA ASP A 54 -4.96 -5.74 -5.15
C ASP A 54 -5.15 -6.50 -6.47
N TYR A 55 -5.03 -5.78 -7.58
CA TYR A 55 -5.19 -6.38 -8.89
C TYR A 55 -4.09 -7.40 -9.17
N PHE A 56 -2.86 -7.05 -8.81
CA PHE A 56 -1.72 -7.93 -9.01
C PHE A 56 -1.79 -9.14 -8.09
N ASP A 57 -2.39 -8.95 -6.93
CA ASP A 57 -2.53 -10.03 -5.95
C ASP A 57 -3.35 -11.18 -6.54
N MET A 58 -4.30 -10.85 -7.40
CA MET A 58 -5.16 -11.85 -8.02
C MET A 58 -4.33 -12.80 -8.89
N PHE A 59 -3.20 -12.31 -9.39
CA PHE A 59 -2.33 -13.13 -10.23
C PHE A 59 -1.15 -13.67 -9.41
N ALA A 60 -0.31 -12.77 -8.92
CA ALA A 60 0.84 -13.15 -8.13
C ALA A 60 1.47 -11.95 -7.44
N PRO A 61 2.22 -12.19 -6.37
CA PRO A 61 2.90 -11.15 -5.60
C PRO A 61 4.05 -10.51 -6.37
N LYS A 62 4.40 -9.29 -5.99
CA LYS A 62 5.49 -8.57 -6.64
C LYS A 62 6.37 -7.86 -5.62
N CYS A 63 7.68 -7.99 -5.78
CA CYS A 63 8.62 -7.36 -4.86
C CYS A 63 8.89 -5.93 -5.36
N GLY A 64 8.81 -4.99 -4.43
CA GLY A 64 9.05 -3.60 -4.77
C GLY A 64 10.33 -3.40 -5.54
N GLY A 65 11.46 -3.47 -4.86
CA GLY A 65 12.74 -3.29 -5.51
C GLY A 65 13.51 -4.58 -5.65
N CYS A 66 12.92 -5.55 -6.33
CA CYS A 66 13.56 -6.84 -6.52
C CYS A 66 12.70 -7.67 -7.48
N ALA A 67 13.30 -8.74 -7.98
CA ALA A 67 12.61 -9.63 -8.91
C ALA A 67 11.10 -9.58 -8.70
N ARG A 68 10.37 -9.36 -9.78
CA ARG A 68 8.91 -9.27 -9.72
C ARG A 68 8.31 -10.60 -9.26
N ALA A 69 8.55 -11.66 -10.03
CA ALA A 69 8.04 -12.98 -9.69
C ALA A 69 8.63 -13.48 -8.37
N ILE A 70 7.75 -13.78 -7.43
CA ILE A 70 8.18 -14.28 -6.12
C ILE A 70 8.02 -15.79 -6.02
N LEU A 71 9.05 -16.46 -5.51
CA LEU A 71 9.01 -17.91 -5.36
C LEU A 71 7.63 -18.38 -4.90
N GLU A 72 7.25 -17.98 -3.69
CA GLU A 72 5.95 -18.35 -3.14
C GLU A 72 5.65 -17.56 -1.87
N ASN A 73 6.33 -17.90 -0.78
CA ASN A 73 6.13 -17.22 0.50
C ASN A 73 6.51 -15.75 0.39
N TYR A 74 5.59 -14.88 0.79
CA TYR A 74 5.83 -13.44 0.74
C TYR A 74 5.46 -12.78 2.07
N ILE A 75 6.03 -11.60 2.32
CA ILE A 75 5.77 -10.87 3.54
C ILE A 75 5.02 -9.58 3.26
N SER A 76 4.02 -9.28 4.09
CA SER A 76 3.22 -8.07 3.92
C SER A 76 3.88 -6.88 4.60
N ALA A 77 4.36 -5.93 3.81
CA ALA A 77 5.01 -4.74 4.33
C ALA A 77 4.75 -3.53 3.45
N LEU A 78 4.31 -2.43 4.05
CA LEU A 78 4.02 -1.21 3.31
C LEU A 78 2.98 -1.46 2.24
N ASN A 79 1.97 -2.26 2.57
CA ASN A 79 0.90 -2.58 1.63
C ASN A 79 1.45 -3.27 0.40
N THR A 80 2.66 -3.82 0.52
CA THR A 80 3.30 -4.52 -0.59
C THR A 80 3.89 -5.85 -0.13
N LEU A 81 3.94 -6.81 -1.03
CA LEU A 81 4.49 -8.13 -0.73
C LEU A 81 5.95 -8.24 -1.16
N TRP A 82 6.79 -8.70 -0.24
CA TRP A 82 8.22 -8.85 -0.52
C TRP A 82 8.72 -10.22 -0.08
N HIS A 83 9.75 -10.72 -0.76
CA HIS A 83 10.32 -12.01 -0.44
C HIS A 83 10.65 -12.11 1.05
N PRO A 84 10.84 -13.34 1.55
CA PRO A 84 11.16 -13.59 2.94
C PRO A 84 12.58 -13.13 3.31
N GLU A 85 13.52 -13.37 2.40
CA GLU A 85 14.90 -12.97 2.62
C GLU A 85 15.14 -11.53 2.19
N CYS A 86 14.17 -10.97 1.47
CA CYS A 86 14.28 -9.60 1.00
C CYS A 86 14.18 -8.67 2.22
N PHE A 87 13.63 -9.21 3.30
CA PHE A 87 13.46 -8.45 4.54
C PHE A 87 14.78 -8.36 5.31
N VAL A 88 15.70 -7.55 4.78
CA VAL A 88 17.00 -7.37 5.42
C VAL A 88 17.57 -5.99 5.13
N CYS A 89 18.22 -5.41 6.12
CA CYS A 89 18.80 -4.08 5.95
C CYS A 89 19.88 -4.16 4.87
N ARG A 90 20.13 -3.02 4.25
CA ARG A 90 21.13 -2.93 3.20
C ARG A 90 22.54 -3.07 3.77
N GLU A 91 22.64 -3.14 5.08
CA GLU A 91 23.93 -3.28 5.75
C GLU A 91 24.13 -4.71 6.25
N CYS A 92 23.16 -5.20 7.01
CA CYS A 92 23.25 -6.55 7.55
C CYS A 92 22.98 -7.54 6.42
N PHE A 93 21.99 -7.19 5.60
CA PHE A 93 21.62 -8.02 4.46
C PHE A 93 21.10 -9.38 4.94
N THR A 94 20.99 -9.54 6.25
CA THR A 94 20.52 -10.79 6.84
C THR A 94 19.26 -10.56 7.68
N PRO A 95 18.34 -11.52 7.63
CA PRO A 95 17.08 -11.45 8.39
C PRO A 95 17.30 -11.60 9.88
N PHE A 96 16.41 -10.99 10.67
CA PHE A 96 16.50 -11.06 12.13
C PHE A 96 15.35 -11.87 12.71
N VAL A 97 15.48 -12.25 13.97
CA VAL A 97 14.46 -13.04 14.65
C VAL A 97 13.27 -12.17 15.05
N ASN A 98 12.34 -12.76 15.77
CA ASN A 98 11.14 -12.04 16.22
C ASN A 98 10.25 -11.69 15.03
N GLY A 99 8.96 -11.99 15.15
CA GLY A 99 8.03 -11.69 14.09
C GLY A 99 7.51 -10.27 14.15
N SER A 100 8.24 -9.35 13.53
CA SER A 100 7.85 -7.94 13.52
C SER A 100 8.44 -7.22 12.31
N PHE A 101 7.56 -6.72 11.45
CA PHE A 101 7.99 -6.01 10.25
C PHE A 101 8.09 -4.50 10.51
N PHE A 102 9.17 -3.89 10.03
CA PHE A 102 9.38 -2.47 10.21
C PHE A 102 9.74 -1.80 8.89
N GLU A 103 9.30 -0.55 8.74
CA GLU A 103 9.57 0.21 7.52
C GLU A 103 10.69 1.22 7.73
N HIS A 104 11.66 1.22 6.82
CA HIS A 104 12.80 2.15 6.92
C HIS A 104 13.23 2.62 5.53
N ASP A 105 13.10 3.91 5.28
CA ASP A 105 13.48 4.48 4.00
C ASP A 105 12.82 3.73 2.85
N GLY A 106 11.58 3.28 3.07
CA GLY A 106 10.87 2.54 2.04
C GLY A 106 11.39 1.13 1.87
N GLN A 107 12.23 0.69 2.80
CA GLN A 107 12.80 -0.65 2.75
C GLN A 107 12.65 -1.36 4.09
N PRO A 108 12.67 -2.70 4.06
CA PRO A 108 12.54 -3.53 5.26
C PRO A 108 13.77 -3.44 6.16
N TYR A 109 13.55 -3.52 7.47
CA TYR A 109 14.64 -3.45 8.43
C TYR A 109 14.48 -4.51 9.51
N CYS A 110 15.54 -4.72 10.29
CA CYS A 110 15.50 -5.70 11.36
C CYS A 110 14.95 -5.02 12.62
N GLU A 111 14.63 -5.85 13.60
CA GLU A 111 14.09 -5.35 14.87
C GLU A 111 15.11 -4.50 15.61
N VAL A 112 16.34 -5.01 15.72
CA VAL A 112 17.40 -4.30 16.40
C VAL A 112 17.86 -3.09 15.59
N HIS A 113 17.93 -3.26 14.28
CA HIS A 113 18.35 -2.18 13.39
C HIS A 113 17.29 -1.08 13.34
N TYR A 114 16.03 -1.49 13.39
CA TYR A 114 14.92 -0.54 13.34
C TYR A 114 14.98 0.45 14.51
N HIS A 115 15.16 -0.08 15.71
CA HIS A 115 15.25 0.75 16.90
C HIS A 115 16.56 1.53 16.93
N GLU A 116 17.64 0.90 16.45
CA GLU A 116 18.94 1.53 16.43
C GLU A 116 18.94 2.75 15.49
N ARG A 117 18.30 2.59 14.34
CA ARG A 117 18.22 3.67 13.36
C ARG A 117 17.46 4.86 13.93
N ARG A 118 16.38 4.58 14.66
CA ARG A 118 15.56 5.63 15.25
C ARG A 118 16.23 6.18 16.51
N GLY A 119 17.00 5.35 17.18
CA GLY A 119 17.68 5.77 18.39
C GLY A 119 16.73 6.40 19.40
N SER A 120 15.48 5.95 19.39
CA SER A 120 14.47 6.48 20.30
C SER A 120 13.38 5.44 20.56
N PRO A 121 12.64 5.64 21.66
CA PRO A 121 11.55 4.73 22.05
C PRO A 121 10.36 4.82 21.10
N GLU A 122 9.92 6.04 20.82
CA GLU A 122 8.79 6.26 19.93
C GLU A 122 8.94 7.57 19.17
N TYR A 123 7.94 7.90 18.36
CA TYR A 123 7.96 9.13 17.57
C TYR A 123 7.47 10.31 18.39
N PHE A 124 7.43 11.49 17.76
CA PHE A 124 6.97 12.70 18.43
C PHE A 124 6.36 13.67 17.44
N LYS A 125 5.21 14.23 17.80
CA LYS A 125 4.51 15.18 16.95
C LYS A 125 5.32 16.44 16.74
N ASN A 126 5.29 16.98 15.53
CA ASN A 126 6.03 18.20 15.21
C ASN A 126 5.13 19.43 15.29
N GLY A 127 3.88 19.26 14.87
CA GLY A 127 2.94 20.36 14.91
C GLY A 127 1.54 19.95 14.52
ZN ZN B . -21.01 11.86 -2.52
ZN ZN C . -7.76 -1.78 -2.39
ZN ZN D . 12.21 -9.48 -3.15
ZN ZN E . 19.31 -5.54 9.63
N SER A 1 -24.69 18.15 -15.01
CA SER A 1 -23.50 17.82 -14.22
C SER A 1 -23.56 16.39 -13.70
N PRO A 2 -22.40 15.84 -13.32
CA PRO A 2 -22.30 14.47 -12.80
C PRO A 2 -22.92 14.34 -11.42
N ARG A 3 -23.57 13.19 -11.18
CA ARG A 3 -24.21 12.93 -9.89
C ARG A 3 -23.68 11.64 -9.28
N CYS A 4 -23.31 11.72 -8.00
CA CYS A 4 -22.80 10.55 -7.31
C CYS A 4 -23.97 9.60 -7.02
N TYR A 5 -23.92 8.44 -7.68
CA TYR A 5 -24.96 7.44 -7.52
C TYR A 5 -24.81 6.71 -6.18
N TYR A 6 -23.61 6.76 -5.61
CA TYR A 6 -23.34 6.11 -4.34
C TYR A 6 -24.14 6.76 -3.22
N CYS A 7 -24.47 8.03 -3.39
CA CYS A 7 -25.25 8.75 -2.39
C CYS A 7 -26.35 9.53 -3.10
N ASN A 8 -26.55 9.19 -4.37
CA ASN A 8 -27.57 9.85 -5.18
C ASN A 8 -27.57 11.35 -4.94
N GLY A 9 -26.37 11.92 -4.84
CA GLY A 9 -26.26 13.36 -4.61
C GLY A 9 -25.43 14.04 -5.67
N PRO A 10 -25.57 15.37 -5.78
CA PRO A 10 -24.84 16.18 -6.76
C PRO A 10 -23.35 16.28 -6.43
N ILE A 11 -22.53 16.47 -7.46
CA ILE A 11 -21.09 16.58 -7.28
C ILE A 11 -20.59 17.94 -7.74
N LEU A 12 -19.98 18.69 -6.82
CA LEU A 12 -19.45 20.01 -7.14
C LEU A 12 -17.92 19.99 -7.18
N ASP A 13 -17.32 19.23 -6.27
CA ASP A 13 -15.87 19.11 -6.20
C ASP A 13 -15.35 18.12 -7.23
N LYS A 14 -14.11 17.66 -7.05
CA LYS A 14 -13.51 16.71 -7.96
C LYS A 14 -14.35 15.45 -8.08
N VAL A 15 -14.64 15.05 -9.31
CA VAL A 15 -15.43 13.84 -9.56
C VAL A 15 -14.57 12.71 -10.11
N VAL A 16 -14.83 11.50 -9.62
CA VAL A 16 -14.07 10.33 -10.07
C VAL A 16 -14.87 9.52 -11.09
N THR A 17 -14.21 9.16 -12.18
CA THR A 17 -14.86 8.39 -13.25
C THR A 17 -14.59 6.90 -13.06
N ALA A 18 -15.66 6.12 -12.95
CA ALA A 18 -15.55 4.68 -12.78
C ALA A 18 -16.76 3.96 -13.35
N LEU A 19 -16.51 2.96 -14.19
CA LEU A 19 -17.59 2.19 -14.80
C LEU A 19 -18.53 3.09 -15.58
N ASP A 20 -17.96 4.06 -16.28
CA ASP A 20 -18.75 5.01 -17.07
C ASP A 20 -19.73 5.77 -16.19
N ARG A 21 -19.40 5.90 -14.91
CA ARG A 21 -20.25 6.60 -13.97
C ARG A 21 -19.44 7.54 -13.09
N THR A 22 -20.10 8.56 -12.55
CA THR A 22 -19.43 9.53 -11.69
C THR A 22 -19.69 9.23 -10.22
N TRP A 23 -18.64 9.26 -9.41
CA TRP A 23 -18.75 8.98 -7.98
C TRP A 23 -18.04 10.06 -7.17
N HIS A 24 -18.45 10.23 -5.91
CA HIS A 24 -17.85 11.21 -5.04
C HIS A 24 -16.46 10.78 -4.59
N PRO A 25 -15.64 11.74 -4.14
CA PRO A 25 -14.28 11.47 -3.69
C PRO A 25 -14.24 10.71 -2.37
N GLU A 26 -15.13 11.10 -1.44
CA GLU A 26 -15.20 10.45 -0.14
C GLU A 26 -15.98 9.14 -0.23
N HIS A 27 -16.75 8.98 -1.31
CA HIS A 27 -17.55 7.79 -1.51
C HIS A 27 -16.81 6.79 -2.40
N PHE A 28 -15.61 7.15 -2.81
CA PHE A 28 -14.80 6.30 -3.68
C PHE A 28 -13.59 5.74 -2.93
N PHE A 29 -13.62 4.44 -2.66
CA PHE A 29 -12.53 3.79 -1.95
C PHE A 29 -12.26 2.40 -2.51
N CYS A 30 -11.00 2.00 -2.51
CA CYS A 30 -10.63 0.69 -3.03
C CYS A 30 -11.39 -0.37 -2.23
N ALA A 31 -12.15 -1.18 -2.95
CA ALA A 31 -12.94 -2.25 -2.33
C ALA A 31 -12.06 -3.47 -2.05
N GLN A 32 -10.80 -3.41 -2.46
CA GLN A 32 -9.87 -4.51 -2.25
C GLN A 32 -8.99 -4.25 -1.03
N CYS A 33 -8.32 -3.11 -1.03
CA CYS A 33 -7.44 -2.77 0.08
C CYS A 33 -8.07 -1.59 0.83
N GLY A 34 -8.87 -0.81 0.10
CA GLY A 34 -9.53 0.34 0.68
C GLY A 34 -8.56 1.25 1.41
N ALA A 35 -7.75 1.98 0.65
CA ALA A 35 -6.78 2.89 1.23
C ALA A 35 -5.99 3.62 0.14
N PHE A 36 -6.62 4.63 -0.46
CA PHE A 36 -5.99 5.41 -1.51
C PHE A 36 -6.20 6.90 -1.30
N PHE A 37 -5.63 7.71 -2.18
CA PHE A 37 -5.76 9.16 -2.09
C PHE A 37 -5.25 9.84 -3.36
N GLY A 38 -6.17 10.40 -4.14
CA GLY A 38 -5.79 11.06 -5.37
C GLY A 38 -5.85 10.14 -6.57
N PRO A 39 -7.06 9.71 -6.93
CA PRO A 39 -7.28 8.80 -8.07
C PRO A 39 -7.03 9.50 -9.40
N GLU A 40 -6.27 8.84 -10.27
CA GLU A 40 -5.96 9.39 -11.59
C GLU A 40 -5.86 8.29 -12.63
N GLY A 41 -4.86 7.42 -12.48
CA GLY A 41 -4.67 6.33 -13.42
C GLY A 41 -4.88 4.98 -12.78
N PHE A 42 -6.13 4.60 -12.59
CA PHE A 42 -6.46 3.31 -11.99
C PHE A 42 -7.12 2.38 -13.00
N HIS A 43 -7.05 1.08 -12.74
CA HIS A 43 -7.65 0.09 -13.63
C HIS A 43 -8.82 -0.62 -12.95
N GLU A 44 -9.94 -0.69 -13.66
CA GLU A 44 -11.13 -1.34 -13.12
C GLU A 44 -11.14 -2.83 -13.44
N LYS A 45 -11.68 -3.63 -12.52
CA LYS A 45 -11.74 -5.07 -12.71
C LYS A 45 -13.01 -5.64 -12.08
N ASP A 46 -13.81 -6.33 -12.87
CA ASP A 46 -15.04 -6.93 -12.40
C ASP A 46 -15.96 -5.87 -11.78
N GLY A 47 -15.92 -4.67 -12.35
CA GLY A 47 -16.75 -3.59 -11.85
C GLY A 47 -16.29 -3.07 -10.50
N LYS A 48 -15.06 -3.42 -10.14
CA LYS A 48 -14.49 -2.98 -8.87
C LYS A 48 -13.19 -2.21 -9.08
N ALA A 49 -12.90 -1.28 -8.19
CA ALA A 49 -11.69 -0.48 -8.29
C ALA A 49 -10.56 -1.10 -7.48
N TYR A 50 -9.46 -1.44 -8.16
CA TYR A 50 -8.31 -2.04 -7.52
C TYR A 50 -7.05 -1.20 -7.73
N CYS A 51 -6.19 -1.16 -6.72
CA CYS A 51 -4.97 -0.40 -6.81
C CYS A 51 -4.00 -1.15 -7.72
N ARG A 52 -2.89 -0.48 -8.04
CA ARG A 52 -1.87 -1.05 -8.90
C ARG A 52 -1.38 -2.38 -8.35
N LYS A 53 -1.14 -2.42 -7.04
CA LYS A 53 -0.66 -3.63 -6.37
C LYS A 53 -1.76 -4.68 -6.31
N ASP A 54 -2.99 -4.23 -6.09
CA ASP A 54 -4.14 -5.13 -6.00
C ASP A 54 -4.31 -5.91 -7.30
N TYR A 55 -4.11 -5.24 -8.43
CA TYR A 55 -4.23 -5.88 -9.73
C TYR A 55 -3.12 -6.89 -9.96
N PHE A 56 -1.91 -6.53 -9.54
CA PHE A 56 -0.75 -7.40 -9.70
C PHE A 56 -0.84 -8.59 -8.74
N ASP A 57 -1.39 -8.35 -7.56
CA ASP A 57 -1.53 -9.40 -6.56
C ASP A 57 -2.40 -10.54 -7.08
N MET A 58 -3.35 -10.21 -7.95
CA MET A 58 -4.25 -11.21 -8.52
C MET A 58 -3.47 -12.27 -9.28
N PHE A 59 -2.29 -11.90 -9.77
CA PHE A 59 -1.44 -12.82 -10.52
C PHE A 59 -0.36 -13.41 -9.62
N ALA A 60 0.42 -12.53 -8.99
CA ALA A 60 1.49 -12.96 -8.10
C ALA A 60 2.23 -11.77 -7.51
N PRO A 61 2.75 -11.95 -6.29
CA PRO A 61 3.49 -10.89 -5.59
C PRO A 61 4.84 -10.59 -6.23
N LYS A 62 5.18 -9.31 -6.32
CA LYS A 62 6.45 -8.89 -6.92
C LYS A 62 7.11 -7.82 -6.08
N CYS A 63 8.44 -7.85 -6.02
CA CYS A 63 9.19 -6.88 -5.24
C CYS A 63 9.20 -5.56 -6.01
N GLY A 64 9.10 -4.46 -5.25
CA GLY A 64 9.10 -3.15 -5.86
C GLY A 64 10.37 -2.86 -6.65
N GLY A 65 11.40 -3.66 -6.40
CA GLY A 65 12.66 -3.46 -7.09
C GLY A 65 13.21 -4.76 -7.65
N CYS A 66 13.14 -5.83 -6.87
CA CYS A 66 13.64 -7.12 -7.31
C CYS A 66 12.80 -7.57 -8.50
N ALA A 67 12.91 -8.87 -8.81
CA ALA A 67 12.17 -9.46 -9.92
C ALA A 67 10.67 -9.35 -9.70
N ARG A 68 9.90 -10.15 -10.44
CA ARG A 68 8.45 -10.14 -10.33
C ARG A 68 7.96 -11.34 -9.54
N ALA A 69 8.53 -12.50 -9.83
CA ALA A 69 8.16 -13.73 -9.15
C ALA A 69 8.79 -13.81 -7.77
N ILE A 70 7.94 -13.90 -6.73
CA ILE A 70 8.43 -13.98 -5.36
C ILE A 70 8.29 -15.39 -4.81
N LEU A 71 9.34 -15.87 -4.15
CA LEU A 71 9.34 -17.21 -3.57
C LEU A 71 8.14 -17.39 -2.64
N GLU A 72 8.06 -18.57 -2.03
CA GLU A 72 6.98 -18.87 -1.10
C GLU A 72 6.78 -17.74 -0.10
N ASN A 73 7.67 -17.65 0.88
CA ASN A 73 7.58 -16.62 1.90
C ASN A 73 7.45 -15.24 1.27
N TYR A 74 6.54 -14.43 1.80
CA TYR A 74 6.31 -13.08 1.29
C TYR A 74 5.85 -12.15 2.39
N ILE A 75 6.04 -10.86 2.18
CA ILE A 75 5.64 -9.86 3.17
C ILE A 75 4.97 -8.67 2.49
N SER A 76 3.89 -8.18 3.10
CA SER A 76 3.16 -7.04 2.56
C SER A 76 3.39 -5.79 3.41
N ALA A 77 3.81 -4.71 2.77
CA ALA A 77 4.07 -3.46 3.48
C ALA A 77 3.98 -2.27 2.52
N LEU A 78 3.45 -1.16 3.01
CA LEU A 78 3.31 0.05 2.21
C LEU A 78 2.41 -0.21 1.00
N ASN A 79 1.39 -1.04 1.19
CA ASN A 79 0.46 -1.38 0.11
C ASN A 79 1.18 -2.11 -1.01
N THR A 80 2.38 -2.59 -0.74
CA THR A 80 3.17 -3.30 -1.72
C THR A 80 3.77 -4.57 -1.14
N LEU A 81 3.89 -5.61 -1.96
CA LEU A 81 4.45 -6.89 -1.52
C LEU A 81 5.94 -6.96 -1.85
N TRP A 82 6.73 -7.38 -0.87
CA TRP A 82 8.17 -7.51 -1.06
C TRP A 82 8.69 -8.83 -0.48
N HIS A 83 9.80 -9.31 -1.02
CA HIS A 83 10.40 -10.56 -0.55
C HIS A 83 10.53 -10.56 0.97
N PRO A 84 10.69 -11.76 1.54
CA PRO A 84 10.84 -11.93 3.00
C PRO A 84 12.16 -11.39 3.52
N GLU A 85 13.22 -11.58 2.74
CA GLU A 85 14.55 -11.10 3.13
C GLU A 85 14.71 -9.61 2.79
N CYS A 86 13.89 -9.13 1.88
CA CYS A 86 13.95 -7.73 1.49
C CYS A 86 13.37 -6.88 2.62
N PHE A 87 12.60 -7.55 3.48
CA PHE A 87 11.96 -6.89 4.61
C PHE A 87 12.87 -6.92 5.84
N VAL A 88 13.98 -6.20 5.77
CA VAL A 88 14.93 -6.16 6.87
C VAL A 88 15.67 -4.82 6.91
N CYS A 89 16.20 -4.48 8.07
CA CYS A 89 16.93 -3.23 8.22
C CYS A 89 18.26 -3.36 7.47
N ARG A 90 18.79 -2.20 7.06
CA ARG A 90 20.05 -2.16 6.33
C ARG A 90 21.21 -2.47 7.25
N GLU A 91 20.93 -2.64 8.53
CA GLU A 91 21.97 -2.93 9.52
C GLU A 91 21.90 -4.40 9.94
N CYS A 92 20.73 -4.83 10.36
CA CYS A 92 20.54 -6.21 10.79
C CYS A 92 20.50 -7.10 9.55
N PHE A 93 19.79 -6.61 8.53
CA PHE A 93 19.65 -7.34 7.28
C PHE A 93 18.95 -8.68 7.50
N THR A 94 18.51 -8.91 8.74
CA THR A 94 17.84 -10.16 9.08
C THR A 94 16.42 -9.88 9.56
N PRO A 95 15.46 -10.70 9.08
CA PRO A 95 14.05 -10.56 9.46
C PRO A 95 13.79 -10.96 10.90
N PHE A 96 12.76 -10.37 11.50
CA PHE A 96 12.42 -10.66 12.89
C PHE A 96 11.10 -11.42 12.96
N VAL A 97 10.07 -10.90 12.29
CA VAL A 97 8.76 -11.54 12.28
C VAL A 97 8.09 -11.38 10.92
N ASN A 98 7.22 -12.33 10.58
CA ASN A 98 6.51 -12.30 9.31
C ASN A 98 5.06 -11.83 9.50
N GLY A 99 4.84 -11.06 10.57
CA GLY A 99 3.51 -10.55 10.85
C GLY A 99 3.42 -9.05 10.76
N SER A 100 3.27 -8.40 11.92
CA SER A 100 3.17 -6.95 11.97
C SER A 100 4.34 -6.30 11.24
N PHE A 101 4.04 -5.65 10.12
CA PHE A 101 5.06 -4.98 9.33
C PHE A 101 5.18 -3.50 9.71
N PHE A 102 6.41 -3.05 9.91
CA PHE A 102 6.65 -1.66 10.29
C PHE A 102 7.35 -0.91 9.16
N GLU A 103 7.01 0.37 9.01
CA GLU A 103 7.60 1.20 7.96
C GLU A 103 8.53 2.25 8.56
N HIS A 104 9.67 2.47 7.89
CA HIS A 104 10.65 3.44 8.35
C HIS A 104 11.40 4.05 7.18
N ASP A 105 11.27 5.36 7.01
CA ASP A 105 11.94 6.06 5.93
C ASP A 105 11.63 5.42 4.58
N GLY A 106 10.40 4.92 4.45
CA GLY A 106 10.00 4.28 3.21
C GLY A 106 10.66 2.94 3.00
N GLN A 107 11.26 2.40 4.07
CA GLN A 107 11.92 1.11 4.00
C GLN A 107 11.47 0.20 5.14
N PRO A 108 11.58 -1.12 4.92
CA PRO A 108 11.17 -2.13 5.91
C PRO A 108 12.11 -2.16 7.12
N TYR A 109 11.53 -2.31 8.30
CA TYR A 109 12.31 -2.35 9.53
C TYR A 109 11.79 -3.42 10.48
N CYS A 110 12.56 -3.74 11.50
CA CYS A 110 12.17 -4.74 12.47
C CYS A 110 11.34 -4.06 13.56
N GLU A 111 10.70 -4.88 14.38
CA GLU A 111 9.86 -4.38 15.46
C GLU A 111 10.70 -3.63 16.49
N VAL A 112 11.80 -4.25 16.91
CA VAL A 112 12.69 -3.63 17.90
C VAL A 112 13.46 -2.48 17.28
N HIS A 113 13.88 -2.64 16.03
CA HIS A 113 14.64 -1.61 15.33
C HIS A 113 13.75 -0.40 15.03
N TYR A 114 12.49 -0.67 14.69
CA TYR A 114 11.54 0.39 14.38
C TYR A 114 11.25 1.24 15.60
N HIS A 115 10.93 0.58 16.71
CA HIS A 115 10.62 1.28 17.96
C HIS A 115 11.86 1.96 18.52
N GLU A 116 13.02 1.31 18.34
CA GLU A 116 14.27 1.85 18.84
C GLU A 116 14.60 3.19 18.17
N ARG A 117 14.18 3.33 16.91
CA ARG A 117 14.42 4.57 16.17
C ARG A 117 13.49 5.68 16.64
N ARG A 118 12.25 5.31 16.92
CA ARG A 118 11.25 6.28 17.38
C ARG A 118 11.39 6.52 18.88
N GLY A 119 12.20 5.71 19.54
CA GLY A 119 12.40 5.85 20.97
C GLY A 119 13.31 7.01 21.32
N SER A 120 12.86 8.22 21.02
CA SER A 120 13.65 9.42 21.30
C SER A 120 14.94 9.42 20.49
N PRO A 121 15.54 10.61 20.33
CA PRO A 121 16.78 10.77 19.59
C PRO A 121 17.99 10.15 20.31
N GLU A 122 18.52 9.08 19.73
CA GLU A 122 19.67 8.39 20.33
C GLU A 122 20.86 9.33 20.43
N TYR A 123 21.89 8.89 21.14
CA TYR A 123 23.10 9.68 21.33
C TYR A 123 24.30 9.02 20.64
N PHE A 124 24.28 7.69 20.59
CA PHE A 124 25.36 6.94 19.98
C PHE A 124 25.65 7.44 18.57
N LYS A 125 24.60 7.53 17.76
CA LYS A 125 24.72 8.00 16.38
C LYS A 125 23.42 8.65 15.90
N ASN A 126 23.52 9.90 15.44
CA ASN A 126 22.36 10.62 14.95
C ASN A 126 22.55 11.04 13.50
N GLY A 127 21.48 10.94 12.72
CA GLY A 127 21.54 11.31 11.31
C GLY A 127 21.25 12.78 11.09
ZN ZN B . -21.65 10.61 -2.98
ZN ZN C . -6.46 -1.08 -3.29
ZN ZN D . 12.84 -8.29 -3.01
ZN ZN E . 16.30 -4.96 11.80
N SER A 1 -29.30 12.78 -19.26
CA SER A 1 -28.37 13.38 -18.32
C SER A 1 -27.76 12.32 -17.40
N PRO A 2 -26.63 12.66 -16.76
CA PRO A 2 -25.93 11.75 -15.85
C PRO A 2 -26.70 11.52 -14.55
N ARG A 3 -26.82 10.27 -14.15
CA ARG A 3 -27.53 9.92 -12.92
C ARG A 3 -26.75 8.88 -12.12
N CYS A 4 -26.60 9.13 -10.82
CA CYS A 4 -25.88 8.22 -9.96
C CYS A 4 -26.78 7.00 -9.69
N TYR A 5 -26.35 5.86 -10.20
CA TYR A 5 -27.10 4.62 -10.03
C TYR A 5 -26.92 4.06 -8.62
N TYR A 6 -25.85 4.50 -7.95
CA TYR A 6 -25.56 4.04 -6.60
C TYR A 6 -26.64 4.51 -5.63
N CYS A 7 -27.27 5.62 -5.95
CA CYS A 7 -28.33 6.17 -5.11
C CYS A 7 -29.50 6.57 -5.99
N ASN A 8 -29.46 6.10 -7.24
CA ASN A 8 -30.50 6.40 -8.20
C ASN A 8 -30.87 7.89 -8.17
N GLY A 9 -29.88 8.73 -7.90
CA GLY A 9 -30.12 10.16 -7.85
C GLY A 9 -29.50 10.90 -9.02
N PRO A 10 -30.11 12.02 -9.41
CA PRO A 10 -29.63 12.84 -10.52
C PRO A 10 -28.33 13.57 -10.19
N ILE A 11 -27.41 13.59 -11.14
CA ILE A 11 -26.13 14.26 -10.94
C ILE A 11 -26.07 15.57 -11.72
N LEU A 12 -25.92 16.68 -10.99
CA LEU A 12 -25.84 18.00 -11.61
C LEU A 12 -24.54 18.69 -11.24
N ASP A 13 -24.05 18.42 -10.04
CA ASP A 13 -22.81 19.02 -9.56
C ASP A 13 -21.61 18.14 -9.92
N LYS A 14 -21.15 17.35 -8.94
CA LYS A 14 -20.01 16.46 -9.15
C LYS A 14 -20.46 15.15 -9.78
N VAL A 15 -19.80 14.77 -10.86
CA VAL A 15 -20.11 13.53 -11.57
C VAL A 15 -18.86 12.72 -11.85
N VAL A 16 -18.94 11.41 -11.63
CA VAL A 16 -17.81 10.52 -11.87
C VAL A 16 -18.11 9.53 -12.99
N THR A 17 -17.23 9.48 -13.98
CA THR A 17 -17.40 8.58 -15.11
C THR A 17 -16.70 7.25 -14.87
N ALA A 18 -17.48 6.17 -14.80
CA ALA A 18 -16.93 4.84 -14.58
C ALA A 18 -17.81 3.77 -15.21
N LEU A 19 -17.19 2.86 -15.95
CA LEU A 19 -17.92 1.78 -16.60
C LEU A 19 -19.00 2.34 -17.53
N ASP A 20 -18.69 3.44 -18.20
CA ASP A 20 -19.64 4.07 -19.11
C ASP A 20 -20.86 4.57 -18.37
N ARG A 21 -20.75 4.68 -17.05
CA ARG A 21 -21.85 5.14 -16.22
C ARG A 21 -21.41 6.30 -15.32
N THR A 22 -22.38 7.08 -14.85
CA THR A 22 -22.10 8.22 -13.99
C THR A 22 -22.37 7.88 -12.53
N TRP A 23 -21.43 8.25 -11.66
CA TRP A 23 -21.58 7.98 -10.23
C TRP A 23 -21.29 9.24 -9.42
N HIS A 24 -21.85 9.30 -8.20
CA HIS A 24 -21.65 10.45 -7.33
C HIS A 24 -20.25 10.41 -6.70
N PRO A 25 -19.79 11.57 -6.22
CA PRO A 25 -18.48 11.70 -5.58
C PRO A 25 -18.42 11.00 -4.23
N GLU A 26 -19.47 11.15 -3.45
CA GLU A 26 -19.54 10.53 -2.13
C GLU A 26 -19.92 9.05 -2.24
N HIS A 27 -20.50 8.68 -3.37
CA HIS A 27 -20.91 7.31 -3.60
C HIS A 27 -19.86 6.55 -4.41
N PHE A 28 -18.77 7.23 -4.75
CA PHE A 28 -17.70 6.64 -5.52
C PHE A 28 -16.44 6.47 -4.67
N PHE A 29 -16.12 5.22 -4.35
CA PHE A 29 -14.94 4.92 -3.53
C PHE A 29 -14.28 3.62 -3.99
N CYS A 30 -12.98 3.53 -3.75
CA CYS A 30 -12.25 2.34 -4.15
C CYS A 30 -12.83 1.13 -3.38
N ALA A 31 -13.27 0.16 -4.16
CA ALA A 31 -13.85 -1.06 -3.59
C ALA A 31 -12.77 -2.02 -3.11
N GLN A 32 -11.51 -1.66 -3.35
CA GLN A 32 -10.38 -2.49 -2.94
C GLN A 32 -9.79 -1.98 -1.64
N CYS A 33 -9.42 -0.71 -1.61
CA CYS A 33 -8.83 -0.13 -0.41
C CYS A 33 -9.83 0.86 0.18
N GLY A 34 -10.67 1.41 -0.70
CA GLY A 34 -11.68 2.36 -0.27
C GLY A 34 -11.09 3.48 0.57
N ALA A 35 -10.38 4.39 -0.09
CA ALA A 35 -9.77 5.52 0.60
C ALA A 35 -9.07 6.45 -0.39
N PHE A 36 -9.72 6.70 -1.52
CA PHE A 36 -9.16 7.57 -2.55
C PHE A 36 -9.45 9.04 -2.22
N PHE A 37 -8.92 9.93 -3.06
CA PHE A 37 -9.11 11.36 -2.86
C PHE A 37 -9.58 12.04 -4.15
N GLY A 38 -8.99 11.63 -5.27
CA GLY A 38 -9.36 12.19 -6.55
C GLY A 38 -8.22 12.14 -7.56
N PRO A 39 -7.83 10.91 -7.95
CA PRO A 39 -6.75 10.69 -8.91
C PRO A 39 -7.13 11.13 -10.32
N GLU A 40 -6.28 10.81 -11.29
CA GLU A 40 -6.54 11.17 -12.69
C GLU A 40 -5.98 10.11 -13.63
N GLY A 41 -6.47 8.88 -13.48
CA GLY A 41 -6.01 7.79 -14.33
C GLY A 41 -5.97 6.47 -13.60
N PHE A 42 -7.15 5.89 -13.39
CA PHE A 42 -7.24 4.60 -12.69
C PHE A 42 -7.51 3.48 -13.68
N HIS A 43 -7.15 2.25 -13.28
CA HIS A 43 -7.36 1.08 -14.13
C HIS A 43 -8.65 0.36 -13.74
N GLU A 44 -9.42 -0.05 -14.76
CA GLU A 44 -10.67 -0.75 -14.53
C GLU A 44 -10.44 -2.26 -14.48
N LYS A 45 -11.12 -2.93 -13.54
CA LYS A 45 -11.00 -4.38 -13.40
C LYS A 45 -12.27 -4.97 -12.81
N ASP A 46 -12.86 -5.92 -13.54
CA ASP A 46 -14.08 -6.57 -13.09
C ASP A 46 -15.17 -5.55 -12.80
N GLY A 47 -15.16 -4.46 -13.56
CA GLY A 47 -16.16 -3.42 -13.38
C GLY A 47 -15.96 -2.65 -12.08
N LYS A 48 -14.82 -2.87 -11.43
CA LYS A 48 -14.51 -2.20 -10.18
C LYS A 48 -13.33 -1.26 -10.34
N ALA A 49 -13.25 -0.26 -9.46
CA ALA A 49 -12.15 0.70 -9.51
C ALA A 49 -11.08 0.38 -8.47
N TYR A 50 -9.86 0.16 -8.95
CA TYR A 50 -8.74 -0.17 -8.07
C TYR A 50 -7.61 0.85 -8.22
N CYS A 51 -7.01 1.22 -7.10
CA CYS A 51 -5.92 2.17 -7.12
C CYS A 51 -4.72 1.52 -7.81
N ARG A 52 -3.70 2.33 -8.05
CA ARG A 52 -2.49 1.86 -8.71
C ARG A 52 -1.88 0.69 -7.95
N LYS A 53 -1.82 0.81 -6.63
CA LYS A 53 -1.27 -0.25 -5.78
C LYS A 53 -2.21 -1.46 -5.75
N ASP A 54 -3.51 -1.19 -5.71
CA ASP A 54 -4.51 -2.26 -5.67
C ASP A 54 -4.40 -3.14 -6.92
N TYR A 55 -4.22 -2.51 -8.07
CA TYR A 55 -4.10 -3.24 -9.33
C TYR A 55 -2.94 -4.22 -9.29
N PHE A 56 -1.79 -3.74 -8.82
CA PHE A 56 -0.59 -4.58 -8.74
C PHE A 56 -0.78 -5.69 -7.70
N ASP A 57 -1.62 -5.42 -6.71
CA ASP A 57 -1.89 -6.40 -5.66
C ASP A 57 -2.45 -7.68 -6.24
N MET A 58 -3.29 -7.55 -7.26
CA MET A 58 -3.90 -8.71 -7.91
C MET A 58 -2.83 -9.61 -8.50
N PHE A 59 -1.68 -9.03 -8.84
CA PHE A 59 -0.58 -9.79 -9.42
C PHE A 59 0.60 -9.86 -8.45
N ALA A 60 0.30 -10.09 -7.18
CA ALA A 60 1.33 -10.19 -6.15
C ALA A 60 2.00 -8.84 -5.92
N PRO A 61 2.51 -8.64 -4.69
CA PRO A 61 3.18 -7.39 -4.32
C PRO A 61 4.53 -7.23 -5.01
N LYS A 62 5.04 -6.00 -5.01
CA LYS A 62 6.33 -5.72 -5.64
C LYS A 62 7.24 -4.96 -4.68
N CYS A 63 8.49 -5.38 -4.63
CA CYS A 63 9.47 -4.73 -3.75
C CYS A 63 10.02 -3.50 -4.46
N GLY A 64 10.32 -2.49 -3.67
CA GLY A 64 10.86 -1.25 -4.22
C GLY A 64 12.38 -1.29 -4.35
N GLY A 65 12.94 -2.48 -4.31
CA GLY A 65 14.39 -2.63 -4.43
C GLY A 65 14.80 -4.03 -4.83
N CYS A 66 14.30 -5.02 -4.10
CA CYS A 66 14.63 -6.40 -4.39
C CYS A 66 14.31 -6.68 -5.87
N ALA A 67 13.05 -6.99 -6.12
CA ALA A 67 12.59 -7.28 -7.48
C ALA A 67 11.09 -7.02 -7.61
N ARG A 68 10.50 -7.57 -8.66
CA ARG A 68 9.07 -7.40 -8.91
C ARG A 68 8.26 -8.51 -8.24
N ALA A 69 8.34 -9.72 -8.79
CA ALA A 69 7.63 -10.86 -8.25
C ALA A 69 8.05 -11.14 -6.81
N ILE A 70 7.09 -11.11 -5.89
CA ILE A 70 7.37 -11.36 -4.49
C ILE A 70 6.88 -12.74 -4.08
N LEU A 71 7.71 -13.46 -3.32
CA LEU A 71 7.36 -14.80 -2.85
C LEU A 71 6.04 -14.79 -2.10
N GLU A 72 5.63 -15.95 -1.61
CA GLU A 72 4.38 -16.07 -0.87
C GLU A 72 4.29 -14.99 0.21
N ASN A 73 5.02 -15.19 1.30
CA ASN A 73 5.02 -14.23 2.41
C ASN A 73 5.40 -12.83 1.92
N TYR A 74 4.68 -11.83 2.41
CA TYR A 74 4.96 -10.45 2.03
C TYR A 74 4.61 -9.49 3.17
N ILE A 75 5.14 -8.28 3.09
CA ILE A 75 4.88 -7.27 4.11
C ILE A 75 4.60 -5.91 3.48
N SER A 76 3.61 -5.20 4.03
CA SER A 76 3.23 -3.89 3.52
C SER A 76 3.70 -2.79 4.47
N ALA A 77 4.54 -1.90 3.96
CA ALA A 77 5.08 -0.80 4.75
C ALA A 77 5.49 0.37 3.86
N LEU A 78 5.26 1.59 4.36
CA LEU A 78 5.62 2.79 3.60
C LEU A 78 4.89 2.83 2.26
N ASN A 79 3.63 2.42 2.28
CA ASN A 79 2.81 2.42 1.07
C ASN A 79 3.42 1.51 0.01
N THR A 80 4.37 0.67 0.43
CA THR A 80 5.03 -0.26 -0.49
C THR A 80 5.13 -1.65 0.11
N LEU A 81 5.05 -2.67 -0.74
CA LEU A 81 5.13 -4.05 -0.29
C LEU A 81 6.54 -4.61 -0.49
N TRP A 82 7.17 -5.01 0.60
CA TRP A 82 8.52 -5.56 0.54
C TRP A 82 8.56 -6.96 1.14
N HIS A 83 9.49 -7.79 0.67
CA HIS A 83 9.63 -9.15 1.16
C HIS A 83 9.81 -9.16 2.68
N PRO A 84 9.44 -10.30 3.31
CA PRO A 84 9.54 -10.46 4.76
C PRO A 84 10.99 -10.56 5.23
N GLU A 85 11.82 -11.25 4.46
CA GLU A 85 13.23 -11.41 4.80
C GLU A 85 14.04 -10.18 4.39
N CYS A 86 13.51 -9.44 3.41
CA CYS A 86 14.18 -8.25 2.93
C CYS A 86 13.78 -7.07 3.83
N PHE A 87 12.94 -7.38 4.81
CA PHE A 87 12.46 -6.37 5.75
C PHE A 87 13.17 -6.48 7.10
N VAL A 88 14.49 -6.37 7.06
CA VAL A 88 15.30 -6.46 8.28
C VAL A 88 16.44 -5.44 8.26
N CYS A 89 17.09 -5.29 9.40
CA CYS A 89 18.19 -4.34 9.51
C CYS A 89 19.38 -4.89 8.71
N ARG A 90 20.22 -3.98 8.25
CA ARG A 90 21.40 -4.35 7.47
C ARG A 90 22.47 -4.96 8.36
N GLU A 91 22.19 -5.03 9.66
CA GLU A 91 23.12 -5.60 10.62
C GLU A 91 22.63 -6.96 11.11
N CYS A 92 21.40 -7.01 11.58
CA CYS A 92 20.83 -8.25 12.07
C CYS A 92 20.45 -9.12 10.87
N PHE A 93 19.86 -8.48 9.87
CA PHE A 93 19.45 -9.16 8.66
C PHE A 93 18.44 -10.28 8.98
N THR A 94 18.00 -10.33 10.23
CA THR A 94 17.06 -11.35 10.67
C THR A 94 15.79 -10.71 11.21
N PRO A 95 14.63 -11.21 10.77
CA PRO A 95 13.32 -10.71 11.21
C PRO A 95 13.02 -11.06 12.66
N PHE A 96 12.22 -10.22 13.31
CA PHE A 96 11.86 -10.44 14.70
C PHE A 96 10.48 -11.10 14.81
N VAL A 97 9.45 -10.38 14.41
CA VAL A 97 8.09 -10.89 14.46
C VAL A 97 7.23 -10.27 13.36
N ASN A 98 6.37 -11.09 12.76
CA ASN A 98 5.49 -10.63 11.69
C ASN A 98 4.41 -9.70 12.25
N GLY A 99 3.62 -9.13 11.34
CA GLY A 99 2.56 -8.23 11.76
C GLY A 99 3.02 -6.78 11.83
N SER A 100 3.08 -6.25 13.05
CA SER A 100 3.50 -4.87 13.26
C SER A 100 4.84 -4.61 12.59
N PHE A 101 4.81 -3.81 11.51
CA PHE A 101 6.03 -3.49 10.77
C PHE A 101 6.58 -2.13 11.20
N PHE A 102 7.88 -2.07 11.45
CA PHE A 102 8.53 -0.84 11.86
C PHE A 102 9.28 -0.20 10.70
N GLU A 103 9.32 1.14 10.69
CA GLU A 103 10.00 1.88 9.64
C GLU A 103 11.03 2.83 10.22
N HIS A 104 12.19 2.92 9.57
CA HIS A 104 13.27 3.80 10.02
C HIS A 104 14.05 4.35 8.84
N ASP A 105 14.05 5.67 8.70
CA ASP A 105 14.76 6.31 7.61
C ASP A 105 14.35 5.75 6.26
N GLY A 106 13.08 5.37 6.16
CA GLY A 106 12.57 4.81 4.92
C GLY A 106 13.07 3.39 4.67
N GLN A 107 13.61 2.78 5.71
CA GLN A 107 14.14 1.43 5.60
C GLN A 107 13.56 0.53 6.69
N PRO A 108 13.47 -0.78 6.41
CA PRO A 108 12.93 -1.76 7.35
C PRO A 108 13.87 -2.00 8.53
N TYR A 109 13.30 -1.96 9.74
CA TYR A 109 14.09 -2.17 10.95
C TYR A 109 13.30 -2.98 11.97
N CYS A 110 14.00 -3.49 12.97
CA CYS A 110 13.37 -4.29 14.00
C CYS A 110 12.88 -3.34 15.10
N GLU A 111 12.09 -3.91 16.02
CA GLU A 111 11.55 -3.13 17.13
C GLU A 111 12.67 -2.65 18.06
N VAL A 112 13.55 -3.57 18.43
CA VAL A 112 14.67 -3.24 19.31
C VAL A 112 15.69 -2.36 18.60
N HIS A 113 15.96 -2.68 17.35
CA HIS A 113 16.93 -1.91 16.55
C HIS A 113 16.37 -0.53 16.23
N TYR A 114 15.06 -0.46 16.00
CA TYR A 114 14.41 0.81 15.67
C TYR A 114 14.63 1.84 16.78
N HIS A 115 14.38 1.42 18.03
CA HIS A 115 14.56 2.31 19.17
C HIS A 115 16.03 2.60 19.42
N GLU A 116 16.86 1.55 19.34
CA GLU A 116 18.28 1.69 19.56
C GLU A 116 18.91 2.61 18.52
N ARG A 117 18.41 2.53 17.29
CA ARG A 117 18.91 3.36 16.20
C ARG A 117 18.67 4.83 16.48
N ARG A 118 17.64 5.12 17.28
CA ARG A 118 17.30 6.49 17.61
C ARG A 118 18.45 7.18 18.34
N GLY A 119 19.25 6.39 19.05
CA GLY A 119 20.38 6.94 19.77
C GLY A 119 20.59 6.27 21.11
N SER A 120 21.76 5.67 21.31
CA SER A 120 22.08 4.99 22.55
C SER A 120 23.59 4.77 22.68
N PRO A 121 24.04 4.52 23.92
CA PRO A 121 25.46 4.30 24.21
C PRO A 121 25.96 2.97 23.66
N GLU A 122 26.69 3.04 22.55
CA GLU A 122 27.23 1.84 21.93
C GLU A 122 28.19 1.11 22.86
N TYR A 123 28.77 0.02 22.39
CA TYR A 123 29.70 -0.77 23.18
C TYR A 123 31.08 -0.80 22.53
N PHE A 124 31.11 -1.15 21.25
CA PHE A 124 32.36 -1.23 20.50
C PHE A 124 32.25 -0.49 19.17
N LYS A 125 33.39 -0.23 18.54
CA LYS A 125 33.42 0.47 17.27
C LYS A 125 32.83 -0.40 16.16
N ASN A 126 32.99 -1.72 16.29
CA ASN A 126 32.48 -2.65 15.31
C ASN A 126 30.96 -2.53 15.18
N GLY A 127 30.25 -2.85 16.26
CA GLY A 127 28.80 -2.76 16.25
C GLY A 127 28.18 -3.35 17.50
ZN ZN B . -25.41 8.88 -5.58
ZN ZN C . -7.80 1.58 -3.74
ZN ZN D . 12.11 -7.16 -1.08
ZN ZN E . 17.20 -5.74 13.17
N SER A 1 -28.05 16.49 -17.56
CA SER A 1 -26.83 16.41 -16.77
C SER A 1 -26.69 15.02 -16.14
N PRO A 2 -25.44 14.69 -15.74
CA PRO A 2 -25.15 13.39 -15.12
C PRO A 2 -25.73 13.27 -13.72
N ARG A 3 -26.11 12.05 -13.34
CA ARG A 3 -26.69 11.80 -12.03
C ARG A 3 -25.99 10.64 -11.34
N CYS A 4 -25.61 10.84 -10.09
CA CYS A 4 -24.94 9.80 -9.33
C CYS A 4 -25.97 8.75 -8.94
N TYR A 5 -25.80 7.55 -9.50
CA TYR A 5 -26.70 6.44 -9.22
C TYR A 5 -26.44 5.86 -7.84
N TYR A 6 -25.24 6.10 -7.31
CA TYR A 6 -24.87 5.59 -6.00
C TYR A 6 -25.72 6.24 -4.91
N CYS A 7 -26.20 7.44 -5.18
CA CYS A 7 -27.02 8.15 -4.22
C CYS A 7 -28.24 8.72 -4.95
N ASN A 8 -28.43 8.24 -6.17
CA ASN A 8 -29.55 8.68 -7.00
C ASN A 8 -29.74 10.19 -6.89
N GLY A 9 -28.63 10.93 -6.86
CA GLY A 9 -28.70 12.36 -6.76
C GLY A 9 -27.96 13.05 -7.88
N PRO A 10 -28.26 14.35 -8.09
CA PRO A 10 -27.63 15.15 -9.15
C PRO A 10 -26.16 15.44 -8.86
N ILE A 11 -25.38 15.65 -9.91
CA ILE A 11 -23.97 15.94 -9.77
C ILE A 11 -23.62 17.31 -10.33
N LEU A 12 -23.09 18.18 -9.48
CA LEU A 12 -22.72 19.53 -9.89
C LEU A 12 -21.20 19.64 -10.08
N ASP A 13 -20.45 19.06 -9.15
CA ASP A 13 -18.99 19.09 -9.22
C ASP A 13 -18.48 18.11 -10.27
N LYS A 14 -17.18 17.83 -10.21
CA LYS A 14 -16.56 16.91 -11.15
C LYS A 14 -17.23 15.54 -11.10
N VAL A 15 -17.61 15.02 -12.26
CA VAL A 15 -18.26 13.72 -12.34
C VAL A 15 -17.28 12.64 -12.81
N VAL A 16 -17.36 11.47 -12.19
CA VAL A 16 -16.48 10.35 -12.54
C VAL A 16 -17.18 9.38 -13.47
N THR A 17 -16.50 9.01 -14.56
CA THR A 17 -17.06 8.09 -15.53
C THR A 17 -16.64 6.65 -15.23
N ALA A 18 -17.62 5.79 -15.01
CA ALA A 18 -17.36 4.39 -14.70
C ALA A 18 -18.51 3.50 -15.17
N LEU A 19 -18.18 2.49 -15.97
CA LEU A 19 -19.18 1.56 -16.50
C LEU A 19 -20.26 2.32 -17.27
N ASP A 20 -19.85 3.30 -18.05
CA ASP A 20 -20.77 4.09 -18.85
C ASP A 20 -21.80 4.79 -17.95
N ARG A 21 -21.44 4.99 -16.69
CA ARG A 21 -22.33 5.63 -15.73
C ARG A 21 -21.60 6.75 -14.99
N THR A 22 -22.37 7.70 -14.46
CA THR A 22 -21.80 8.82 -13.72
C THR A 22 -21.92 8.61 -12.21
N TRP A 23 -20.82 8.84 -11.50
CA TRP A 23 -20.81 8.68 -10.05
C TRP A 23 -20.18 9.89 -9.37
N HIS A 24 -20.53 10.10 -8.11
CA HIS A 24 -20.01 11.23 -7.34
C HIS A 24 -18.54 10.99 -6.97
N PRO A 25 -17.82 12.09 -6.70
CA PRO A 25 -16.39 12.02 -6.34
C PRO A 25 -16.18 11.42 -4.95
N GLU A 26 -17.03 11.82 -4.00
CA GLU A 26 -16.93 11.30 -2.64
C GLU A 26 -17.59 9.93 -2.52
N HIS A 27 -18.42 9.59 -3.49
CA HIS A 27 -19.10 8.30 -3.50
C HIS A 27 -18.35 7.28 -4.36
N PHE A 28 -17.13 7.63 -4.74
CA PHE A 28 -16.31 6.76 -5.57
C PHE A 28 -15.14 6.19 -4.76
N PHE A 29 -15.20 4.90 -4.48
CA PHE A 29 -14.15 4.23 -3.71
C PHE A 29 -13.90 2.82 -4.24
N CYS A 30 -12.70 2.32 -4.01
CA CYS A 30 -12.36 0.98 -4.46
C CYS A 30 -13.34 -0.02 -3.84
N ALA A 31 -14.02 -0.75 -4.70
CA ALA A 31 -14.99 -1.75 -4.26
C ALA A 31 -14.30 -3.04 -3.83
N GLN A 32 -12.98 -3.08 -3.98
CA GLN A 32 -12.20 -4.26 -3.60
C GLN A 32 -11.57 -4.08 -2.24
N CYS A 33 -10.82 -2.99 -2.08
CA CYS A 33 -10.16 -2.72 -0.80
C CYS A 33 -10.87 -1.53 -0.15
N GLY A 34 -11.43 -0.67 -0.99
CA GLY A 34 -12.13 0.50 -0.51
C GLY A 34 -11.28 1.34 0.42
N ALA A 35 -10.29 2.04 -0.16
CA ALA A 35 -9.40 2.89 0.62
C ALA A 35 -8.56 3.77 -0.29
N PHE A 36 -9.14 4.20 -1.41
CA PHE A 36 -8.43 5.05 -2.36
C PHE A 36 -9.41 5.89 -3.16
N PHE A 37 -8.88 6.82 -3.95
CA PHE A 37 -9.71 7.69 -4.77
C PHE A 37 -9.14 7.82 -6.18
N GLY A 38 -9.92 7.39 -7.17
CA GLY A 38 -9.47 7.46 -8.55
C GLY A 38 -10.55 7.99 -9.48
N PRO A 39 -10.77 9.32 -9.44
CA PRO A 39 -11.78 9.98 -10.27
C PRO A 39 -11.39 9.99 -11.75
N GLU A 40 -10.11 9.75 -12.02
CA GLU A 40 -9.60 9.73 -13.39
C GLU A 40 -8.37 8.85 -13.50
N GLY A 41 -8.18 8.26 -14.68
CA GLY A 41 -7.03 7.39 -14.90
C GLY A 41 -7.09 6.12 -14.08
N PHE A 42 -8.16 5.35 -14.26
CA PHE A 42 -8.34 4.10 -13.52
C PHE A 42 -8.70 2.96 -14.47
N HIS A 43 -8.43 1.74 -14.03
CA HIS A 43 -8.73 0.56 -14.84
C HIS A 43 -9.94 -0.19 -14.30
N GLU A 44 -10.78 -0.67 -15.20
CA GLU A 44 -11.99 -1.40 -14.81
C GLU A 44 -11.79 -2.90 -14.96
N LYS A 45 -12.42 -3.66 -14.07
CA LYS A 45 -12.31 -5.12 -14.09
C LYS A 45 -13.60 -5.77 -13.62
N ASP A 46 -14.17 -6.64 -14.45
CA ASP A 46 -15.41 -7.34 -14.12
C ASP A 46 -16.52 -6.33 -13.81
N GLY A 47 -16.50 -5.19 -14.50
CA GLY A 47 -17.51 -4.18 -14.29
C GLY A 47 -17.33 -3.46 -12.97
N LYS A 48 -16.16 -3.63 -12.34
CA LYS A 48 -15.88 -2.98 -11.06
C LYS A 48 -14.55 -2.22 -11.14
N ALA A 49 -14.48 -1.11 -10.41
CA ALA A 49 -13.28 -0.29 -10.38
C ALA A 49 -12.33 -0.75 -9.28
N TYR A 50 -11.08 -1.01 -9.64
CA TYR A 50 -10.08 -1.46 -8.68
C TYR A 50 -8.90 -0.49 -8.64
N CYS A 51 -8.16 -0.53 -7.54
CA CYS A 51 -7.01 0.34 -7.39
C CYS A 51 -5.78 -0.39 -7.93
N ARG A 52 -4.69 0.35 -8.04
CA ARG A 52 -3.43 -0.20 -8.53
C ARG A 52 -2.95 -1.33 -7.63
N LYS A 53 -3.03 -1.13 -6.33
CA LYS A 53 -2.61 -2.13 -5.36
C LYS A 53 -3.33 -3.45 -5.61
N ASP A 54 -4.64 -3.38 -5.76
CA ASP A 54 -5.45 -4.58 -6.00
C ASP A 54 -5.23 -5.11 -7.42
N TYR A 55 -5.10 -4.20 -8.37
CA TYR A 55 -4.87 -4.59 -9.76
C TYR A 55 -3.62 -5.44 -9.91
N PHE A 56 -2.56 -5.03 -9.23
CA PHE A 56 -1.29 -5.77 -9.27
C PHE A 56 -1.39 -7.08 -8.52
N ASP A 57 -2.26 -7.11 -7.50
CA ASP A 57 -2.45 -8.31 -6.69
C ASP A 57 -2.92 -9.48 -7.55
N MET A 58 -3.65 -9.16 -8.61
CA MET A 58 -4.16 -10.19 -9.52
C MET A 58 -3.02 -10.85 -10.30
N PHE A 59 -1.94 -10.10 -10.47
CA PHE A 59 -0.78 -10.61 -11.20
C PHE A 59 0.30 -11.09 -10.23
N ALA A 60 0.89 -10.14 -9.51
CA ALA A 60 1.94 -10.46 -8.54
C ALA A 60 2.36 -9.22 -7.76
N PRO A 61 2.83 -9.43 -6.52
CA PRO A 61 3.27 -8.35 -5.64
C PRO A 61 4.56 -7.70 -6.14
N LYS A 62 4.82 -6.47 -5.69
CA LYS A 62 6.02 -5.75 -6.07
C LYS A 62 6.65 -5.06 -4.88
N CYS A 63 7.97 -5.16 -4.77
CA CYS A 63 8.68 -4.54 -3.67
C CYS A 63 8.99 -3.08 -4.04
N GLY A 64 8.97 -2.23 -3.02
CA GLY A 64 9.24 -0.81 -3.25
C GLY A 64 10.70 -0.47 -3.04
N GLY A 65 11.58 -1.43 -3.31
CA GLY A 65 13.00 -1.20 -3.14
C GLY A 65 13.84 -2.20 -3.91
N CYS A 66 13.40 -3.45 -3.93
CA CYS A 66 14.13 -4.49 -4.63
C CYS A 66 13.38 -4.82 -5.92
N ALA A 67 13.74 -5.96 -6.51
CA ALA A 67 13.11 -6.40 -7.74
C ALA A 67 11.58 -6.38 -7.64
N ARG A 68 10.92 -6.52 -8.77
CA ARG A 68 9.45 -6.49 -8.80
C ARG A 68 8.88 -7.83 -8.32
N ALA A 69 9.19 -8.90 -9.04
CA ALA A 69 8.71 -10.23 -8.68
C ALA A 69 9.18 -10.62 -7.29
N ILE A 70 8.23 -10.92 -6.41
CA ILE A 70 8.53 -11.32 -5.04
C ILE A 70 8.43 -12.82 -4.87
N LEU A 71 9.44 -13.42 -4.24
CA LEU A 71 9.45 -14.86 -4.01
C LEU A 71 8.20 -15.30 -3.25
N GLU A 72 8.13 -16.59 -2.94
CA GLU A 72 6.99 -17.15 -2.22
C GLU A 72 6.65 -16.29 -1.01
N ASN A 73 7.45 -16.40 0.04
CA ASN A 73 7.24 -15.64 1.26
C ASN A 73 7.23 -14.14 0.97
N TYR A 74 6.31 -13.43 1.61
CA TYR A 74 6.18 -11.99 1.43
C TYR A 74 5.68 -11.31 2.70
N ILE A 75 5.84 -10.00 2.77
CA ILE A 75 5.40 -9.23 3.93
C ILE A 75 4.71 -7.95 3.51
N SER A 76 3.61 -7.63 4.19
CA SER A 76 2.85 -6.42 3.89
C SER A 76 3.13 -5.33 4.90
N ALA A 77 3.66 -4.20 4.43
CA ALA A 77 3.97 -3.08 5.30
C ALA A 77 3.94 -1.76 4.53
N LEU A 78 3.47 -0.70 5.20
CA LEU A 78 3.39 0.61 4.57
C LEU A 78 2.54 0.56 3.30
N ASN A 79 1.46 -0.22 3.35
CA ASN A 79 0.57 -0.35 2.20
C ASN A 79 1.32 -0.91 0.99
N THR A 80 2.49 -1.50 1.24
CA THR A 80 3.30 -2.07 0.18
C THR A 80 3.82 -3.44 0.56
N LEU A 81 3.98 -4.31 -0.43
CA LEU A 81 4.47 -5.67 -0.20
C LEU A 81 5.96 -5.76 -0.48
N TRP A 82 6.73 -6.09 0.55
CA TRP A 82 8.18 -6.21 0.41
C TRP A 82 8.64 -7.63 0.74
N HIS A 83 9.78 -8.01 0.19
CA HIS A 83 10.33 -9.34 0.42
C HIS A 83 10.62 -9.56 1.90
N PRO A 84 10.61 -10.84 2.33
CA PRO A 84 10.86 -11.21 3.73
C PRO A 84 12.30 -10.98 4.13
N GLU A 85 13.23 -11.30 3.22
CA GLU A 85 14.65 -11.13 3.49
C GLU A 85 15.07 -9.67 3.30
N CYS A 86 14.27 -8.92 2.55
CA CYS A 86 14.57 -7.52 2.31
C CYS A 86 13.89 -6.70 3.41
N PHE A 87 13.24 -7.40 4.32
CA PHE A 87 12.54 -6.74 5.42
C PHE A 87 13.37 -6.79 6.70
N VAL A 88 14.58 -6.25 6.63
CA VAL A 88 15.48 -6.22 7.77
C VAL A 88 16.34 -4.96 7.78
N CYS A 89 17.06 -4.75 8.88
CA CYS A 89 17.91 -3.58 9.00
C CYS A 89 19.15 -3.81 8.12
N ARG A 90 19.72 -2.70 7.67
CA ARG A 90 20.92 -2.73 6.83
C ARG A 90 22.15 -3.09 7.65
N GLU A 91 21.97 -3.21 8.95
CA GLU A 91 23.07 -3.56 9.85
C GLU A 91 22.95 -4.99 10.35
N CYS A 92 21.79 -5.33 10.89
CA CYS A 92 21.57 -6.67 11.39
C CYS A 92 21.27 -7.59 10.21
N PHE A 93 20.42 -7.10 9.31
CA PHE A 93 20.04 -7.85 8.13
C PHE A 93 19.36 -9.17 8.51
N THR A 94 19.20 -9.39 9.82
CA THR A 94 18.57 -10.61 10.31
C THR A 94 17.28 -10.28 11.06
N PRO A 95 16.22 -11.04 10.75
CA PRO A 95 14.91 -10.86 11.39
C PRO A 95 14.91 -11.28 12.86
N PHE A 96 14.07 -10.64 13.65
CA PHE A 96 13.98 -10.93 15.08
C PHE A 96 12.84 -10.16 15.73
N VAL A 97 11.62 -10.67 15.58
CA VAL A 97 10.45 -10.03 16.16
C VAL A 97 9.55 -11.04 16.86
N ASN A 98 8.79 -10.57 17.83
CA ASN A 98 7.88 -11.44 18.59
C ASN A 98 6.53 -10.77 18.79
N GLY A 99 6.18 -9.86 17.88
CA GLY A 99 4.91 -9.16 17.98
C GLY A 99 4.41 -8.67 16.64
N SER A 100 4.92 -7.52 16.22
CA SER A 100 4.52 -6.92 14.94
C SER A 100 5.71 -6.28 14.24
N PHE A 101 5.44 -5.63 13.11
CA PHE A 101 6.50 -4.98 12.34
C PHE A 101 6.51 -3.48 12.61
N PHE A 102 7.69 -2.89 12.57
CA PHE A 102 7.85 -1.46 12.81
C PHE A 102 8.37 -0.75 11.57
N GLU A 103 7.93 0.49 11.37
CA GLU A 103 8.37 1.28 10.22
C GLU A 103 9.35 2.36 10.64
N HIS A 104 10.40 2.54 9.83
CA HIS A 104 11.42 3.55 10.12
C HIS A 104 11.98 4.12 8.82
N ASP A 105 11.83 5.43 8.64
CA ASP A 105 12.32 6.10 7.44
C ASP A 105 11.79 5.43 6.17
N GLY A 106 10.58 4.89 6.27
CA GLY A 106 9.98 4.22 5.13
C GLY A 106 10.67 2.91 4.80
N GLN A 107 11.45 2.39 5.74
CA GLN A 107 12.16 1.14 5.55
C GLN A 107 11.91 0.18 6.71
N PRO A 108 11.98 -1.12 6.42
CA PRO A 108 11.77 -2.16 7.43
C PRO A 108 12.90 -2.22 8.46
N TYR A 109 12.52 -2.37 9.72
CA TYR A 109 13.51 -2.43 10.81
C TYR A 109 13.02 -3.34 11.93
N CYS A 110 13.92 -3.69 12.83
CA CYS A 110 13.58 -4.56 13.94
C CYS A 110 12.94 -3.69 15.05
N GLU A 111 12.34 -4.37 16.01
CA GLU A 111 11.70 -3.69 17.13
C GLU A 111 12.71 -2.92 17.96
N VAL A 112 13.81 -3.59 18.30
CA VAL A 112 14.87 -2.98 19.10
C VAL A 112 15.62 -1.93 18.29
N HIS A 113 15.95 -2.26 17.05
CA HIS A 113 16.67 -1.35 16.18
C HIS A 113 15.82 -0.11 15.86
N TYR A 114 14.51 -0.32 15.74
CA TYR A 114 13.59 0.78 15.44
C TYR A 114 13.61 1.82 16.55
N HIS A 115 13.45 1.36 17.79
CA HIS A 115 13.45 2.25 18.95
C HIS A 115 14.85 2.77 19.23
N GLU A 116 15.84 1.90 19.11
CA GLU A 116 17.23 2.27 19.36
C GLU A 116 17.70 3.30 18.34
N ARG A 117 17.25 3.16 17.10
CA ARG A 117 17.63 4.07 16.04
C ARG A 117 17.11 5.48 16.32
N ARG A 118 16.03 5.56 17.10
CA ARG A 118 15.44 6.84 17.44
C ARG A 118 16.43 7.72 18.18
N GLY A 119 17.31 7.10 18.97
CA GLY A 119 18.30 7.85 19.71
C GLY A 119 19.72 7.44 19.36
N SER A 120 20.61 7.48 20.35
CA SER A 120 22.00 7.12 20.13
C SER A 120 22.41 5.96 21.04
N PRO A 121 23.50 5.28 20.66
CA PRO A 121 24.02 4.13 21.42
C PRO A 121 24.62 4.55 22.77
N GLU A 122 24.60 3.64 23.73
CA GLU A 122 25.12 3.91 25.06
C GLU A 122 26.55 3.37 25.19
N TYR A 123 26.87 2.36 24.40
CA TYR A 123 28.20 1.75 24.43
C TYR A 123 29.00 2.13 23.19
N PHE A 124 30.31 2.23 23.35
CA PHE A 124 31.20 2.57 22.25
C PHE A 124 32.22 1.47 21.99
N LYS A 125 32.29 1.02 20.74
CA LYS A 125 33.22 -0.03 20.36
C LYS A 125 34.63 0.30 20.81
N ASN A 126 35.52 -0.69 20.74
CA ASN A 126 36.91 -0.50 21.15
C ASN A 126 37.81 -0.34 19.93
N GLY A 127 37.55 -1.13 18.89
CA GLY A 127 38.33 -1.06 17.68
C GLY A 127 39.44 -2.10 17.66
ZN ZN B . -23.68 10.30 -5.06
ZN ZN C . -8.43 -1.20 -3.93
ZN ZN D . 12.18 -6.36 -1.45
ZN ZN E . 17.56 -5.14 12.81
N SER A 1 -19.55 20.68 -13.20
CA SER A 1 -18.64 20.10 -12.21
C SER A 1 -19.02 18.66 -11.91
N PRO A 2 -18.06 17.89 -11.36
CA PRO A 2 -18.27 16.49 -11.00
C PRO A 2 -19.21 16.32 -9.82
N ARG A 3 -20.13 15.37 -9.94
CA ARG A 3 -21.10 15.10 -8.88
C ARG A 3 -21.07 13.64 -8.46
N CYS A 4 -21.00 13.41 -7.16
CA CYS A 4 -20.96 12.05 -6.64
C CYS A 4 -22.36 11.43 -6.80
N TYR A 5 -22.42 10.42 -7.66
CA TYR A 5 -23.69 9.73 -7.92
C TYR A 5 -24.04 8.79 -6.76
N TYR A 6 -23.04 8.43 -5.98
CA TYR A 6 -23.25 7.54 -4.84
C TYR A 6 -24.11 8.21 -3.77
N CYS A 7 -24.06 9.53 -3.73
CA CYS A 7 -24.83 10.28 -2.76
C CYS A 7 -25.52 11.45 -3.48
N ASN A 8 -25.50 11.37 -4.81
CA ASN A 8 -26.11 12.39 -5.65
C ASN A 8 -25.81 13.78 -5.10
N GLY A 9 -24.57 13.99 -4.65
CA GLY A 9 -24.17 15.27 -4.12
C GLY A 9 -22.96 15.84 -4.81
N PRO A 10 -22.74 17.15 -4.66
CA PRO A 10 -21.61 17.85 -5.28
C PRO A 10 -20.27 17.45 -4.67
N ILE A 11 -19.20 17.58 -5.45
CA ILE A 11 -17.87 17.23 -4.98
C ILE A 11 -16.93 18.44 -5.04
N LEU A 12 -16.38 18.82 -3.91
CA LEU A 12 -15.46 19.95 -3.84
C LEU A 12 -14.02 19.48 -3.75
N ASP A 13 -13.72 18.67 -2.73
CA ASP A 13 -12.38 18.15 -2.54
C ASP A 13 -11.97 17.27 -3.71
N LYS A 14 -10.89 16.51 -3.52
CA LYS A 14 -10.39 15.62 -4.57
C LYS A 14 -11.47 14.66 -5.03
N VAL A 15 -11.66 14.58 -6.34
CA VAL A 15 -12.67 13.69 -6.91
C VAL A 15 -12.02 12.47 -7.55
N VAL A 16 -12.65 11.31 -7.37
CA VAL A 16 -12.13 10.07 -7.93
C VAL A 16 -12.85 9.72 -9.23
N THR A 17 -12.08 9.37 -10.26
CA THR A 17 -12.64 9.01 -11.55
C THR A 17 -12.76 7.50 -11.70
N ALA A 18 -13.98 7.02 -11.87
CA ALA A 18 -14.24 5.60 -12.03
C ALA A 18 -15.48 5.34 -12.86
N LEU A 19 -15.42 4.36 -13.75
CA LEU A 19 -16.54 4.02 -14.61
C LEU A 19 -17.05 5.24 -15.35
N ASP A 20 -16.13 6.10 -15.78
CA ASP A 20 -16.49 7.31 -16.51
C ASP A 20 -17.40 8.21 -15.66
N ARG A 21 -17.32 8.03 -14.34
CA ARG A 21 -18.13 8.82 -13.42
C ARG A 21 -17.31 9.31 -12.24
N THR A 22 -17.80 10.36 -11.59
CA THR A 22 -17.09 10.93 -10.44
C THR A 22 -17.72 10.47 -9.13
N TRP A 23 -16.86 10.07 -8.19
CA TRP A 23 -17.33 9.60 -6.89
C TRP A 23 -16.56 10.28 -5.76
N HIS A 24 -17.18 10.35 -4.58
CA HIS A 24 -16.55 10.98 -3.42
C HIS A 24 -15.42 10.10 -2.89
N PRO A 25 -14.50 10.73 -2.15
CA PRO A 25 -13.35 10.03 -1.56
C PRO A 25 -13.75 9.08 -0.43
N GLU A 26 -14.67 9.54 0.42
CA GLU A 26 -15.15 8.73 1.53
C GLU A 26 -16.20 7.73 1.07
N HIS A 27 -16.78 7.99 -0.10
CA HIS A 27 -17.80 7.10 -0.65
C HIS A 27 -17.19 6.13 -1.66
N PHE A 28 -15.88 6.21 -1.83
CA PHE A 28 -15.17 5.35 -2.76
C PHE A 28 -14.28 4.35 -2.02
N PHE A 29 -14.67 3.09 -2.04
CA PHE A 29 -13.91 2.05 -1.36
C PHE A 29 -13.70 0.84 -2.28
N CYS A 30 -12.53 0.22 -2.17
CA CYS A 30 -12.22 -0.93 -3.00
C CYS A 30 -13.16 -2.07 -2.62
N ALA A 31 -13.89 -2.56 -3.61
CA ALA A 31 -14.84 -3.65 -3.40
C ALA A 31 -14.12 -4.99 -3.32
N GLN A 32 -12.80 -4.97 -3.50
CA GLN A 32 -12.01 -6.19 -3.44
C GLN A 32 -11.31 -6.33 -2.09
N CYS A 33 -10.56 -5.30 -1.71
CA CYS A 33 -9.86 -5.32 -0.44
C CYS A 33 -10.51 -4.29 0.48
N GLY A 34 -11.10 -3.27 -0.14
CA GLY A 34 -11.76 -2.21 0.61
C GLY A 34 -10.84 -1.57 1.63
N ALA A 35 -9.83 -0.85 1.14
CA ALA A 35 -8.88 -0.18 2.01
C ALA A 35 -7.85 0.61 1.21
N PHE A 36 -8.16 1.87 0.95
CA PHE A 36 -7.26 2.73 0.18
C PHE A 36 -7.08 4.09 0.87
N PHE A 37 -6.03 4.80 0.49
CA PHE A 37 -5.75 6.11 1.07
C PHE A 37 -5.30 7.10 -0.01
N GLY A 38 -4.46 6.62 -0.92
CA GLY A 38 -3.97 7.47 -1.99
C GLY A 38 -5.08 8.16 -2.74
N PRO A 39 -4.72 9.19 -3.53
CA PRO A 39 -5.69 9.95 -4.32
C PRO A 39 -6.28 9.14 -5.47
N GLU A 40 -5.41 8.49 -6.24
CA GLU A 40 -5.84 7.68 -7.37
C GLU A 40 -4.75 6.67 -7.76
N GLY A 41 -5.04 5.87 -8.78
CA GLY A 41 -4.10 4.87 -9.23
C GLY A 41 -4.57 3.46 -8.96
N PHE A 42 -5.74 3.11 -9.49
CA PHE A 42 -6.31 1.78 -9.30
C PHE A 42 -6.78 1.20 -10.62
N HIS A 43 -6.86 -0.13 -10.68
CA HIS A 43 -7.30 -0.81 -11.89
C HIS A 43 -8.77 -1.20 -11.81
N GLU A 44 -9.48 -1.06 -12.92
CA GLU A 44 -10.90 -1.39 -12.95
C GLU A 44 -11.11 -2.86 -13.30
N LYS A 45 -11.92 -3.55 -12.51
CA LYS A 45 -12.21 -4.95 -12.74
C LYS A 45 -13.70 -5.25 -12.58
N ASP A 46 -14.30 -5.82 -13.62
CA ASP A 46 -15.72 -6.14 -13.59
C ASP A 46 -16.56 -4.91 -13.26
N GLY A 47 -16.14 -3.76 -13.78
CA GLY A 47 -16.87 -2.53 -13.53
C GLY A 47 -16.71 -2.05 -12.10
N LYS A 48 -15.78 -2.65 -11.38
CA LYS A 48 -15.52 -2.28 -9.98
C LYS A 48 -14.10 -1.76 -9.81
N ALA A 49 -13.87 -1.03 -8.72
CA ALA A 49 -12.56 -0.47 -8.43
C ALA A 49 -11.68 -1.49 -7.72
N TYR A 50 -10.60 -1.90 -8.37
CA TYR A 50 -9.68 -2.88 -7.79
C TYR A 50 -8.29 -2.28 -7.62
N CYS A 51 -7.57 -2.74 -6.61
CA CYS A 51 -6.23 -2.25 -6.34
C CYS A 51 -5.26 -3.01 -7.23
N ARG A 52 -4.10 -2.39 -7.46
CA ARG A 52 -3.06 -2.98 -8.29
C ARG A 52 -2.58 -4.30 -7.69
N LYS A 53 -2.49 -4.35 -6.37
CA LYS A 53 -2.04 -5.54 -5.66
C LYS A 53 -3.08 -6.66 -5.76
N ASP A 54 -4.35 -6.28 -5.67
CA ASP A 54 -5.43 -7.25 -5.76
C ASP A 54 -5.45 -7.94 -7.12
N TYR A 55 -5.20 -7.17 -8.17
CA TYR A 55 -5.19 -7.71 -9.52
C TYR A 55 -4.04 -8.69 -9.71
N PHE A 56 -2.84 -8.27 -9.29
CA PHE A 56 -1.65 -9.10 -9.42
C PHE A 56 -1.73 -10.29 -8.46
N ASP A 57 -2.43 -10.11 -7.34
CA ASP A 57 -2.57 -11.16 -6.35
C ASP A 57 -3.28 -12.38 -6.94
N MET A 58 -4.18 -12.13 -7.89
CA MET A 58 -4.92 -13.20 -8.55
C MET A 58 -3.97 -14.16 -9.25
N PHE A 59 -2.81 -13.65 -9.67
CA PHE A 59 -1.82 -14.46 -10.36
C PHE A 59 -0.70 -14.89 -9.41
N ALA A 60 -0.02 -13.91 -8.82
CA ALA A 60 1.07 -14.18 -7.89
C ALA A 60 1.66 -12.89 -7.34
N PRO A 61 2.25 -12.97 -6.15
CA PRO A 61 2.87 -11.81 -5.49
C PRO A 61 4.15 -11.37 -6.20
N LYS A 62 4.43 -10.06 -6.15
CA LYS A 62 5.62 -9.51 -6.79
C LYS A 62 6.30 -8.51 -5.86
N CYS A 63 7.63 -8.42 -5.96
CA CYS A 63 8.39 -7.51 -5.14
C CYS A 63 8.12 -6.09 -5.63
N GLY A 64 8.07 -5.16 -4.67
CA GLY A 64 7.82 -3.77 -5.00
C GLY A 64 8.76 -3.25 -6.07
N GLY A 65 10.03 -3.63 -5.97
CA GLY A 65 11.01 -3.19 -6.96
C GLY A 65 12.28 -4.01 -6.91
N CYS A 66 12.13 -5.33 -6.90
CA CYS A 66 13.29 -6.21 -6.85
C CYS A 66 13.16 -7.22 -8.00
N ALA A 67 11.94 -7.75 -8.14
CA ALA A 67 11.66 -8.74 -9.18
C ALA A 67 10.17 -8.76 -9.51
N ARG A 68 9.76 -9.78 -10.26
CA ARG A 68 8.36 -9.92 -10.66
C ARG A 68 7.73 -11.13 -9.97
N ALA A 69 8.09 -12.32 -10.43
CA ALA A 69 7.56 -13.55 -9.86
C ALA A 69 8.22 -13.87 -8.53
N ILE A 70 7.40 -14.07 -7.50
CA ILE A 70 7.90 -14.38 -6.16
C ILE A 70 7.83 -15.88 -5.89
N LEU A 71 8.92 -16.43 -5.37
CA LEU A 71 8.97 -17.85 -5.05
C LEU A 71 7.83 -18.26 -4.13
N GLU A 72 7.75 -19.54 -3.80
CA GLU A 72 6.71 -20.06 -2.93
C GLU A 72 6.55 -19.18 -1.69
N ASN A 73 7.55 -19.23 -0.81
CA ASN A 73 7.53 -18.44 0.42
C ASN A 73 7.38 -16.96 0.11
N TYR A 74 6.51 -16.29 0.86
CA TYR A 74 6.28 -14.86 0.67
C TYR A 74 6.07 -14.16 2.01
N ILE A 75 6.26 -12.84 2.01
CA ILE A 75 6.09 -12.05 3.22
C ILE A 75 5.31 -10.76 2.94
N SER A 76 4.39 -10.41 3.83
CA SER A 76 3.59 -9.22 3.68
C SER A 76 4.12 -8.09 4.55
N ALA A 77 4.46 -6.96 3.91
CA ALA A 77 4.98 -5.81 4.63
C ALA A 77 4.71 -4.52 3.86
N LEU A 78 4.47 -3.44 4.59
CA LEU A 78 4.20 -2.14 3.97
C LEU A 78 3.02 -2.23 3.01
N ASN A 79 2.03 -3.04 3.37
CA ASN A 79 0.84 -3.22 2.55
C ASN A 79 1.21 -3.81 1.18
N THR A 80 2.42 -4.34 1.09
CA THR A 80 2.90 -4.95 -0.14
C THR A 80 3.58 -6.29 0.11
N LEU A 81 3.59 -7.14 -0.90
CA LEU A 81 4.20 -8.46 -0.79
C LEU A 81 5.62 -8.46 -1.34
N TRP A 82 6.56 -8.97 -0.56
CA TRP A 82 7.96 -9.03 -0.98
C TRP A 82 8.57 -10.38 -0.64
N HIS A 83 9.59 -10.77 -1.41
CA HIS A 83 10.27 -12.04 -1.19
C HIS A 83 10.62 -12.21 0.30
N PRO A 84 10.96 -13.46 0.68
CA PRO A 84 11.33 -13.78 2.05
C PRO A 84 12.68 -13.19 2.45
N GLU A 85 13.59 -13.11 1.49
CA GLU A 85 14.92 -12.57 1.74
C GLU A 85 14.94 -11.06 1.54
N CYS A 86 13.89 -10.54 0.90
CA CYS A 86 13.80 -9.11 0.65
C CYS A 86 13.22 -8.45 1.90
N PHE A 87 12.91 -9.28 2.89
CA PHE A 87 12.33 -8.80 4.14
C PHE A 87 13.43 -8.37 5.11
N VAL A 88 14.47 -7.73 4.56
CA VAL A 88 15.59 -7.28 5.38
C VAL A 88 16.29 -6.09 4.73
N CYS A 89 17.02 -5.33 5.53
CA CYS A 89 17.73 -4.17 5.02
C CYS A 89 18.89 -4.66 4.15
N ARG A 90 19.31 -3.80 3.23
CA ARG A 90 20.41 -4.12 2.33
C ARG A 90 21.73 -4.11 3.06
N GLU A 91 21.70 -3.74 4.33
CA GLU A 91 22.92 -3.68 5.14
C GLU A 91 22.94 -4.83 6.15
N CYS A 92 21.87 -4.95 6.93
CA CYS A 92 21.79 -6.01 7.92
C CYS A 92 21.45 -7.32 7.20
N PHE A 93 20.51 -7.23 6.27
CA PHE A 93 20.08 -8.39 5.50
C PHE A 93 19.49 -9.46 6.41
N THR A 94 19.42 -9.15 7.70
CA THR A 94 18.88 -10.09 8.68
C THR A 94 17.60 -9.55 9.32
N PRO A 95 16.58 -10.42 9.42
CA PRO A 95 15.29 -10.05 10.00
C PRO A 95 15.38 -9.82 11.50
N PHE A 96 14.50 -8.96 12.03
CA PHE A 96 14.49 -8.66 13.45
C PHE A 96 13.13 -9.00 14.06
N VAL A 97 13.08 -10.09 14.82
CA VAL A 97 11.85 -10.53 15.46
C VAL A 97 11.43 -9.56 16.56
N ASN A 98 10.59 -8.59 16.20
CA ASN A 98 10.11 -7.60 17.16
C ASN A 98 9.07 -6.69 16.52
N GLY A 99 7.90 -6.59 17.15
CA GLY A 99 6.84 -5.76 16.62
C GLY A 99 6.58 -5.99 15.15
N SER A 100 5.95 -5.01 14.50
CA SER A 100 5.64 -5.13 13.08
C SER A 100 6.78 -4.55 12.24
N PHE A 101 6.54 -4.44 10.94
CA PHE A 101 7.54 -3.90 10.02
C PHE A 101 7.16 -2.50 9.56
N PHE A 102 8.12 -1.58 9.64
CA PHE A 102 7.89 -0.20 9.23
C PHE A 102 8.32 0.02 7.78
N GLU A 103 7.64 0.93 7.10
CA GLU A 103 7.95 1.23 5.70
C GLU A 103 8.94 2.39 5.61
N HIS A 104 9.96 2.23 4.78
CA HIS A 104 10.97 3.26 4.59
C HIS A 104 11.31 3.43 3.11
N ASP A 105 11.03 4.61 2.58
CA ASP A 105 11.29 4.90 1.17
C ASP A 105 10.69 3.83 0.27
N GLY A 106 9.55 3.29 0.69
CA GLY A 106 8.89 2.25 -0.09
C GLY A 106 9.65 0.95 -0.09
N GLN A 107 10.57 0.80 0.85
CA GLN A 107 11.38 -0.42 0.96
C GLN A 107 11.32 -0.99 2.37
N PRO A 108 11.49 -2.31 2.49
CA PRO A 108 11.47 -3.00 3.78
C PRO A 108 12.68 -2.67 4.65
N TYR A 109 12.42 -2.41 5.93
CA TYR A 109 13.49 -2.07 6.86
C TYR A 109 13.17 -2.60 8.26
N CYS A 110 14.19 -2.63 9.11
CA CYS A 110 14.01 -3.11 10.48
C CYS A 110 13.50 -1.96 11.33
N GLU A 111 13.04 -2.30 12.52
CA GLU A 111 12.51 -1.30 13.45
C GLU A 111 13.62 -0.34 13.90
N VAL A 112 14.76 -0.89 14.28
CA VAL A 112 15.90 -0.09 14.72
C VAL A 112 16.51 0.68 13.56
N HIS A 113 16.62 0.01 12.41
CA HIS A 113 17.18 0.63 11.22
C HIS A 113 16.27 1.72 10.68
N TYR A 114 14.96 1.49 10.78
CA TYR A 114 13.98 2.46 10.30
C TYR A 114 14.08 3.76 11.07
N HIS A 115 14.08 3.67 12.39
CA HIS A 115 14.18 4.84 13.24
C HIS A 115 15.56 5.48 13.16
N GLU A 116 16.58 4.64 13.04
CA GLU A 116 17.95 5.12 12.94
C GLU A 116 18.18 5.88 11.63
N ARG A 117 17.61 5.36 10.56
CA ARG A 117 17.74 5.99 9.25
C ARG A 117 17.10 7.37 9.24
N ARG A 118 15.95 7.49 9.91
CA ARG A 118 15.23 8.75 9.97
C ARG A 118 15.83 9.66 11.05
N GLY A 119 16.47 9.05 12.05
CA GLY A 119 17.07 9.82 13.12
C GLY A 119 16.10 10.80 13.75
N SER A 120 14.81 10.46 13.71
CA SER A 120 13.78 11.33 14.27
C SER A 120 14.10 11.68 15.72
N PRO A 121 13.47 12.76 16.22
CA PRO A 121 13.68 13.23 17.59
C PRO A 121 13.07 12.28 18.62
N GLU A 122 13.05 12.71 19.87
CA GLU A 122 12.49 11.89 20.95
C GLU A 122 11.27 12.58 21.58
N TYR A 123 10.19 12.66 20.82
CA TYR A 123 8.97 13.30 21.31
C TYR A 123 7.87 12.26 21.54
N PHE A 124 8.28 11.01 21.78
CA PHE A 124 7.34 9.93 22.02
C PHE A 124 7.50 9.36 23.42
N LYS A 125 8.74 9.20 23.85
CA LYS A 125 9.04 8.67 25.18
C LYS A 125 10.38 9.18 25.69
N ASN A 126 10.68 8.91 26.95
CA ASN A 126 11.93 9.34 27.55
C ASN A 126 13.08 8.45 27.10
N GLY A 127 14.17 9.08 26.63
CA GLY A 127 15.32 8.34 26.17
C GLY A 127 15.27 8.05 24.69
ZN ZN B . -20.84 11.05 -2.28
ZN ZN C . -8.29 -3.16 -3.24
ZN ZN D . 12.21 -9.29 -3.71
ZN ZN E . 17.85 -4.09 9.10
N SER A 1 -17.77 21.59 -11.40
CA SER A 1 -16.92 20.86 -10.47
C SER A 1 -17.38 19.41 -10.34
N PRO A 2 -16.48 18.55 -9.85
CA PRO A 2 -16.76 17.12 -9.67
C PRO A 2 -17.76 16.87 -8.54
N ARG A 3 -18.70 15.96 -8.78
CA ARG A 3 -19.71 15.62 -7.79
C ARG A 3 -19.72 14.13 -7.50
N CYS A 4 -19.72 13.78 -6.22
CA CYS A 4 -19.72 12.38 -5.83
C CYS A 4 -21.11 11.81 -6.09
N TYR A 5 -21.17 10.88 -7.03
CA TYR A 5 -22.43 10.24 -7.39
C TYR A 5 -22.85 9.23 -6.34
N TYR A 6 -21.88 8.76 -5.55
CA TYR A 6 -22.16 7.78 -4.51
C TYR A 6 -23.03 8.38 -3.42
N CYS A 7 -22.96 9.70 -3.26
CA CYS A 7 -23.75 10.38 -2.25
C CYS A 7 -24.41 11.60 -2.90
N ASN A 8 -24.33 11.64 -4.23
CA ASN A 8 -24.91 12.73 -5.00
C ASN A 8 -24.61 14.07 -4.34
N GLY A 9 -23.39 14.22 -3.82
CA GLY A 9 -23.00 15.44 -3.17
C GLY A 9 -21.75 16.04 -3.78
N PRO A 10 -21.51 17.34 -3.51
CA PRO A 10 -20.34 18.06 -4.02
C PRO A 10 -19.04 17.58 -3.38
N ILE A 11 -17.94 17.75 -4.10
CA ILE A 11 -16.63 17.35 -3.59
C ILE A 11 -15.68 18.54 -3.50
N LEU A 12 -15.19 18.82 -2.30
CA LEU A 12 -14.28 19.92 -2.08
C LEU A 12 -12.83 19.43 -2.00
N ASP A 13 -12.56 18.54 -1.06
CA ASP A 13 -11.22 17.98 -0.89
C ASP A 13 -10.79 17.22 -2.13
N LYS A 14 -9.73 16.42 -1.99
CA LYS A 14 -9.22 15.64 -3.10
C LYS A 14 -10.30 14.73 -3.68
N VAL A 15 -10.47 14.78 -5.00
CA VAL A 15 -11.47 13.96 -5.66
C VAL A 15 -10.82 12.75 -6.34
N VAL A 16 -11.48 11.60 -6.24
CA VAL A 16 -10.97 10.37 -6.85
C VAL A 16 -11.65 10.10 -8.19
N THR A 17 -10.85 9.79 -9.20
CA THR A 17 -11.36 9.51 -10.52
C THR A 17 -11.55 8.00 -10.73
N ALA A 18 -12.76 7.60 -11.10
CA ALA A 18 -13.07 6.20 -11.33
C ALA A 18 -14.19 6.05 -12.35
N LEU A 19 -13.97 5.21 -13.35
CA LEU A 19 -14.97 4.97 -14.38
C LEU A 19 -15.44 6.28 -15.00
N ASP A 20 -14.49 7.17 -15.28
CA ASP A 20 -14.81 8.47 -15.87
C ASP A 20 -15.76 9.26 -14.98
N ARG A 21 -15.78 8.91 -13.70
CA ARG A 21 -16.65 9.58 -12.74
C ARG A 21 -15.87 9.99 -11.50
N THR A 22 -16.40 10.97 -10.76
CA THR A 22 -15.76 11.46 -9.55
C THR A 22 -16.44 10.91 -8.31
N TRP A 23 -15.63 10.41 -7.37
CA TRP A 23 -16.15 9.86 -6.13
C TRP A 23 -15.39 10.41 -4.93
N HIS A 24 -16.06 10.39 -3.77
CA HIS A 24 -15.44 10.89 -2.54
C HIS A 24 -14.35 9.95 -2.05
N PRO A 25 -13.44 10.46 -1.22
CA PRO A 25 -12.33 9.69 -0.66
C PRO A 25 -12.81 8.65 0.35
N GLU A 26 -13.73 9.06 1.22
CA GLU A 26 -14.27 8.17 2.24
C GLU A 26 -15.34 7.26 1.65
N HIS A 27 -15.86 7.63 0.49
CA HIS A 27 -16.90 6.84 -0.18
C HIS A 27 -16.29 5.91 -1.23
N PHE A 28 -14.96 5.91 -1.30
CA PHE A 28 -14.25 5.07 -2.25
C PHE A 28 -13.53 3.92 -1.54
N PHE A 29 -14.03 2.71 -1.73
CA PHE A 29 -13.44 1.53 -1.11
C PHE A 29 -13.05 0.50 -2.17
N CYS A 30 -11.90 -0.13 -1.97
CA CYS A 30 -11.42 -1.13 -2.90
C CYS A 30 -12.26 -2.40 -2.73
N ALA A 31 -12.88 -2.81 -3.82
CA ALA A 31 -13.72 -4.01 -3.82
C ALA A 31 -12.87 -5.27 -3.86
N GLN A 32 -11.55 -5.10 -3.94
CA GLN A 32 -10.63 -6.24 -3.99
C GLN A 32 -10.02 -6.49 -2.62
N CYS A 33 -9.40 -5.46 -2.05
CA CYS A 33 -8.78 -5.58 -0.75
C CYS A 33 -9.58 -4.75 0.25
N GLY A 34 -10.23 -3.71 -0.28
CA GLY A 34 -11.03 -2.84 0.57
C GLY A 34 -10.22 -2.16 1.64
N ALA A 35 -9.18 -1.45 1.23
CA ALA A 35 -8.32 -0.74 2.18
C ALA A 35 -7.20 0.00 1.45
N PHE A 36 -7.47 1.25 1.09
CA PHE A 36 -6.48 2.08 0.38
C PHE A 36 -6.52 3.52 0.89
N PHE A 37 -5.36 4.16 0.90
CA PHE A 37 -5.25 5.53 1.36
C PHE A 37 -4.17 6.28 0.60
N GLY A 38 -4.55 6.88 -0.52
CA GLY A 38 -3.59 7.61 -1.33
C GLY A 38 -4.26 8.64 -2.22
N PRO A 39 -3.43 9.45 -2.92
CA PRO A 39 -3.92 10.49 -3.83
C PRO A 39 -4.56 9.91 -5.08
N GLU A 40 -3.87 8.96 -5.71
CA GLU A 40 -4.38 8.33 -6.92
C GLU A 40 -3.45 7.20 -7.38
N GLY A 41 -3.94 6.38 -8.29
CA GLY A 41 -3.14 5.27 -8.80
C GLY A 41 -3.82 3.92 -8.55
N PHE A 42 -4.86 3.64 -9.32
CA PHE A 42 -5.58 2.39 -9.19
C PHE A 42 -5.79 1.73 -10.56
N HIS A 43 -6.00 0.41 -10.54
CA HIS A 43 -6.20 -0.33 -11.78
C HIS A 43 -7.69 -0.62 -12.00
N GLU A 44 -8.22 -0.16 -13.12
CA GLU A 44 -9.62 -0.38 -13.44
C GLU A 44 -9.82 -1.69 -14.19
N LYS A 45 -10.73 -2.52 -13.69
CA LYS A 45 -11.01 -3.81 -14.32
C LYS A 45 -12.45 -4.24 -14.04
N ASP A 46 -13.19 -4.54 -15.11
CA ASP A 46 -14.57 -4.97 -15.00
C ASP A 46 -15.40 -3.92 -14.26
N GLY A 47 -15.04 -2.65 -14.46
CA GLY A 47 -15.77 -1.57 -13.82
C GLY A 47 -15.51 -1.52 -12.32
N LYS A 48 -14.49 -2.23 -11.87
CA LYS A 48 -14.14 -2.25 -10.45
C LYS A 48 -12.81 -1.53 -10.21
N ALA A 49 -12.58 -1.13 -8.97
CA ALA A 49 -11.35 -0.44 -8.61
C ALA A 49 -10.43 -1.35 -7.80
N TYR A 50 -9.25 -1.61 -8.35
CA TYR A 50 -8.27 -2.47 -7.68
C TYR A 50 -6.99 -1.71 -7.40
N CYS A 51 -6.30 -2.10 -6.32
CA CYS A 51 -5.06 -1.45 -5.96
C CYS A 51 -3.94 -2.00 -6.84
N ARG A 52 -2.79 -1.34 -6.76
CA ARG A 52 -1.63 -1.75 -7.56
C ARG A 52 -1.30 -3.22 -7.33
N LYS A 53 -1.32 -3.64 -6.08
CA LYS A 53 -1.02 -5.02 -5.72
C LYS A 53 -2.15 -5.95 -6.16
N ASP A 54 -3.39 -5.47 -6.04
CA ASP A 54 -4.55 -6.25 -6.43
C ASP A 54 -4.47 -6.66 -7.89
N TYR A 55 -3.90 -5.79 -8.72
CA TYR A 55 -3.76 -6.05 -10.15
C TYR A 55 -2.75 -7.17 -10.40
N PHE A 56 -1.58 -7.07 -9.75
CA PHE A 56 -0.54 -8.08 -9.91
C PHE A 56 -0.93 -9.37 -9.23
N ASP A 57 -1.75 -9.27 -8.18
CA ASP A 57 -2.20 -10.45 -7.44
C ASP A 57 -2.98 -11.39 -8.36
N MET A 58 -3.70 -10.82 -9.31
CA MET A 58 -4.50 -11.62 -10.24
C MET A 58 -3.60 -12.56 -11.05
N PHE A 59 -2.35 -12.16 -11.22
CA PHE A 59 -1.39 -12.97 -11.98
C PHE A 59 -0.48 -13.75 -11.03
N ALA A 60 0.22 -13.03 -10.16
CA ALA A 60 1.12 -13.67 -9.20
C ALA A 60 1.77 -12.62 -8.29
N PRO A 61 2.28 -13.08 -7.14
CA PRO A 61 2.93 -12.20 -6.17
C PRO A 61 4.28 -11.68 -6.66
N LYS A 62 4.54 -10.40 -6.39
CA LYS A 62 5.78 -9.77 -6.81
C LYS A 62 6.35 -8.88 -5.70
N CYS A 63 7.67 -8.80 -5.63
CA CYS A 63 8.32 -7.99 -4.62
C CYS A 63 8.16 -6.52 -5.02
N GLY A 64 7.95 -5.69 -4.01
CA GLY A 64 7.79 -4.26 -4.24
C GLY A 64 8.90 -3.68 -5.07
N GLY A 65 10.09 -4.30 -5.00
CA GLY A 65 11.23 -3.82 -5.76
C GLY A 65 12.45 -4.69 -5.58
N CYS A 66 12.29 -5.98 -5.86
CA CYS A 66 13.40 -6.91 -5.71
C CYS A 66 13.39 -7.85 -6.91
N ALA A 67 12.22 -8.46 -7.14
CA ALA A 67 12.06 -9.39 -8.26
C ALA A 67 10.61 -9.40 -8.74
N ARG A 68 10.28 -10.38 -9.58
CA ARG A 68 8.94 -10.50 -10.12
C ARG A 68 8.25 -11.76 -9.58
N ALA A 69 8.73 -12.91 -10.02
CA ALA A 69 8.17 -14.19 -9.57
C ALA A 69 8.62 -14.53 -8.16
N ILE A 70 7.65 -14.75 -7.27
CA ILE A 70 7.95 -15.08 -5.89
C ILE A 70 7.78 -16.58 -5.63
N LEU A 71 8.78 -17.18 -5.00
CA LEU A 71 8.74 -18.60 -4.68
C LEU A 71 7.52 -18.94 -3.82
N GLU A 72 7.46 -20.19 -3.37
CA GLU A 72 6.34 -20.64 -2.53
C GLU A 72 6.15 -19.71 -1.34
N ASN A 73 7.05 -19.82 -0.36
CA ASN A 73 6.99 -18.99 0.84
C ASN A 73 6.87 -17.51 0.48
N TYR A 74 5.93 -16.83 1.12
CA TYR A 74 5.71 -15.41 0.87
C TYR A 74 5.22 -14.70 2.13
N ILE A 75 5.34 -13.37 2.14
CA ILE A 75 4.91 -12.58 3.27
C ILE A 75 4.05 -11.40 2.83
N SER A 76 2.98 -11.15 3.56
CA SER A 76 2.07 -10.04 3.24
C SER A 76 2.29 -8.87 4.19
N ALA A 77 2.78 -7.75 3.64
CA ALA A 77 3.04 -6.56 4.44
C ALA A 77 2.76 -5.30 3.63
N LEU A 78 2.09 -4.35 4.25
CA LEU A 78 1.76 -3.08 3.59
C LEU A 78 0.95 -3.33 2.32
N ASN A 79 -0.02 -4.24 2.42
CA ASN A 79 -0.88 -4.56 1.28
C ASN A 79 -0.04 -5.04 0.10
N THR A 80 1.18 -5.49 0.38
CA THR A 80 2.07 -5.97 -0.66
C THR A 80 2.70 -7.31 -0.27
N LEU A 81 2.95 -8.16 -1.25
CA LEU A 81 3.56 -9.46 -1.01
C LEU A 81 5.05 -9.43 -1.31
N TRP A 82 5.86 -9.78 -0.32
CA TRP A 82 7.31 -9.80 -0.49
C TRP A 82 7.89 -11.14 -0.08
N HIS A 83 9.04 -11.49 -0.64
CA HIS A 83 9.70 -12.75 -0.33
C HIS A 83 9.93 -12.90 1.17
N PRO A 84 10.15 -14.14 1.61
CA PRO A 84 10.38 -14.44 3.04
C PRO A 84 11.73 -13.92 3.53
N GLU A 85 12.75 -14.05 2.69
CA GLU A 85 14.09 -13.59 3.05
C GLU A 85 14.24 -12.10 2.76
N CYS A 86 13.31 -11.55 2.00
CA CYS A 86 13.35 -10.13 1.66
C CYS A 86 12.96 -9.34 2.90
N PHE A 87 12.43 -10.05 3.88
CA PHE A 87 11.99 -9.44 5.14
C PHE A 87 13.20 -9.14 6.04
N VAL A 88 14.10 -8.30 5.53
CA VAL A 88 15.30 -7.93 6.28
C VAL A 88 15.75 -6.52 5.93
N CYS A 89 16.18 -5.77 6.93
CA CYS A 89 16.64 -4.41 6.71
C CYS A 89 17.72 -4.43 5.64
N ARG A 90 17.88 -3.30 4.97
CA ARG A 90 18.88 -3.16 3.92
C ARG A 90 20.28 -3.38 4.47
N GLU A 91 20.39 -3.42 5.80
CA GLU A 91 21.68 -3.63 6.44
C GLU A 91 21.76 -5.02 7.07
N CYS A 92 20.72 -5.39 7.81
CA CYS A 92 20.69 -6.68 8.46
C CYS A 92 20.08 -7.69 7.48
N PHE A 93 20.63 -7.70 6.27
CA PHE A 93 20.15 -8.60 5.23
C PHE A 93 19.90 -10.01 5.78
N THR A 94 20.59 -10.33 6.88
CA THR A 94 20.44 -11.63 7.51
C THR A 94 19.08 -11.78 8.16
N PRO A 95 18.38 -12.88 7.82
CA PRO A 95 17.05 -13.17 8.36
C PRO A 95 17.08 -13.52 9.84
N PHE A 96 15.99 -13.22 10.54
CA PHE A 96 15.90 -13.50 11.97
C PHE A 96 14.56 -14.16 12.30
N VAL A 97 14.40 -14.53 13.57
CA VAL A 97 13.16 -15.17 14.02
C VAL A 97 11.95 -14.35 13.63
N ASN A 98 10.78 -14.99 13.62
CA ASN A 98 9.54 -14.30 13.26
C ASN A 98 9.04 -13.44 14.41
N GLY A 99 7.98 -12.68 14.16
CA GLY A 99 7.43 -11.82 15.18
C GLY A 99 6.85 -10.53 14.62
N SER A 100 6.60 -9.56 15.48
CA SER A 100 6.06 -8.27 15.06
C SER A 100 6.89 -7.68 13.92
N PHE A 101 6.20 -7.08 12.96
CA PHE A 101 6.87 -6.46 11.81
C PHE A 101 6.65 -4.96 11.79
N PHE A 102 7.75 -4.21 11.80
CA PHE A 102 7.68 -2.74 11.79
C PHE A 102 7.83 -2.21 10.37
N GLU A 103 7.14 -1.10 10.09
CA GLU A 103 7.19 -0.48 8.77
C GLU A 103 8.15 0.72 8.77
N HIS A 104 8.91 0.86 7.69
CA HIS A 104 9.86 1.96 7.57
C HIS A 104 10.11 2.28 6.10
N ASP A 105 9.78 3.50 5.70
CA ASP A 105 9.98 3.94 4.32
C ASP A 105 9.31 2.98 3.35
N GLY A 106 8.17 2.42 3.76
CA GLY A 106 7.45 1.49 2.91
C GLY A 106 8.16 0.14 2.79
N GLN A 107 9.11 -0.09 3.68
CA GLN A 107 9.86 -1.35 3.69
C GLN A 107 9.89 -1.96 5.08
N PRO A 108 10.05 -3.29 5.13
CA PRO A 108 10.10 -4.03 6.40
C PRO A 108 11.38 -3.75 7.19
N TYR A 109 11.22 -3.54 8.49
CA TYR A 109 12.36 -3.26 9.36
C TYR A 109 12.25 -4.04 10.67
N CYS A 110 13.35 -4.11 11.40
CA CYS A 110 13.36 -4.82 12.67
C CYS A 110 12.94 -3.84 13.76
N GLU A 111 12.64 -4.41 14.94
CA GLU A 111 12.22 -3.60 16.08
C GLU A 111 13.35 -2.68 16.55
N VAL A 112 14.54 -3.24 16.68
CA VAL A 112 15.70 -2.47 17.12
C VAL A 112 16.15 -1.49 16.04
N HIS A 113 16.12 -1.95 14.78
CA HIS A 113 16.52 -1.11 13.66
C HIS A 113 15.51 0.00 13.43
N TYR A 114 14.23 -0.32 13.55
CA TYR A 114 13.16 0.65 13.35
C TYR A 114 13.27 1.78 14.36
N HIS A 115 13.41 1.43 15.63
CA HIS A 115 13.52 2.42 16.70
C HIS A 115 14.83 3.20 16.59
N GLU A 116 15.89 2.51 16.17
CA GLU A 116 17.19 3.15 16.01
C GLU A 116 17.18 4.13 14.85
N ARG A 117 16.51 3.75 13.77
CA ARG A 117 16.43 4.61 12.59
C ARG A 117 15.69 5.90 12.89
N ARG A 118 14.63 5.79 13.70
CA ARG A 118 13.84 6.96 14.07
C ARG A 118 14.50 7.72 15.20
N GLY A 119 15.16 7.00 16.10
CA GLY A 119 15.83 7.64 17.23
C GLY A 119 14.93 8.59 17.98
N SER A 120 15.13 9.89 17.75
CA SER A 120 14.33 10.91 18.43
C SER A 120 13.48 11.68 17.41
N PRO A 121 12.43 12.35 17.91
CA PRO A 121 11.53 13.14 17.07
C PRO A 121 12.19 14.40 16.53
N GLU A 122 12.09 14.60 15.22
CA GLU A 122 12.68 15.77 14.57
C GLU A 122 11.61 16.59 13.84
N TYR A 123 11.05 16.01 12.78
CA TYR A 123 10.04 16.69 12.00
C TYR A 123 8.90 17.18 12.89
N PHE A 124 8.00 17.97 12.32
CA PHE A 124 6.87 18.51 13.07
C PHE A 124 5.55 17.97 12.51
N LYS A 125 5.37 18.12 11.20
CA LYS A 125 4.16 17.65 10.54
C LYS A 125 4.47 17.09 9.15
N ASN A 126 3.43 16.61 8.46
CA ASN A 126 3.60 16.05 7.13
C ASN A 126 2.88 16.92 6.09
N GLY A 127 3.16 16.64 4.82
CA GLY A 127 2.55 17.41 3.75
C GLY A 127 1.29 16.74 3.21
ZN ZN B . -19.81 11.00 -1.57
ZN ZN C . -7.27 -2.94 -3.12
ZN ZN D . 11.80 -9.96 -2.71
ZN ZN E . 17.02 -5.29 10.70
N SER A 1 -25.26 18.46 -17.73
CA SER A 1 -24.38 18.25 -16.58
C SER A 1 -24.30 16.77 -16.23
N PRO A 2 -23.24 16.41 -15.47
CA PRO A 2 -23.01 15.02 -15.04
C PRO A 2 -24.04 14.56 -14.02
N ARG A 3 -24.46 13.30 -14.14
CA ARG A 3 -25.44 12.73 -13.23
C ARG A 3 -24.95 11.40 -12.66
N CYS A 4 -25.05 11.26 -11.35
CA CYS A 4 -24.61 10.03 -10.70
C CYS A 4 -25.63 8.93 -11.00
N TYR A 5 -25.18 7.93 -11.75
CA TYR A 5 -26.03 6.81 -12.13
C TYR A 5 -26.23 5.86 -10.95
N TYR A 6 -25.31 5.92 -9.99
CA TYR A 6 -25.39 5.06 -8.81
C TYR A 6 -26.62 5.42 -7.96
N CYS A 7 -27.05 6.67 -8.06
CA CYS A 7 -28.21 7.11 -7.30
C CYS A 7 -29.14 7.87 -8.25
N ASN A 8 -28.85 7.76 -9.54
CA ASN A 8 -29.63 8.43 -10.56
C ASN A 8 -29.98 9.85 -10.14
N GLY A 9 -29.01 10.53 -9.54
CA GLY A 9 -29.23 11.90 -9.10
C GLY A 9 -28.18 12.85 -9.63
N PRO A 10 -28.48 14.16 -9.58
CA PRO A 10 -27.57 15.20 -10.07
C PRO A 10 -26.34 15.35 -9.19
N ILE A 11 -25.26 15.86 -9.77
CA ILE A 11 -24.02 16.05 -9.03
C ILE A 11 -23.59 17.52 -9.04
N LEU A 12 -23.48 18.10 -7.85
CA LEU A 12 -23.07 19.50 -7.71
C LEU A 12 -21.63 19.61 -7.25
N ASP A 13 -21.23 18.73 -6.34
CA ASP A 13 -19.86 18.73 -5.82
C ASP A 13 -18.91 18.05 -6.80
N LYS A 14 -17.72 17.74 -6.33
CA LYS A 14 -16.71 17.09 -7.16
C LYS A 14 -17.24 15.77 -7.72
N VAL A 15 -17.11 15.60 -9.03
CA VAL A 15 -17.58 14.38 -9.69
C VAL A 15 -16.40 13.49 -10.10
N VAL A 16 -16.56 12.19 -9.92
CA VAL A 16 -15.53 11.24 -10.27
C VAL A 16 -15.78 10.61 -11.64
N THR A 17 -14.75 10.57 -12.48
CA THR A 17 -14.87 10.00 -13.81
C THR A 17 -14.43 8.54 -13.82
N ALA A 18 -15.36 7.65 -14.16
CA ALA A 18 -15.07 6.23 -14.21
C ALA A 18 -15.95 5.52 -15.23
N LEU A 19 -15.34 4.67 -16.06
CA LEU A 19 -16.09 3.94 -17.08
C LEU A 19 -16.85 4.89 -18.00
N ASP A 20 -16.26 6.05 -18.26
CA ASP A 20 -16.88 7.05 -19.13
C ASP A 20 -18.21 7.53 -18.53
N ARG A 21 -18.34 7.40 -17.22
CA ARG A 21 -19.55 7.82 -16.53
C ARG A 21 -19.23 8.65 -15.29
N THR A 22 -20.19 9.45 -14.84
CA THR A 22 -20.00 10.29 -13.68
C THR A 22 -20.64 9.67 -12.43
N TRP A 23 -19.89 9.66 -11.33
CA TRP A 23 -20.38 9.10 -10.09
C TRP A 23 -20.12 10.04 -8.92
N HIS A 24 -20.92 9.91 -7.87
CA HIS A 24 -20.78 10.76 -6.68
C HIS A 24 -19.52 10.39 -5.89
N PRO A 25 -19.02 11.34 -5.09
CA PRO A 25 -17.83 11.12 -4.26
C PRO A 25 -18.08 10.15 -3.12
N GLU A 26 -19.23 10.28 -2.47
CA GLU A 26 -19.60 9.41 -1.36
C GLU A 26 -20.13 8.08 -1.87
N HIS A 27 -20.53 8.05 -3.14
CA HIS A 27 -21.07 6.83 -3.73
C HIS A 27 -19.98 6.08 -4.50
N PHE A 28 -18.76 6.58 -4.43
CA PHE A 28 -17.63 5.94 -5.11
C PHE A 28 -16.66 5.34 -4.09
N PHE A 29 -16.61 4.01 -4.05
CA PHE A 29 -15.72 3.32 -3.13
C PHE A 29 -15.13 2.06 -3.78
N CYS A 30 -13.93 1.71 -3.38
CA CYS A 30 -13.27 0.53 -3.93
C CYS A 30 -14.10 -0.70 -3.57
N ALA A 31 -14.51 -1.43 -4.61
CA ALA A 31 -15.31 -2.62 -4.43
C ALA A 31 -14.45 -3.82 -4.05
N GLN A 32 -13.14 -3.59 -3.99
CA GLN A 32 -12.19 -4.65 -3.65
C GLN A 32 -11.79 -4.54 -2.17
N CYS A 33 -11.28 -3.38 -1.79
CA CYS A 33 -10.86 -3.16 -0.42
C CYS A 33 -11.85 -2.20 0.25
N GLY A 34 -12.47 -1.36 -0.59
CA GLY A 34 -13.44 -0.41 -0.09
C GLY A 34 -12.90 0.42 1.06
N ALA A 35 -11.97 1.32 0.76
CA ALA A 35 -11.37 2.16 1.79
C ALA A 35 -10.60 3.32 1.14
N PHE A 36 -11.12 3.84 0.04
CA PHE A 36 -10.48 4.93 -0.67
C PHE A 36 -11.51 5.91 -1.22
N PHE A 37 -11.04 7.00 -1.80
CA PHE A 37 -11.92 8.01 -2.37
C PHE A 37 -12.21 7.72 -3.84
N GLY A 38 -11.15 7.50 -4.61
CA GLY A 38 -11.30 7.21 -6.02
C GLY A 38 -10.81 8.35 -6.91
N PRO A 39 -9.50 8.57 -6.91
CA PRO A 39 -8.88 9.65 -7.71
C PRO A 39 -8.94 9.35 -9.21
N GLU A 40 -8.26 10.18 -9.99
CA GLU A 40 -8.22 10.01 -11.43
C GLU A 40 -7.23 8.92 -11.84
N GLY A 41 -6.35 8.56 -10.91
CA GLY A 41 -5.37 7.53 -11.19
C GLY A 41 -5.68 6.23 -10.48
N PHE A 42 -6.68 5.51 -10.99
CA PHE A 42 -7.08 4.23 -10.41
C PHE A 42 -7.11 3.13 -11.46
N HIS A 43 -6.99 1.88 -11.02
CA HIS A 43 -7.01 0.74 -11.93
C HIS A 43 -8.44 0.27 -12.17
N GLU A 44 -8.85 0.26 -13.43
CA GLU A 44 -10.19 -0.18 -13.79
C GLU A 44 -10.18 -1.60 -14.34
N LYS A 45 -11.04 -2.45 -13.80
CA LYS A 45 -11.13 -3.84 -14.23
C LYS A 45 -12.55 -4.37 -14.06
N ASP A 46 -13.07 -4.99 -15.12
CA ASP A 46 -14.42 -5.54 -15.09
C ASP A 46 -15.44 -4.48 -14.70
N GLY A 47 -15.17 -3.24 -15.10
CA GLY A 47 -16.07 -2.14 -14.77
C GLY A 47 -16.06 -1.80 -13.30
N LYS A 48 -15.04 -2.27 -12.59
CA LYS A 48 -14.90 -2.00 -11.16
C LYS A 48 -13.63 -1.22 -10.87
N ALA A 49 -13.60 -0.55 -9.72
CA ALA A 49 -12.44 0.23 -9.32
C ALA A 49 -11.58 -0.54 -8.32
N TYR A 50 -10.30 -0.67 -8.65
CA TYR A 50 -9.36 -1.39 -7.78
C TYR A 50 -8.14 -0.54 -7.47
N CYS A 51 -7.69 -0.59 -6.22
CA CYS A 51 -6.53 0.19 -5.81
C CYS A 51 -5.29 -0.46 -6.41
N ARG A 52 -4.17 0.25 -6.29
CA ARG A 52 -2.90 -0.23 -6.81
C ARG A 52 -2.57 -1.62 -6.25
N LYS A 53 -2.80 -1.79 -4.95
CA LYS A 53 -2.54 -3.07 -4.30
C LYS A 53 -3.53 -4.13 -4.74
N ASP A 54 -4.79 -3.73 -4.90
CA ASP A 54 -5.84 -4.65 -5.32
C ASP A 54 -5.59 -5.14 -6.75
N TYR A 55 -5.20 -4.23 -7.62
CA TYR A 55 -4.93 -4.57 -9.02
C TYR A 55 -3.83 -5.62 -9.11
N PHE A 56 -2.72 -5.36 -8.44
CA PHE A 56 -1.58 -6.29 -8.45
C PHE A 56 -1.91 -7.55 -7.66
N ASP A 57 -2.69 -7.40 -6.60
CA ASP A 57 -3.07 -8.52 -5.76
C ASP A 57 -3.84 -9.56 -6.57
N MET A 58 -4.56 -9.11 -7.59
CA MET A 58 -5.34 -10.00 -8.43
C MET A 58 -4.44 -10.97 -9.19
N PHE A 59 -3.22 -10.52 -9.48
CA PHE A 59 -2.25 -11.35 -10.19
C PHE A 59 -1.18 -11.89 -9.23
N ALA A 60 -0.36 -10.99 -8.72
CA ALA A 60 0.70 -11.37 -7.78
C ALA A 60 1.20 -10.16 -7.00
N PRO A 61 1.85 -10.43 -5.85
CA PRO A 61 2.39 -9.37 -4.99
C PRO A 61 3.59 -8.67 -5.62
N LYS A 62 3.74 -7.38 -5.32
CA LYS A 62 4.83 -6.59 -5.86
C LYS A 62 5.62 -5.92 -4.73
N CYS A 63 6.95 -5.99 -4.83
CA CYS A 63 7.79 -5.39 -3.81
C CYS A 63 8.04 -3.93 -4.20
N GLY A 64 8.04 -3.08 -3.19
CA GLY A 64 8.27 -1.66 -3.41
C GLY A 64 9.58 -1.38 -4.12
N GLY A 65 10.68 -1.41 -3.37
CA GLY A 65 11.98 -1.16 -3.94
C GLY A 65 12.91 -2.36 -3.83
N CYS A 66 12.55 -3.45 -4.50
CA CYS A 66 13.35 -4.65 -4.45
C CYS A 66 12.68 -5.71 -5.32
N ALA A 67 13.28 -5.95 -6.48
CA ALA A 67 12.75 -6.93 -7.42
C ALA A 67 11.30 -6.64 -7.76
N ARG A 68 10.62 -7.65 -8.33
CA ARG A 68 9.21 -7.50 -8.70
C ARG A 68 8.40 -8.69 -8.20
N ALA A 69 8.54 -9.83 -8.86
CA ALA A 69 7.82 -11.03 -8.48
C ALA A 69 8.30 -11.56 -7.13
N ILE A 70 7.36 -11.74 -6.20
CA ILE A 70 7.69 -12.24 -4.87
C ILE A 70 7.40 -13.72 -4.76
N LEU A 71 8.37 -14.48 -4.24
CA LEU A 71 8.20 -15.92 -4.07
C LEU A 71 7.00 -16.23 -3.19
N GLU A 72 6.83 -17.51 -2.87
CA GLU A 72 5.71 -17.95 -2.04
C GLU A 72 5.59 -17.09 -0.78
N ASN A 73 6.60 -17.19 0.09
CA ASN A 73 6.61 -16.43 1.33
C ASN A 73 6.59 -14.93 1.04
N TYR A 74 5.70 -14.22 1.73
CA TYR A 74 5.58 -12.77 1.55
C TYR A 74 5.17 -12.10 2.86
N ILE A 75 5.46 -10.81 2.96
CA ILE A 75 5.12 -10.04 4.15
C ILE A 75 4.38 -8.76 3.80
N SER A 76 3.32 -8.47 4.55
CA SER A 76 2.53 -7.27 4.31
C SER A 76 2.88 -6.17 5.31
N ALA A 77 3.45 -5.09 4.79
CA ALA A 77 3.85 -3.97 5.63
C ALA A 77 3.74 -2.65 4.87
N LEU A 78 3.34 -1.59 5.57
CA LEU A 78 3.19 -0.27 4.97
C LEU A 78 2.22 -0.32 3.79
N ASN A 79 1.18 -1.14 3.93
CA ASN A 79 0.18 -1.28 2.88
C ASN A 79 0.79 -1.83 1.59
N THR A 80 1.99 -2.40 1.72
CA THR A 80 2.68 -2.97 0.58
C THR A 80 3.25 -4.33 0.90
N LEU A 81 3.35 -5.19 -0.12
CA LEU A 81 3.87 -6.54 0.06
C LEU A 81 5.34 -6.61 -0.37
N TRP A 82 6.20 -7.01 0.57
CA TRP A 82 7.62 -7.12 0.28
C TRP A 82 8.13 -8.53 0.60
N HIS A 83 9.23 -8.91 -0.03
CA HIS A 83 9.81 -10.23 0.18
C HIS A 83 10.20 -10.43 1.64
N PRO A 84 10.26 -11.69 2.08
CA PRO A 84 10.62 -12.04 3.46
C PRO A 84 12.08 -11.76 3.77
N GLU A 85 12.95 -12.04 2.81
CA GLU A 85 14.38 -11.83 2.97
C GLU A 85 14.74 -10.37 2.72
N CYS A 86 13.91 -9.69 1.94
CA CYS A 86 14.15 -8.29 1.63
C CYS A 86 13.55 -7.44 2.75
N PHE A 87 12.94 -8.12 3.70
CA PHE A 87 12.31 -7.46 4.84
C PHE A 87 13.20 -7.53 6.08
N VAL A 88 14.38 -6.92 5.98
CA VAL A 88 15.33 -6.91 7.09
C VAL A 88 16.18 -5.64 7.08
N CYS A 89 16.93 -5.43 8.16
CA CYS A 89 17.78 -4.26 8.25
C CYS A 89 18.96 -4.44 7.30
N ARG A 90 19.50 -3.30 6.86
CA ARG A 90 20.63 -3.30 5.94
C ARG A 90 21.91 -3.72 6.66
N GLU A 91 21.82 -3.96 7.96
CA GLU A 91 22.96 -4.36 8.76
C GLU A 91 22.87 -5.83 9.15
N CYS A 92 21.73 -6.21 9.72
CA CYS A 92 21.53 -7.58 10.14
C CYS A 92 21.22 -8.42 8.89
N PHE A 93 20.38 -7.85 8.03
CA PHE A 93 19.99 -8.53 6.79
C PHE A 93 19.29 -9.85 7.10
N THR A 94 19.04 -10.11 8.37
CA THR A 94 18.38 -11.34 8.79
C THR A 94 17.10 -11.05 9.56
N PRO A 95 16.08 -11.89 9.36
CA PRO A 95 14.78 -11.74 10.02
C PRO A 95 14.86 -12.05 11.52
N PHE A 96 14.00 -11.41 12.29
CA PHE A 96 13.97 -11.62 13.74
C PHE A 96 13.32 -12.95 14.09
N VAL A 97 13.28 -13.26 15.38
CA VAL A 97 12.68 -14.52 15.84
C VAL A 97 11.18 -14.36 16.07
N ASN A 98 10.76 -13.15 16.41
CA ASN A 98 9.35 -12.87 16.66
C ASN A 98 8.63 -12.54 15.36
N GLY A 99 7.30 -12.50 15.41
CA GLY A 99 6.52 -12.20 14.23
C GLY A 99 6.03 -10.76 14.21
N SER A 100 6.71 -9.90 14.97
CA SER A 100 6.34 -8.49 15.03
C SER A 100 7.16 -7.67 14.05
N PHE A 101 6.49 -6.75 13.36
CA PHE A 101 7.15 -5.89 12.38
C PHE A 101 6.98 -4.42 12.73
N PHE A 102 8.00 -3.62 12.44
CA PHE A 102 7.96 -2.20 12.74
C PHE A 102 8.39 -1.38 11.52
N GLU A 103 7.82 -0.20 11.38
CA GLU A 103 8.13 0.68 10.25
C GLU A 103 9.02 1.83 10.70
N HIS A 104 10.00 2.18 9.88
CA HIS A 104 10.93 3.27 10.18
C HIS A 104 11.43 3.93 8.90
N ASP A 105 11.11 5.21 8.73
CA ASP A 105 11.53 5.95 7.55
C ASP A 105 11.14 5.22 6.28
N GLY A 106 10.01 4.52 6.33
CA GLY A 106 9.54 3.78 5.17
C GLY A 106 10.41 2.59 4.85
N GLN A 107 11.25 2.19 5.80
CA GLN A 107 12.15 1.05 5.62
C GLN A 107 11.89 -0.03 6.67
N PRO A 108 11.86 -1.28 6.23
CA PRO A 108 11.64 -2.43 7.11
C PRO A 108 12.80 -2.68 8.06
N TYR A 109 12.49 -2.82 9.35
CA TYR A 109 13.53 -3.06 10.35
C TYR A 109 13.06 -4.10 11.37
N CYS A 110 13.99 -4.57 12.19
CA CYS A 110 13.66 -5.56 13.20
C CYS A 110 13.09 -4.84 14.42
N GLU A 111 12.56 -5.63 15.34
CA GLU A 111 11.97 -5.10 16.57
C GLU A 111 13.04 -4.42 17.43
N VAL A 112 14.14 -5.14 17.66
CA VAL A 112 15.23 -4.62 18.47
C VAL A 112 15.98 -3.52 17.74
N HIS A 113 16.16 -3.70 16.43
CA HIS A 113 16.85 -2.71 15.61
C HIS A 113 16.03 -1.44 15.46
N TYR A 114 14.71 -1.59 15.35
CA TYR A 114 13.81 -0.46 15.21
C TYR A 114 13.88 0.44 16.44
N HIS A 115 13.68 -0.15 17.61
CA HIS A 115 13.71 0.60 18.86
C HIS A 115 15.06 1.27 19.05
N GLU A 116 16.14 0.56 18.73
CA GLU A 116 17.48 1.09 18.87
C GLU A 116 17.76 2.17 17.82
N ARG A 117 17.07 2.06 16.69
CA ARG A 117 17.25 3.02 15.60
C ARG A 117 16.82 4.42 16.05
N ARG A 118 15.74 4.49 16.81
CA ARG A 118 15.24 5.77 17.31
C ARG A 118 16.22 6.41 18.28
N GLY A 119 17.04 5.58 18.91
CA GLY A 119 18.02 6.08 19.86
C GLY A 119 19.19 6.76 19.18
N SER A 120 20.24 7.03 19.95
CA SER A 120 21.43 7.68 19.41
C SER A 120 22.03 6.86 18.27
N PRO A 121 22.86 7.52 17.44
CA PRO A 121 23.51 6.89 16.30
C PRO A 121 24.58 5.89 16.73
N GLU A 122 25.34 5.38 15.77
CA GLU A 122 26.40 4.42 16.05
C GLU A 122 27.68 5.13 16.48
N TYR A 123 27.80 6.40 16.10
CA TYR A 123 28.98 7.19 16.44
C TYR A 123 29.10 7.35 17.95
N PHE A 124 30.13 6.74 18.52
CA PHE A 124 30.37 6.81 19.96
C PHE A 124 31.61 7.65 20.26
N LYS A 125 31.69 8.15 21.49
CA LYS A 125 32.82 8.97 21.91
C LYS A 125 34.12 8.17 21.87
N ASN A 126 35.22 8.84 21.56
CA ASN A 126 36.52 8.20 21.49
C ASN A 126 36.47 6.99 20.56
N GLY A 127 35.61 7.05 19.55
CA GLY A 127 35.49 5.95 18.60
C GLY A 127 36.66 5.88 17.64
ZN ZN B . -24.95 9.30 -6.30
ZN ZN C . -9.08 -0.95 -3.07
ZN ZN D . 11.44 -7.27 -1.95
ZN ZN E . 17.58 -6.13 11.84
N SER A 1 -27.22 17.51 -17.95
CA SER A 1 -26.21 17.42 -16.90
C SER A 1 -26.03 15.98 -16.44
N PRO A 2 -24.89 15.71 -15.79
CA PRO A 2 -24.56 14.37 -15.29
C PRO A 2 -25.45 13.97 -14.11
N ARG A 3 -25.88 12.71 -14.11
CA ARG A 3 -26.73 12.20 -13.04
C ARG A 3 -26.14 10.94 -12.43
N CYS A 4 -26.08 10.90 -11.10
CA CYS A 4 -25.53 9.76 -10.41
C CYS A 4 -26.53 8.61 -10.50
N TYR A 5 -26.13 7.56 -11.21
CA TYR A 5 -26.99 6.40 -11.39
C TYR A 5 -27.03 5.54 -10.13
N TYR A 6 -26.01 5.70 -9.28
CA TYR A 6 -25.92 4.95 -8.04
C TYR A 6 -27.05 5.36 -7.09
N CYS A 7 -27.54 6.57 -7.24
CA CYS A 7 -28.61 7.06 -6.39
C CYS A 7 -29.65 7.75 -7.27
N ASN A 8 -29.54 7.50 -8.57
CA ASN A 8 -30.46 8.08 -9.55
C ASN A 8 -30.78 9.52 -9.19
N GLY A 9 -29.76 10.28 -8.80
CA GLY A 9 -29.97 11.67 -8.44
C GLY A 9 -29.03 12.61 -9.17
N PRO A 10 -29.37 13.90 -9.19
CA PRO A 10 -28.57 14.92 -9.86
C PRO A 10 -27.24 15.18 -9.15
N ILE A 11 -26.23 15.59 -9.91
CA ILE A 11 -24.92 15.87 -9.34
C ILE A 11 -24.56 17.35 -9.51
N LEU A 12 -24.33 18.01 -8.38
CA LEU A 12 -23.97 19.44 -8.39
C LEU A 12 -22.48 19.63 -8.10
N ASP A 13 -21.96 18.82 -7.19
CA ASP A 13 -20.55 18.89 -6.81
C ASP A 13 -19.69 18.14 -7.83
N LYS A 14 -18.44 17.87 -7.45
CA LYS A 14 -17.52 17.16 -8.32
C LYS A 14 -18.07 15.79 -8.70
N VAL A 15 -18.06 15.50 -10.00
CA VAL A 15 -18.57 14.23 -10.50
C VAL A 15 -17.43 13.35 -11.01
N VAL A 16 -17.52 12.06 -10.71
CA VAL A 16 -16.49 11.11 -11.13
C VAL A 16 -16.92 10.36 -12.39
N THR A 17 -16.02 10.30 -13.37
CA THR A 17 -16.31 9.62 -14.63
C THR A 17 -15.78 8.18 -14.61
N ALA A 18 -16.71 7.23 -14.73
CA ALA A 18 -16.34 5.82 -14.73
C ALA A 18 -17.34 4.99 -15.54
N LEU A 19 -16.82 4.03 -16.31
CA LEU A 19 -17.66 3.18 -17.13
C LEU A 19 -18.54 4.02 -18.06
N ASP A 20 -18.02 5.16 -18.50
CA ASP A 20 -18.75 6.03 -19.40
C ASP A 20 -20.00 6.57 -18.72
N ARG A 21 -19.99 6.62 -17.40
CA ARG A 21 -21.13 7.10 -16.62
C ARG A 21 -20.67 8.05 -15.52
N THR A 22 -21.59 8.88 -15.04
CA THR A 22 -21.29 9.83 -13.98
C THR A 22 -21.76 9.32 -12.62
N TRP A 23 -20.90 9.40 -11.62
CA TRP A 23 -21.23 8.95 -10.28
C TRP A 23 -20.86 9.99 -9.24
N HIS A 24 -21.53 9.95 -8.08
CA HIS A 24 -21.28 10.91 -7.01
C HIS A 24 -19.93 10.63 -6.35
N PRO A 25 -19.36 11.66 -5.71
CA PRO A 25 -18.07 11.55 -5.03
C PRO A 25 -18.15 10.69 -3.78
N GLU A 26 -19.20 10.86 -3.00
CA GLU A 26 -19.39 10.10 -1.78
C GLU A 26 -19.95 8.71 -2.08
N HIS A 27 -20.50 8.56 -3.29
CA HIS A 27 -21.08 7.28 -3.70
C HIS A 27 -20.07 6.47 -4.51
N PHE A 28 -18.86 7.00 -4.63
CA PHE A 28 -17.80 6.32 -5.38
C PHE A 28 -16.70 5.82 -4.46
N PHE A 29 -16.62 4.51 -4.29
CA PHE A 29 -15.60 3.91 -3.43
C PHE A 29 -15.10 2.60 -4.02
N CYS A 30 -13.83 2.30 -3.78
CA CYS A 30 -13.23 1.07 -4.29
C CYS A 30 -14.02 -0.11 -3.72
N ALA A 31 -14.54 -0.92 -4.64
CA ALA A 31 -15.31 -2.10 -4.26
C ALA A 31 -14.39 -3.25 -3.86
N GLN A 32 -13.09 -3.04 -3.99
CA GLN A 32 -12.11 -4.06 -3.64
C GLN A 32 -11.54 -3.81 -2.24
N CYS A 33 -11.00 -2.62 -2.04
CA CYS A 33 -10.42 -2.28 -0.74
C CYS A 33 -11.31 -1.21 -0.10
N GLY A 34 -12.00 -0.46 -0.94
CA GLY A 34 -12.87 0.60 -0.45
C GLY A 34 -12.17 1.55 0.49
N ALA A 35 -11.27 2.36 -0.05
CA ALA A 35 -10.52 3.32 0.75
C ALA A 35 -9.58 4.14 -0.11
N PHE A 36 -10.10 4.69 -1.20
CA PHE A 36 -9.30 5.50 -2.11
C PHE A 36 -9.42 6.98 -1.76
N PHE A 37 -8.69 7.82 -2.50
CA PHE A 37 -8.71 9.26 -2.27
C PHE A 37 -9.43 9.98 -3.42
N GLY A 38 -8.77 10.03 -4.57
CA GLY A 38 -9.35 10.70 -5.72
C GLY A 38 -8.34 10.95 -6.82
N PRO A 39 -7.88 9.86 -7.46
CA PRO A 39 -6.90 9.93 -8.55
C PRO A 39 -7.48 10.55 -9.81
N GLU A 40 -6.72 10.50 -10.90
CA GLU A 40 -7.17 11.05 -12.17
C GLU A 40 -7.16 10.00 -13.27
N GLY A 41 -6.21 9.07 -13.18
CA GLY A 41 -6.11 8.01 -14.17
C GLY A 41 -6.11 6.63 -13.54
N PHE A 42 -7.30 6.12 -13.26
CA PHE A 42 -7.43 4.79 -12.65
C PHE A 42 -7.87 3.76 -13.68
N HIS A 43 -7.58 2.50 -13.40
CA HIS A 43 -7.94 1.40 -14.30
C HIS A 43 -9.27 0.77 -13.89
N GLU A 44 -10.08 0.43 -14.87
CA GLU A 44 -11.38 -0.19 -14.61
C GLU A 44 -11.38 -1.66 -15.04
N LYS A 45 -11.93 -2.52 -14.19
CA LYS A 45 -11.99 -3.95 -14.49
C LYS A 45 -13.37 -4.51 -14.13
N ASP A 46 -14.01 -5.14 -15.11
CA ASP A 46 -15.34 -5.73 -14.90
C ASP A 46 -16.31 -4.69 -14.38
N GLY A 47 -16.14 -3.44 -14.82
CA GLY A 47 -17.01 -2.37 -14.39
C GLY A 47 -16.81 -2.00 -12.93
N LYS A 48 -15.76 -2.54 -12.32
CA LYS A 48 -15.45 -2.28 -10.92
C LYS A 48 -14.14 -1.51 -10.80
N ALA A 49 -14.09 -0.58 -9.86
CA ALA A 49 -12.90 0.22 -9.64
C ALA A 49 -11.94 -0.47 -8.68
N TYR A 50 -10.68 -0.60 -9.09
CA TYR A 50 -9.67 -1.25 -8.27
C TYR A 50 -8.42 -0.39 -8.15
N CYS A 51 -7.79 -0.44 -6.99
CA CYS A 51 -6.58 0.34 -6.76
C CYS A 51 -5.38 -0.44 -7.28
N ARG A 52 -4.24 0.22 -7.30
CA ARG A 52 -3.00 -0.40 -7.76
C ARG A 52 -2.70 -1.68 -7.00
N LYS A 53 -2.98 -1.66 -5.70
CA LYS A 53 -2.75 -2.82 -4.85
C LYS A 53 -3.73 -3.94 -5.17
N ASP A 54 -5.00 -3.58 -5.33
CA ASP A 54 -6.04 -4.55 -5.64
C ASP A 54 -5.76 -5.24 -6.98
N TYR A 55 -5.37 -4.45 -7.97
CA TYR A 55 -5.06 -4.98 -9.29
C TYR A 55 -3.96 -6.03 -9.22
N PHE A 56 -2.86 -5.68 -8.56
CA PHE A 56 -1.74 -6.59 -8.41
C PHE A 56 -2.08 -7.74 -7.47
N ASP A 57 -2.98 -7.48 -6.53
CA ASP A 57 -3.39 -8.48 -5.56
C ASP A 57 -4.18 -9.60 -6.25
N MET A 58 -4.88 -9.25 -7.32
CA MET A 58 -5.67 -10.22 -8.06
C MET A 58 -4.79 -11.34 -8.60
N PHE A 59 -3.56 -11.01 -8.95
CA PHE A 59 -2.62 -11.99 -9.49
C PHE A 59 -1.55 -12.33 -8.45
N ALA A 60 -0.72 -11.35 -8.11
CA ALA A 60 0.35 -11.56 -7.14
C ALA A 60 1.07 -10.25 -6.84
N PRO A 61 1.54 -10.10 -5.60
CA PRO A 61 2.26 -8.90 -5.15
C PRO A 61 3.64 -8.78 -5.79
N LYS A 62 4.28 -7.64 -5.60
CA LYS A 62 5.61 -7.39 -6.16
C LYS A 62 6.50 -6.68 -5.15
N CYS A 63 7.77 -7.04 -5.14
CA CYS A 63 8.72 -6.45 -4.22
C CYS A 63 9.09 -5.06 -4.76
N GLY A 64 8.94 -4.06 -3.91
CA GLY A 64 9.26 -2.70 -4.29
C GLY A 64 10.65 -2.58 -4.87
N GLY A 65 11.54 -3.49 -4.50
CA GLY A 65 12.90 -3.46 -5.00
C GLY A 65 13.53 -4.83 -5.05
N CYS A 66 12.84 -5.78 -5.65
CA CYS A 66 13.35 -7.14 -5.76
C CYS A 66 12.40 -7.94 -6.64
N ALA A 67 12.85 -9.14 -7.00
CA ALA A 67 12.06 -10.02 -7.85
C ALA A 67 10.57 -9.70 -7.75
N ARG A 68 9.96 -9.45 -8.91
CA ARG A 68 8.54 -9.12 -8.96
C ARG A 68 7.70 -10.27 -8.41
N ALA A 69 7.82 -11.43 -9.03
CA ALA A 69 7.06 -12.61 -8.61
C ALA A 69 7.37 -12.96 -7.15
N ILE A 70 6.35 -12.93 -6.32
CA ILE A 70 6.51 -13.25 -4.90
C ILE A 70 5.91 -14.61 -4.58
N LEU A 71 6.67 -15.43 -3.85
CA LEU A 71 6.21 -16.76 -3.46
C LEU A 71 5.22 -16.68 -2.30
N GLU A 72 4.84 -17.84 -1.77
CA GLU A 72 3.90 -17.90 -0.66
C GLU A 72 4.26 -16.88 0.41
N ASN A 73 5.36 -17.13 1.13
CA ASN A 73 5.81 -16.24 2.18
C ASN A 73 5.79 -14.79 1.71
N TYR A 74 5.03 -13.96 2.40
CA TYR A 74 4.93 -12.54 2.05
C TYR A 74 4.61 -11.69 3.28
N ILE A 75 4.99 -10.42 3.21
CA ILE A 75 4.74 -9.50 4.32
C ILE A 75 4.16 -8.18 3.83
N SER A 76 3.16 -7.68 4.54
CA SER A 76 2.50 -6.42 4.17
C SER A 76 3.03 -5.28 5.02
N ALA A 77 3.65 -4.30 4.36
CA ALA A 77 4.20 -3.14 5.06
C ALA A 77 4.33 -1.94 4.12
N LEU A 78 4.04 -0.75 4.64
CA LEU A 78 4.12 0.47 3.84
C LEU A 78 3.16 0.41 2.66
N ASN A 79 2.01 -0.22 2.86
CA ASN A 79 1.00 -0.35 1.81
C ASN A 79 1.53 -1.18 0.66
N THR A 80 2.65 -1.88 0.88
CA THR A 80 3.25 -2.71 -0.15
C THR A 80 3.67 -4.06 0.42
N LEU A 81 3.73 -5.06 -0.45
CA LEU A 81 4.12 -6.41 -0.04
C LEU A 81 5.61 -6.65 -0.29
N TRP A 82 6.29 -7.18 0.72
CA TRP A 82 7.72 -7.47 0.60
C TRP A 82 8.05 -8.84 1.19
N HIS A 83 8.95 -9.56 0.52
CA HIS A 83 9.35 -10.88 0.99
C HIS A 83 9.77 -10.84 2.45
N PRO A 84 9.79 -12.02 3.09
CA PRO A 84 10.17 -12.15 4.50
C PRO A 84 11.65 -11.88 4.74
N GLU A 85 12.49 -12.36 3.81
CA GLU A 85 13.93 -12.17 3.92
C GLU A 85 14.34 -10.81 3.35
N CYS A 86 13.46 -10.21 2.58
CA CYS A 86 13.75 -8.92 1.98
C CYS A 86 13.69 -7.86 3.09
N PHE A 87 13.02 -8.22 4.18
CA PHE A 87 12.88 -7.33 5.33
C PHE A 87 14.11 -7.40 6.22
N VAL A 88 15.19 -6.76 5.79
CA VAL A 88 16.43 -6.75 6.56
C VAL A 88 17.22 -5.46 6.32
N CYS A 89 17.98 -5.05 7.31
CA CYS A 89 18.78 -3.84 7.20
C CYS A 89 19.88 -4.09 6.16
N ARG A 90 20.35 -2.99 5.57
CA ARG A 90 21.40 -3.06 4.56
C ARG A 90 22.74 -3.40 5.20
N GLU A 91 22.75 -3.51 6.53
CA GLU A 91 23.97 -3.81 7.26
C GLU A 91 23.93 -5.24 7.80
N CYS A 92 22.87 -5.57 8.50
CA CYS A 92 22.72 -6.90 9.07
C CYS A 92 22.31 -7.86 7.95
N PHE A 93 21.44 -7.37 7.09
CA PHE A 93 20.95 -8.17 5.97
C PHE A 93 20.19 -9.39 6.46
N THR A 94 20.06 -9.52 7.77
CA THR A 94 19.36 -10.66 8.36
C THR A 94 18.08 -10.20 9.05
N PRO A 95 17.02 -11.04 8.94
CA PRO A 95 15.73 -10.75 9.55
C PRO A 95 15.76 -10.83 11.07
N PHE A 96 14.88 -10.07 11.71
CA PHE A 96 14.81 -10.05 13.17
C PHE A 96 13.73 -11.00 13.68
N VAL A 97 13.79 -11.33 14.96
CA VAL A 97 12.81 -12.23 15.57
C VAL A 97 11.39 -11.81 15.21
N ASN A 98 10.54 -12.79 14.92
CA ASN A 98 9.15 -12.53 14.56
C ASN A 98 8.48 -11.64 15.60
N GLY A 99 7.38 -11.02 15.21
CA GLY A 99 6.65 -10.14 16.11
C GLY A 99 5.94 -9.01 15.39
N SER A 100 6.70 -7.98 15.04
CA SER A 100 6.13 -6.82 14.33
C SER A 100 7.09 -6.30 13.27
N PHE A 101 6.58 -5.48 12.36
CA PHE A 101 7.39 -4.92 11.30
C PHE A 101 7.69 -3.44 11.58
N PHE A 102 8.95 -3.05 11.38
CA PHE A 102 9.37 -1.68 11.61
C PHE A 102 9.74 -0.99 10.29
N GLU A 103 9.44 0.30 10.20
CA GLU A 103 9.74 1.06 8.99
C GLU A 103 10.81 2.11 9.27
N HIS A 104 11.73 2.28 8.31
CA HIS A 104 12.81 3.24 8.45
C HIS A 104 13.27 3.75 7.09
N ASP A 105 13.11 5.06 6.87
CA ASP A 105 13.52 5.67 5.60
C ASP A 105 12.86 4.95 4.42
N GLY A 106 11.64 4.49 4.64
CA GLY A 106 10.92 3.79 3.59
C GLY A 106 11.49 2.41 3.31
N GLN A 107 12.32 1.93 4.23
CA GLN A 107 12.94 0.62 4.07
C GLN A 107 12.77 -0.22 5.33
N PRO A 108 12.79 -1.55 5.18
CA PRO A 108 12.63 -2.49 6.29
C PRO A 108 13.84 -2.48 7.23
N TYR A 109 13.57 -2.55 8.53
CA TYR A 109 14.64 -2.55 9.53
C TYR A 109 14.31 -3.50 10.67
N CYS A 110 15.31 -3.80 11.49
CA CYS A 110 15.12 -4.70 12.61
C CYS A 110 14.64 -3.88 13.81
N GLU A 111 14.19 -4.59 14.84
CA GLU A 111 13.68 -3.95 16.04
C GLU A 111 14.80 -3.19 16.75
N VAL A 112 15.94 -3.84 16.94
CA VAL A 112 17.09 -3.22 17.60
C VAL A 112 17.73 -2.16 16.71
N HIS A 113 17.82 -2.47 15.42
CA HIS A 113 18.41 -1.55 14.45
C HIS A 113 17.54 -0.31 14.27
N TYR A 114 16.23 -0.50 14.30
CA TYR A 114 15.28 0.59 14.14
C TYR A 114 15.39 1.57 15.31
N HIS A 115 15.34 1.04 16.52
CA HIS A 115 15.43 1.87 17.72
C HIS A 115 16.82 2.47 17.87
N GLU A 116 17.84 1.69 17.50
CA GLU A 116 19.21 2.14 17.59
C GLU A 116 19.48 3.29 16.63
N ARG A 117 18.94 3.18 15.42
CA ARG A 117 19.12 4.21 14.40
C ARG A 117 18.44 5.51 14.83
N ARG A 118 17.27 5.39 15.43
CA ARG A 118 16.51 6.55 15.87
C ARG A 118 17.00 7.02 17.24
N GLY A 119 17.82 6.19 17.89
CA GLY A 119 18.34 6.54 19.20
C GLY A 119 19.80 6.18 19.35
N SER A 120 20.69 7.12 19.07
CA SER A 120 22.13 6.88 19.17
C SER A 120 22.49 6.40 20.56
N PRO A 121 23.67 5.77 20.68
CA PRO A 121 24.18 5.25 21.95
C PRO A 121 24.55 6.36 22.93
N GLU A 122 25.03 5.97 24.11
CA GLU A 122 25.43 6.93 25.13
C GLU A 122 26.82 7.49 24.83
N TYR A 123 27.31 8.33 25.73
CA TYR A 123 28.63 8.94 25.56
C TYR A 123 29.69 7.87 25.30
N PHE A 124 29.61 6.77 26.05
CA PHE A 124 30.56 5.68 25.90
C PHE A 124 30.05 4.41 26.60
N LYS A 125 30.72 3.29 26.34
CA LYS A 125 30.34 2.02 26.95
C LYS A 125 30.22 2.15 28.45
N ASN A 126 31.13 2.91 29.05
CA ASN A 126 31.13 3.11 30.50
C ASN A 126 30.46 4.43 30.86
N GLY A 127 30.07 4.56 32.13
CA GLY A 127 29.43 5.78 32.58
C GLY A 127 29.78 6.12 34.01
ZN ZN B . -25.30 9.41 -5.95
ZN ZN C . -8.97 -0.33 -3.76
ZN ZN D . 11.64 -9.11 -2.14
ZN ZN E . 18.92 -5.28 10.96
N SER A 1 -22.43 19.87 -12.71
CA SER A 1 -21.16 19.41 -12.16
C SER A 1 -21.32 18.01 -11.55
N PRO A 2 -20.20 17.31 -11.38
CA PRO A 2 -20.17 15.97 -10.80
C PRO A 2 -20.51 15.97 -9.32
N ARG A 3 -21.19 14.92 -8.86
CA ARG A 3 -21.58 14.82 -7.46
C ARG A 3 -21.22 13.43 -6.91
N CYS A 4 -20.58 13.41 -5.75
CA CYS A 4 -20.20 12.16 -5.13
C CYS A 4 -21.45 11.49 -4.57
N TYR A 5 -21.80 10.35 -5.16
CA TYR A 5 -22.98 9.60 -4.74
C TYR A 5 -22.70 8.86 -3.43
N TYR A 6 -21.43 8.63 -3.14
CA TYR A 6 -21.04 7.93 -1.92
C TYR A 6 -21.40 8.75 -0.69
N CYS A 7 -21.47 10.06 -0.84
CA CYS A 7 -21.80 10.94 0.25
C CYS A 7 -22.86 11.94 -0.22
N ASN A 8 -23.41 11.64 -1.40
CA ASN A 8 -24.43 12.50 -1.99
C ASN A 8 -24.07 13.98 -1.83
N GLY A 9 -22.80 14.30 -2.05
CA GLY A 9 -22.34 15.67 -1.92
C GLY A 9 -21.59 16.14 -3.15
N PRO A 10 -21.43 17.47 -3.27
CA PRO A 10 -20.73 18.08 -4.41
C PRO A 10 -19.23 17.82 -4.36
N ILE A 11 -18.59 17.88 -5.53
CA ILE A 11 -17.15 17.64 -5.63
C ILE A 11 -16.43 18.85 -6.21
N LEU A 12 -15.51 19.41 -5.45
CA LEU A 12 -14.74 20.58 -5.90
C LEU A 12 -13.33 20.17 -6.32
N ASP A 13 -12.67 19.39 -5.47
CA ASP A 13 -11.32 18.92 -5.76
C ASP A 13 -11.32 17.87 -6.85
N LYS A 14 -10.20 17.16 -6.99
CA LYS A 14 -10.07 16.12 -8.00
C LYS A 14 -11.16 15.06 -7.83
N VAL A 15 -11.85 14.74 -8.92
CA VAL A 15 -12.92 13.75 -8.89
C VAL A 15 -12.50 12.48 -9.63
N VAL A 16 -12.85 11.33 -9.06
CA VAL A 16 -12.51 10.05 -9.68
C VAL A 16 -13.69 9.48 -10.45
N THR A 17 -13.44 9.04 -11.68
CA THR A 17 -14.49 8.47 -12.51
C THR A 17 -14.55 6.96 -12.37
N ALA A 18 -15.73 6.45 -12.01
CA ALA A 18 -15.92 5.01 -11.84
C ALA A 18 -17.37 4.62 -12.12
N LEU A 19 -17.55 3.57 -12.91
CA LEU A 19 -18.88 3.09 -13.25
C LEU A 19 -19.73 4.22 -13.83
N ASP A 20 -19.13 5.05 -14.68
CA ASP A 20 -19.83 6.16 -15.29
C ASP A 20 -20.38 7.11 -14.24
N ARG A 21 -19.78 7.08 -13.05
CA ARG A 21 -20.20 7.94 -11.95
C ARG A 21 -19.00 8.65 -11.32
N THR A 22 -19.28 9.78 -10.68
CA THR A 22 -18.22 10.55 -10.04
C THR A 22 -18.18 10.29 -8.53
N TRP A 23 -16.98 10.06 -8.01
CA TRP A 23 -16.79 9.79 -6.60
C TRP A 23 -15.68 10.65 -6.01
N HIS A 24 -15.73 10.88 -4.71
CA HIS A 24 -14.72 11.68 -4.03
C HIS A 24 -13.40 10.91 -3.92
N PRO A 25 -12.30 11.66 -3.76
CA PRO A 25 -10.96 11.07 -3.64
C PRO A 25 -10.76 10.32 -2.34
N GLU A 26 -11.26 10.90 -1.24
CA GLU A 26 -11.14 10.28 0.08
C GLU A 26 -12.21 9.19 0.26
N HIS A 27 -13.25 9.25 -0.56
CA HIS A 27 -14.34 8.28 -0.48
C HIS A 27 -14.13 7.15 -1.49
N PHE A 28 -13.02 7.22 -2.23
CA PHE A 28 -12.71 6.22 -3.23
C PHE A 28 -11.50 5.39 -2.81
N PHE A 29 -11.75 4.13 -2.44
CA PHE A 29 -10.68 3.24 -2.02
C PHE A 29 -10.97 1.80 -2.45
N CYS A 30 -9.91 1.01 -2.57
CA CYS A 30 -10.06 -0.38 -2.98
C CYS A 30 -11.00 -1.07 -2.00
N ALA A 31 -12.03 -1.69 -2.55
CA ALA A 31 -13.02 -2.40 -1.74
C ALA A 31 -12.57 -3.82 -1.44
N GLN A 32 -11.44 -4.22 -2.03
CA GLN A 32 -10.90 -5.55 -1.83
C GLN A 32 -9.73 -5.52 -0.85
N CYS A 33 -8.76 -4.68 -1.12
CA CYS A 33 -7.60 -4.56 -0.25
C CYS A 33 -7.75 -3.29 0.58
N GLY A 34 -8.49 -2.34 0.03
CA GLY A 34 -8.72 -1.09 0.72
C GLY A 34 -7.45 -0.51 1.31
N ALA A 35 -6.57 0.00 0.44
CA ALA A 35 -5.31 0.58 0.89
C ALA A 35 -4.50 1.08 -0.30
N PHE A 36 -4.56 2.39 -0.54
CA PHE A 36 -3.82 3.00 -1.64
C PHE A 36 -3.60 4.49 -1.39
N PHE A 37 -2.86 5.12 -2.28
CA PHE A 37 -2.56 6.55 -2.15
C PHE A 37 -2.04 7.11 -3.47
N GLY A 38 -2.74 8.09 -4.02
CA GLY A 38 -2.33 8.70 -5.27
C GLY A 38 -3.49 8.95 -6.21
N PRO A 39 -3.20 9.07 -7.51
CA PRO A 39 -4.22 9.31 -8.54
C PRO A 39 -5.10 8.09 -8.77
N GLU A 40 -5.94 8.17 -9.80
CA GLU A 40 -6.85 7.07 -10.12
C GLU A 40 -6.08 5.77 -10.32
N GLY A 41 -5.58 5.57 -11.53
CA GLY A 41 -4.83 4.36 -11.83
C GLY A 41 -5.47 3.12 -11.24
N PHE A 42 -6.79 3.07 -11.26
CA PHE A 42 -7.53 1.93 -10.72
C PHE A 42 -8.23 1.16 -11.82
N HIS A 43 -8.50 -0.12 -11.57
CA HIS A 43 -9.17 -0.96 -12.55
C HIS A 43 -10.53 -1.42 -12.03
N GLU A 44 -11.49 -1.57 -12.94
CA GLU A 44 -12.84 -1.99 -12.58
C GLU A 44 -12.95 -3.51 -12.56
N LYS A 45 -13.42 -4.07 -11.46
CA LYS A 45 -13.57 -5.51 -11.32
C LYS A 45 -14.89 -5.86 -10.66
N ASP A 46 -15.71 -6.65 -11.33
CA ASP A 46 -17.00 -7.07 -10.81
C ASP A 46 -17.86 -5.85 -10.47
N GLY A 47 -17.75 -4.81 -11.28
CA GLY A 47 -18.52 -3.60 -11.06
C GLY A 47 -18.03 -2.82 -9.85
N LYS A 48 -16.91 -3.25 -9.28
CA LYS A 48 -16.34 -2.59 -8.12
C LYS A 48 -15.00 -1.94 -8.47
N ALA A 49 -14.59 -0.98 -7.64
CA ALA A 49 -13.32 -0.28 -7.86
C ALA A 49 -12.15 -1.07 -7.28
N TYR A 50 -11.27 -1.53 -8.16
CA TYR A 50 -10.10 -2.30 -7.73
C TYR A 50 -8.81 -1.53 -8.01
N CYS A 51 -7.77 -1.86 -7.26
CA CYS A 51 -6.49 -1.19 -7.43
C CYS A 51 -5.59 -2.09 -8.28
N ARG A 52 -4.44 -1.54 -8.65
CA ARG A 52 -3.48 -2.27 -9.47
C ARG A 52 -3.00 -3.52 -8.76
N LYS A 53 -2.75 -3.40 -7.45
CA LYS A 53 -2.29 -4.52 -6.65
C LYS A 53 -3.27 -5.70 -6.73
N ASP A 54 -4.56 -5.38 -6.82
CA ASP A 54 -5.59 -6.39 -6.90
C ASP A 54 -5.43 -7.23 -8.17
N TYR A 55 -5.11 -6.57 -9.27
CA TYR A 55 -4.93 -7.25 -10.55
C TYR A 55 -3.83 -8.29 -10.46
N PHE A 56 -2.67 -7.89 -9.95
CA PHE A 56 -1.53 -8.79 -9.81
C PHE A 56 -1.78 -9.79 -8.68
N ASP A 57 -2.53 -9.37 -7.67
CA ASP A 57 -2.83 -10.23 -6.55
C ASP A 57 -3.61 -11.47 -6.99
N MET A 58 -4.45 -11.30 -8.01
CA MET A 58 -5.24 -12.40 -8.53
C MET A 58 -4.36 -13.43 -9.22
N PHE A 59 -3.22 -12.98 -9.74
CA PHE A 59 -2.29 -13.86 -10.43
C PHE A 59 -1.24 -14.39 -9.46
N ALA A 60 -0.39 -13.49 -8.96
CA ALA A 60 0.66 -13.87 -8.02
C ALA A 60 1.37 -12.64 -7.47
N PRO A 61 2.07 -12.81 -6.34
CA PRO A 61 2.81 -11.73 -5.68
C PRO A 61 4.03 -11.30 -6.48
N LYS A 62 4.34 -10.02 -6.43
CA LYS A 62 5.50 -9.47 -7.15
C LYS A 62 6.23 -8.44 -6.31
N CYS A 63 7.53 -8.34 -6.49
CA CYS A 63 8.33 -7.39 -5.74
C CYS A 63 8.15 -6.01 -6.37
N GLY A 64 8.06 -5.00 -5.51
CA GLY A 64 7.88 -3.64 -5.96
C GLY A 64 8.90 -3.25 -7.02
N GLY A 65 10.09 -3.84 -6.95
CA GLY A 65 11.12 -3.54 -7.92
C GLY A 65 12.34 -4.42 -7.76
N CYS A 66 12.14 -5.72 -7.83
CA CYS A 66 13.24 -6.65 -7.68
C CYS A 66 13.05 -7.78 -8.71
N ALA A 67 11.87 -8.38 -8.68
CA ALA A 67 11.53 -9.46 -9.59
C ALA A 67 10.03 -9.53 -9.85
N ARG A 68 9.59 -10.62 -10.46
CA ARG A 68 8.17 -10.80 -10.76
C ARG A 68 7.58 -11.93 -9.93
N ALA A 69 7.97 -13.16 -10.24
CA ALA A 69 7.48 -14.33 -9.52
C ALA A 69 8.17 -14.47 -8.17
N ILE A 70 7.39 -14.52 -7.10
CA ILE A 70 7.93 -14.66 -5.76
C ILE A 70 7.81 -16.10 -5.25
N LEU A 71 8.91 -16.61 -4.72
CA LEU A 71 8.92 -17.98 -4.19
C LEU A 71 7.84 -18.17 -3.15
N GLU A 72 7.79 -19.37 -2.56
CA GLU A 72 6.80 -19.68 -1.53
C GLU A 72 6.76 -18.60 -0.47
N ASN A 73 7.79 -18.56 0.37
CA ASN A 73 7.87 -17.56 1.44
C ASN A 73 7.68 -16.16 0.89
N TYR A 74 6.80 -15.39 1.54
CA TYR A 74 6.52 -14.02 1.11
C TYR A 74 6.17 -13.15 2.31
N ILE A 75 6.24 -11.83 2.11
CA ILE A 75 5.93 -10.88 3.17
C ILE A 75 5.07 -9.73 2.64
N SER A 76 4.02 -9.41 3.38
CA SER A 76 3.12 -8.32 2.99
C SER A 76 3.41 -7.05 3.79
N ALA A 77 3.90 -6.03 3.09
CA ALA A 77 4.23 -4.76 3.73
C ALA A 77 4.01 -3.59 2.78
N LEU A 78 3.55 -2.46 3.30
CA LEU A 78 3.31 -1.28 2.49
C LEU A 78 2.29 -1.56 1.40
N ASN A 79 1.30 -2.38 1.73
CA ASN A 79 0.25 -2.73 0.78
C ASN A 79 0.83 -3.49 -0.42
N THR A 80 2.07 -3.95 -0.27
CA THR A 80 2.73 -4.69 -1.34
C THR A 80 3.43 -5.94 -0.80
N LEU A 81 3.50 -6.97 -1.63
CA LEU A 81 4.14 -8.22 -1.23
C LEU A 81 5.57 -8.29 -1.77
N TRP A 82 6.53 -8.42 -0.85
CA TRP A 82 7.94 -8.51 -1.24
C TRP A 82 8.57 -9.78 -0.70
N HIS A 83 9.60 -10.27 -1.39
CA HIS A 83 10.28 -11.49 -0.98
C HIS A 83 10.71 -11.40 0.48
N PRO A 84 10.99 -12.57 1.10
CA PRO A 84 11.40 -12.64 2.50
C PRO A 84 12.80 -12.08 2.71
N GLU A 85 13.70 -12.36 1.78
CA GLU A 85 15.08 -11.88 1.88
C GLU A 85 15.19 -10.45 1.34
N CYS A 86 14.18 -10.02 0.62
CA CYS A 86 14.17 -8.68 0.05
C CYS A 86 13.97 -7.68 1.20
N PHE A 87 13.45 -8.19 2.31
CA PHE A 87 13.18 -7.37 3.48
C PHE A 87 14.42 -7.28 4.37
N VAL A 88 15.42 -6.53 3.90
CA VAL A 88 16.66 -6.36 4.65
C VAL A 88 17.29 -5.00 4.37
N CYS A 89 18.07 -4.50 5.33
CA CYS A 89 18.71 -3.21 5.16
C CYS A 89 19.80 -3.35 4.09
N ARG A 90 20.12 -2.22 3.47
CA ARG A 90 21.13 -2.20 2.42
C ARG A 90 22.53 -2.37 3.01
N GLU A 91 22.60 -2.45 4.33
CA GLU A 91 23.88 -2.62 5.02
C GLU A 91 24.02 -4.03 5.58
N CYS A 92 23.01 -4.46 6.33
CA CYS A 92 23.03 -5.79 6.91
C CYS A 92 22.69 -6.81 5.82
N PHE A 93 21.70 -6.43 5.01
CA PHE A 93 21.24 -7.29 3.93
C PHE A 93 20.69 -8.60 4.46
N THR A 94 20.66 -8.73 5.77
CA THR A 94 20.16 -9.94 6.42
C THR A 94 18.85 -9.67 7.14
N PRO A 95 17.93 -10.65 7.10
CA PRO A 95 16.62 -10.54 7.74
C PRO A 95 16.73 -10.59 9.27
N PHE A 96 15.77 -9.96 9.94
CA PHE A 96 15.76 -9.93 11.40
C PHE A 96 14.66 -10.83 11.95
N VAL A 97 14.65 -11.03 13.27
CA VAL A 97 13.66 -11.87 13.92
C VAL A 97 12.26 -11.51 13.46
N ASN A 98 11.35 -12.48 13.52
CA ASN A 98 9.96 -12.27 13.11
C ASN A 98 9.15 -11.63 14.24
N GLY A 99 7.92 -11.25 13.93
CA GLY A 99 7.06 -10.63 14.93
C GLY A 99 6.35 -9.40 14.42
N SER A 100 7.06 -8.60 13.62
CA SER A 100 6.49 -7.39 13.06
C SER A 100 7.40 -6.82 11.96
N PHE A 101 6.80 -6.06 11.05
CA PHE A 101 7.55 -5.46 9.95
C PHE A 101 7.56 -3.93 10.07
N PHE A 102 8.76 -3.35 10.10
CA PHE A 102 8.91 -1.91 10.21
C PHE A 102 9.04 -1.26 8.84
N GLU A 103 8.51 -0.04 8.72
CA GLU A 103 8.56 0.68 7.45
C GLU A 103 9.31 2.00 7.62
N HIS A 104 10.19 2.29 6.66
CA HIS A 104 10.97 3.52 6.69
C HIS A 104 11.31 3.99 5.27
N ASP A 105 10.82 5.17 4.91
CA ASP A 105 11.08 5.73 3.59
C ASP A 105 10.68 4.74 2.49
N GLY A 106 9.66 3.93 2.78
CA GLY A 106 9.20 2.95 1.81
C GLY A 106 10.19 1.83 1.61
N GLN A 107 11.14 1.71 2.54
CA GLN A 107 12.16 0.67 2.46
C GLN A 107 12.15 -0.19 3.72
N PRO A 108 12.25 -1.52 3.53
CA PRO A 108 12.26 -2.47 4.64
C PRO A 108 13.54 -2.39 5.47
N TYR A 109 13.38 -2.38 6.79
CA TYR A 109 14.52 -2.31 7.69
C TYR A 109 14.36 -3.27 8.86
N CYS A 110 15.43 -3.48 9.61
CA CYS A 110 15.39 -4.38 10.75
C CYS A 110 14.88 -3.60 11.96
N GLU A 111 14.57 -4.34 13.01
CA GLU A 111 14.05 -3.75 14.24
C GLU A 111 15.10 -2.84 14.89
N VAL A 112 16.32 -3.36 15.02
CA VAL A 112 17.41 -2.61 15.62
C VAL A 112 17.89 -1.50 14.68
N HIS A 113 17.94 -1.81 13.39
CA HIS A 113 18.39 -0.83 12.39
C HIS A 113 17.35 0.28 12.24
N TYR A 114 16.08 -0.07 12.33
CA TYR A 114 15.00 0.91 12.20
C TYR A 114 15.04 1.92 13.34
N HIS A 115 15.10 1.42 14.57
CA HIS A 115 15.15 2.28 15.74
C HIS A 115 16.44 3.11 15.76
N GLU A 116 17.54 2.48 15.40
CA GLU A 116 18.84 3.15 15.37
C GLU A 116 18.90 4.15 14.21
N ARG A 117 18.15 3.88 13.16
CA ARG A 117 18.12 4.75 11.99
C ARG A 117 17.63 6.15 12.37
N ARG A 118 16.63 6.21 13.24
CA ARG A 118 16.07 7.48 13.68
C ARG A 118 17.09 8.25 14.51
N GLY A 119 17.89 7.54 15.28
CA GLY A 119 18.89 8.17 16.11
C GLY A 119 18.38 8.48 17.51
N SER A 120 17.06 8.51 17.65
CA SER A 120 16.45 8.80 18.94
C SER A 120 14.93 8.72 18.84
N PRO A 121 14.27 8.55 20.01
CA PRO A 121 12.80 8.46 20.08
C PRO A 121 12.13 9.79 19.77
N GLU A 122 10.90 9.71 19.27
CA GLU A 122 10.14 10.91 18.93
C GLU A 122 9.18 11.29 20.07
N TYR A 123 8.34 12.27 19.81
CA TYR A 123 7.37 12.72 20.81
C TYR A 123 5.96 12.76 20.23
N PHE A 124 5.19 11.73 20.52
CA PHE A 124 3.81 11.64 20.03
C PHE A 124 2.84 12.32 20.99
N LYS A 125 1.74 12.81 20.46
CA LYS A 125 0.73 13.49 21.27
C LYS A 125 0.08 12.51 22.24
N ASN A 126 -0.60 13.05 23.25
CA ASN A 126 -1.27 12.23 24.25
C ASN A 126 -2.61 12.84 24.66
N GLY A 127 -3.66 12.03 24.60
CA GLY A 127 -4.99 12.51 24.97
C GLY A 127 -5.49 11.89 26.25
ZN ZN B . -18.11 11.86 -1.19
ZN ZN C . -6.65 -3.21 -3.98
ZN ZN D . 12.03 -9.14 -4.03
ZN ZN E . 19.17 -4.57 8.94
N SER A 1 -25.73 16.81 -18.03
CA SER A 1 -26.37 16.66 -16.73
C SER A 1 -26.35 15.20 -16.29
N PRO A 2 -25.17 14.73 -15.85
CA PRO A 2 -24.98 13.35 -15.39
C PRO A 2 -25.69 13.08 -14.06
N ARG A 3 -26.14 11.84 -13.88
CA ARG A 3 -26.83 11.45 -12.67
C ARG A 3 -26.09 10.32 -11.95
N CYS A 4 -25.89 10.49 -10.65
CA CYS A 4 -25.20 9.48 -9.86
C CYS A 4 -26.16 8.31 -9.61
N TYR A 5 -25.82 7.17 -10.19
CA TYR A 5 -26.64 5.97 -10.04
C TYR A 5 -26.48 5.36 -8.65
N TYR A 6 -25.36 5.68 -8.00
CA TYR A 6 -25.08 5.17 -6.67
C TYR A 6 -26.09 5.70 -5.66
N CYS A 7 -26.66 6.86 -5.95
CA CYS A 7 -27.64 7.45 -5.06
C CYS A 7 -28.81 7.95 -5.90
N ASN A 8 -28.84 7.50 -7.16
CA ASN A 8 -29.89 7.89 -8.08
C ASN A 8 -30.24 9.37 -7.95
N GLY A 9 -29.20 10.18 -7.79
CA GLY A 9 -29.40 11.62 -7.66
C GLY A 9 -28.65 12.41 -8.71
N PRO A 10 -29.08 13.66 -8.93
CA PRO A 10 -28.46 14.55 -9.92
C PRO A 10 -27.07 15.00 -9.49
N ILE A 11 -26.19 15.19 -10.47
CA ILE A 11 -24.82 15.63 -10.20
C ILE A 11 -24.58 17.03 -10.74
N LEU A 12 -24.23 17.95 -9.85
CA LEU A 12 -23.96 19.32 -10.23
C LEU A 12 -22.46 19.63 -10.18
N ASP A 13 -21.77 19.00 -9.24
CA ASP A 13 -20.34 19.19 -9.08
C ASP A 13 -19.56 18.22 -9.97
N LYS A 14 -18.28 18.05 -9.67
CA LYS A 14 -17.42 17.16 -10.44
C LYS A 14 -17.99 15.74 -10.45
N VAL A 15 -18.10 15.16 -11.65
CA VAL A 15 -18.63 13.81 -11.80
C VAL A 15 -17.54 12.86 -12.27
N VAL A 16 -17.54 11.66 -11.70
CA VAL A 16 -16.55 10.63 -12.06
C VAL A 16 -17.14 9.63 -13.04
N THR A 17 -16.46 9.45 -14.17
CA THR A 17 -16.91 8.51 -15.19
C THR A 17 -16.28 7.14 -15.00
N ALA A 18 -17.13 6.12 -14.84
CA ALA A 18 -16.65 4.76 -14.64
C ALA A 18 -17.67 3.74 -15.17
N LEU A 19 -17.17 2.72 -15.86
CA LEU A 19 -18.02 1.68 -16.42
C LEU A 19 -19.05 2.29 -17.37
N ASP A 20 -18.66 3.35 -18.08
CA ASP A 20 -19.54 4.01 -19.02
C ASP A 20 -20.73 4.63 -18.31
N ARG A 21 -20.55 4.96 -17.04
CA ARG A 21 -21.61 5.56 -16.24
C ARG A 21 -21.07 6.71 -15.40
N THR A 22 -21.96 7.60 -14.97
CA THR A 22 -21.58 8.74 -14.16
C THR A 22 -21.83 8.49 -12.67
N TRP A 23 -20.85 8.81 -11.84
CA TRP A 23 -20.97 8.61 -10.40
C TRP A 23 -20.55 9.86 -9.64
N HIS A 24 -21.04 9.99 -8.41
CA HIS A 24 -20.72 11.15 -7.58
C HIS A 24 -19.27 11.07 -7.08
N PRO A 25 -18.70 12.24 -6.78
CA PRO A 25 -17.31 12.35 -6.28
C PRO A 25 -17.16 11.77 -4.88
N GLU A 26 -18.12 12.08 -4.01
CA GLU A 26 -18.09 11.60 -2.64
C GLU A 26 -18.59 10.16 -2.55
N HIS A 27 -19.31 9.73 -3.57
CA HIS A 27 -19.85 8.37 -3.62
C HIS A 27 -18.93 7.45 -4.42
N PHE A 28 -17.76 7.96 -4.79
CA PHE A 28 -16.80 7.19 -5.56
C PHE A 28 -15.57 6.86 -4.73
N PHE A 29 -15.41 5.59 -4.36
CA PHE A 29 -14.27 5.17 -3.56
C PHE A 29 -13.80 3.78 -3.98
N CYS A 30 -12.51 3.53 -3.82
CA CYS A 30 -11.95 2.23 -4.19
C CYS A 30 -12.67 1.16 -3.37
N ALA A 31 -13.25 0.20 -4.10
CA ALA A 31 -13.96 -0.89 -3.47
C ALA A 31 -13.00 -1.98 -2.99
N GLN A 32 -11.71 -1.80 -3.28
CA GLN A 32 -10.69 -2.75 -2.89
C GLN A 32 -9.97 -2.29 -1.63
N CYS A 33 -9.41 -1.09 -1.68
CA CYS A 33 -8.71 -0.55 -0.54
C CYS A 33 -9.54 0.59 0.05
N GLY A 34 -10.35 1.19 -0.81
CA GLY A 34 -11.20 2.30 -0.39
C GLY A 34 -10.43 3.37 0.36
N ALA A 35 -9.64 4.14 -0.38
CA ALA A 35 -8.85 5.21 0.23
C ALA A 35 -8.06 5.98 -0.83
N PHE A 36 -8.75 6.40 -1.89
CA PHE A 36 -8.12 7.14 -2.97
C PHE A 36 -8.20 8.65 -2.72
N PHE A 37 -7.34 9.40 -3.38
CA PHE A 37 -7.32 10.85 -3.24
C PHE A 37 -8.17 11.52 -4.32
N GLY A 38 -7.67 11.53 -5.54
CA GLY A 38 -8.40 12.14 -6.64
C GLY A 38 -8.65 11.17 -7.78
N PRO A 39 -9.58 11.54 -8.67
CA PRO A 39 -9.94 10.71 -9.83
C PRO A 39 -8.82 10.66 -10.86
N GLU A 40 -9.11 10.01 -12.00
CA GLU A 40 -8.13 9.88 -13.07
C GLU A 40 -6.85 9.22 -12.56
N GLY A 41 -7.01 8.33 -11.59
CA GLY A 41 -5.85 7.63 -11.04
C GLY A 41 -6.17 6.21 -10.64
N PHE A 42 -7.24 5.66 -11.21
CA PHE A 42 -7.65 4.29 -10.91
C PHE A 42 -7.83 3.48 -12.18
N HIS A 43 -7.75 2.16 -12.05
CA HIS A 43 -7.90 1.27 -13.20
C HIS A 43 -9.23 0.53 -13.14
N GLU A 44 -9.84 0.32 -14.31
CA GLU A 44 -11.11 -0.37 -14.39
C GLU A 44 -10.91 -1.88 -14.51
N LYS A 45 -11.49 -2.62 -13.58
CA LYS A 45 -11.38 -4.09 -13.57
C LYS A 45 -12.64 -4.73 -13.02
N ASP A 46 -13.26 -5.60 -13.81
CA ASP A 46 -14.47 -6.28 -13.39
C ASP A 46 -15.54 -5.29 -12.96
N GLY A 47 -15.55 -4.12 -13.60
CA GLY A 47 -16.52 -3.10 -13.28
C GLY A 47 -16.27 -2.48 -11.92
N LYS A 48 -15.08 -2.69 -11.38
CA LYS A 48 -14.72 -2.15 -10.08
C LYS A 48 -13.46 -1.29 -10.18
N ALA A 49 -13.41 -0.23 -9.37
CA ALA A 49 -12.27 0.67 -9.36
C ALA A 49 -11.16 0.16 -8.43
N TYR A 50 -9.95 0.03 -8.97
CA TYR A 50 -8.82 -0.46 -8.19
C TYR A 50 -7.63 0.49 -8.31
N CYS A 51 -6.80 0.51 -7.29
CA CYS A 51 -5.63 1.38 -7.29
C CYS A 51 -4.46 0.60 -7.88
N ARG A 52 -3.36 1.31 -8.11
CA ARG A 52 -2.16 0.72 -8.67
C ARG A 52 -1.70 -0.47 -7.83
N LYS A 53 -1.78 -0.32 -6.51
CA LYS A 53 -1.36 -1.37 -5.60
C LYS A 53 -2.34 -2.55 -5.64
N ASP A 54 -3.63 -2.23 -5.74
CA ASP A 54 -4.67 -3.25 -5.79
C ASP A 54 -4.58 -4.05 -7.09
N TYR A 55 -4.38 -3.34 -8.19
CA TYR A 55 -4.28 -3.98 -9.51
C TYR A 55 -3.12 -4.97 -9.53
N PHE A 56 -1.98 -4.56 -8.98
CA PHE A 56 -0.80 -5.40 -8.94
C PHE A 56 -1.00 -6.58 -7.99
N ASP A 57 -1.83 -6.38 -6.96
CA ASP A 57 -2.10 -7.42 -5.98
C ASP A 57 -2.70 -8.66 -6.66
N MET A 58 -3.44 -8.43 -7.74
CA MET A 58 -4.06 -9.54 -8.46
C MET A 58 -3.00 -10.49 -9.02
N PHE A 59 -1.80 -9.97 -9.24
CA PHE A 59 -0.70 -10.77 -9.76
C PHE A 59 0.40 -10.92 -8.73
N ALA A 60 0.02 -11.19 -7.49
CA ALA A 60 0.98 -11.35 -6.40
C ALA A 60 1.64 -10.02 -6.04
N PRO A 61 2.18 -9.93 -4.82
CA PRO A 61 2.85 -8.72 -4.33
C PRO A 61 4.17 -8.47 -5.04
N LYS A 62 4.63 -7.23 -4.99
CA LYS A 62 5.89 -6.85 -5.62
C LYS A 62 6.71 -5.96 -4.70
N CYS A 63 8.01 -6.23 -4.63
CA CYS A 63 8.90 -5.44 -3.79
C CYS A 63 8.90 -4.00 -4.31
N GLY A 64 9.06 -3.06 -3.38
CA GLY A 64 9.08 -1.66 -3.74
C GLY A 64 10.33 -1.27 -4.51
N GLY A 65 11.39 -2.06 -4.34
CA GLY A 65 12.64 -1.79 -5.03
C GLY A 65 13.64 -2.92 -4.89
N CYS A 66 13.26 -4.10 -5.34
CA CYS A 66 14.13 -5.26 -5.26
C CYS A 66 13.81 -6.19 -6.44
N ALA A 67 12.51 -6.48 -6.58
CA ALA A 67 12.05 -7.35 -7.65
C ALA A 67 10.58 -7.09 -7.98
N ARG A 68 10.03 -7.89 -8.87
CA ARG A 68 8.63 -7.74 -9.27
C ARG A 68 7.77 -8.87 -8.71
N ALA A 69 7.98 -10.08 -9.23
CA ALA A 69 7.24 -11.24 -8.78
C ALA A 69 7.74 -11.72 -7.41
N ILE A 70 6.82 -11.80 -6.45
CA ILE A 70 7.16 -12.25 -5.11
C ILE A 70 6.72 -13.69 -4.87
N LEU A 71 7.65 -14.52 -4.43
CA LEU A 71 7.36 -15.93 -4.16
C LEU A 71 6.13 -16.07 -3.28
N GLU A 72 5.68 -17.30 -3.11
CA GLU A 72 4.51 -17.58 -2.28
C GLU A 72 4.46 -16.65 -1.07
N ASN A 73 5.18 -17.03 -0.01
CA ASN A 73 5.22 -16.23 1.21
C ASN A 73 5.47 -14.76 0.88
N TYR A 74 4.74 -13.88 1.57
CA TYR A 74 4.88 -12.45 1.35
C TYR A 74 4.61 -11.68 2.64
N ILE A 75 5.02 -10.41 2.67
CA ILE A 75 4.80 -9.57 3.83
C ILE A 75 4.33 -8.18 3.43
N SER A 76 3.36 -7.64 4.17
CA SER A 76 2.81 -6.33 3.88
C SER A 76 3.25 -5.32 4.95
N ALA A 77 3.90 -4.24 4.50
CA ALA A 77 4.36 -3.20 5.42
C ALA A 77 4.52 -1.87 4.70
N LEU A 78 4.21 -0.78 5.40
CA LEU A 78 4.31 0.55 4.83
C LEU A 78 3.40 0.70 3.62
N ASN A 79 2.22 0.09 3.70
CA ASN A 79 1.25 0.15 2.61
C ASN A 79 1.82 -0.49 1.34
N THR A 80 2.91 -1.23 1.50
CA THR A 80 3.55 -1.90 0.36
C THR A 80 3.91 -3.34 0.71
N LEU A 81 3.92 -4.20 -0.30
CA LEU A 81 4.25 -5.61 -0.11
C LEU A 81 5.69 -5.88 -0.49
N TRP A 82 6.42 -6.54 0.41
CA TRP A 82 7.82 -6.87 0.17
C TRP A 82 8.10 -8.32 0.53
N HIS A 83 9.15 -8.88 -0.08
CA HIS A 83 9.53 -10.27 0.17
C HIS A 83 9.70 -10.52 1.66
N PRO A 84 9.67 -11.80 2.06
CA PRO A 84 9.81 -12.20 3.46
C PRO A 84 11.22 -11.99 3.97
N GLU A 85 12.21 -12.29 3.14
CA GLU A 85 13.61 -12.12 3.51
C GLU A 85 14.07 -10.69 3.27
N CYS A 86 13.29 -9.94 2.49
CA CYS A 86 13.64 -8.57 2.20
C CYS A 86 13.44 -7.73 3.46
N PHE A 87 12.66 -8.29 4.39
CA PHE A 87 12.38 -7.63 5.65
C PHE A 87 13.52 -7.82 6.64
N VAL A 88 14.62 -7.10 6.41
CA VAL A 88 15.79 -7.20 7.28
C VAL A 88 16.55 -5.87 7.32
N CYS A 89 17.27 -5.65 8.41
CA CYS A 89 18.04 -4.43 8.56
C CYS A 89 19.19 -4.45 7.55
N ARG A 90 19.64 -3.26 7.19
CA ARG A 90 20.75 -3.13 6.24
C ARG A 90 22.07 -3.55 6.86
N GLU A 91 22.03 -3.86 8.16
CA GLU A 91 23.23 -4.27 8.88
C GLU A 91 23.21 -5.78 9.14
N CYS A 92 22.13 -6.25 9.73
CA CYS A 92 22.00 -7.66 10.04
C CYS A 92 21.68 -8.41 8.73
N PHE A 93 20.79 -7.81 7.95
CA PHE A 93 20.38 -8.40 6.67
C PHE A 93 19.71 -9.75 6.88
N THR A 94 19.57 -10.14 8.15
CA THR A 94 18.94 -11.42 8.48
C THR A 94 17.60 -11.20 9.17
N PRO A 95 16.63 -12.06 8.85
CA PRO A 95 15.28 -11.99 9.42
C PRO A 95 15.25 -12.35 10.90
N PHE A 96 14.29 -11.81 11.63
CA PHE A 96 14.16 -12.08 13.06
C PHE A 96 13.62 -13.48 13.30
N VAL A 97 13.35 -13.80 14.56
CA VAL A 97 12.84 -15.11 14.92
C VAL A 97 11.32 -15.09 15.07
N ASN A 98 10.80 -13.97 15.57
CA ASN A 98 9.37 -13.82 15.76
C ASN A 98 9.00 -12.36 15.98
N GLY A 99 7.69 -12.08 16.02
CA GLY A 99 7.24 -10.71 16.23
C GLY A 99 6.64 -10.11 14.98
N SER A 100 5.72 -9.16 15.15
CA SER A 100 5.07 -8.50 14.03
C SER A 100 6.09 -7.78 13.16
N PHE A 101 5.60 -6.97 12.22
CA PHE A 101 6.47 -6.23 11.32
C PHE A 101 6.76 -4.84 11.87
N PHE A 102 8.03 -4.46 11.86
CA PHE A 102 8.45 -3.16 12.35
C PHE A 102 8.97 -2.28 11.23
N GLU A 103 8.69 -0.98 11.32
CA GLU A 103 9.12 -0.04 10.29
C GLU A 103 10.14 0.95 10.86
N HIS A 104 11.20 1.21 10.10
CA HIS A 104 12.25 2.13 10.53
C HIS A 104 12.85 2.86 9.33
N ASP A 105 12.75 4.18 9.33
CA ASP A 105 13.29 4.99 8.25
C ASP A 105 12.75 4.53 6.90
N GLY A 106 11.49 4.08 6.90
CA GLY A 106 10.88 3.61 5.67
C GLY A 106 11.41 2.27 5.23
N GLN A 107 12.13 1.60 6.12
CA GLN A 107 12.70 0.29 5.81
C GLN A 107 12.37 -0.71 6.91
N PRO A 108 12.31 -2.01 6.54
CA PRO A 108 12.02 -3.09 7.48
C PRO A 108 13.14 -3.32 8.47
N TYR A 109 12.80 -3.42 9.74
CA TYR A 109 13.78 -3.64 10.80
C TYR A 109 13.38 -4.83 11.66
N CYS A 110 14.33 -5.31 12.47
CA CYS A 110 14.07 -6.43 13.35
C CYS A 110 13.47 -5.90 14.65
N GLU A 111 12.94 -6.82 15.45
CA GLU A 111 12.32 -6.47 16.72
C GLU A 111 13.36 -5.87 17.68
N VAL A 112 14.50 -6.53 17.80
CA VAL A 112 15.57 -6.05 18.68
C VAL A 112 16.25 -4.82 18.10
N HIS A 113 16.47 -4.83 16.79
CA HIS A 113 17.10 -3.71 16.11
C HIS A 113 16.21 -2.48 16.13
N TYR A 114 14.90 -2.70 15.99
CA TYR A 114 13.93 -1.62 15.99
C TYR A 114 13.88 -0.93 17.35
N HIS A 115 13.74 -1.74 18.40
CA HIS A 115 13.67 -1.21 19.76
C HIS A 115 15.02 -0.64 20.19
N GLU A 116 16.10 -1.28 19.76
CA GLU A 116 17.44 -0.84 20.09
C GLU A 116 17.71 0.55 19.52
N ARG A 117 17.20 0.81 18.33
CA ARG A 117 17.39 2.09 17.66
C ARG A 117 16.60 3.18 18.37
N ARG A 118 15.40 2.84 18.82
CA ARG A 118 14.53 3.80 19.51
C ARG A 118 14.95 3.93 20.97
N GLY A 119 15.73 2.98 21.45
CA GLY A 119 16.19 3.01 22.83
C GLY A 119 17.06 4.23 23.13
N SER A 120 17.84 4.13 24.20
CA SER A 120 18.72 5.23 24.59
C SER A 120 19.86 5.40 23.58
N PRO A 121 20.48 6.58 23.60
CA PRO A 121 21.60 6.91 22.70
C PRO A 121 22.86 6.13 23.04
N GLU A 122 23.56 5.66 22.02
CA GLU A 122 24.79 4.90 22.20
C GLU A 122 26.00 5.83 22.26
N TYR A 123 27.15 5.26 22.61
CA TYR A 123 28.39 6.04 22.71
C TYR A 123 28.67 6.77 21.41
N PHE A 124 29.19 7.99 21.52
CA PHE A 124 29.52 8.80 20.34
C PHE A 124 30.85 8.36 19.73
N LYS A 125 30.84 8.10 18.43
CA LYS A 125 32.04 7.68 17.73
C LYS A 125 31.70 7.17 16.33
N ASN A 126 32.20 7.86 15.31
CA ASN A 126 31.95 7.48 13.93
C ASN A 126 30.45 7.34 13.67
N GLY A 127 29.66 8.20 14.32
CA GLY A 127 28.22 8.15 14.13
C GLY A 127 27.58 9.52 14.31
ZN ZN B . -24.46 9.91 -5.48
ZN ZN C . -7.61 0.96 -3.95
ZN ZN D . 12.15 -7.93 -2.15
ZN ZN E . 18.02 -6.57 11.95
N SER A 1 -25.12 19.46 -15.71
CA SER A 1 -24.10 19.11 -14.74
C SER A 1 -24.09 17.61 -14.47
N PRO A 2 -22.97 17.10 -13.93
CA PRO A 2 -22.81 15.68 -13.61
C PRO A 2 -23.69 15.25 -12.45
N ARG A 3 -24.15 14.01 -12.49
CA ARG A 3 -25.00 13.46 -11.43
C ARG A 3 -24.45 12.14 -10.92
N CYS A 4 -24.37 12.01 -9.60
CA CYS A 4 -23.86 10.80 -9.00
C CYS A 4 -24.92 9.71 -9.12
N TYR A 5 -24.60 8.69 -9.91
CA TYR A 5 -25.51 7.57 -10.13
C TYR A 5 -25.56 6.66 -8.92
N TYR A 6 -24.52 6.72 -8.10
CA TYR A 6 -24.44 5.88 -6.90
C TYR A 6 -25.52 6.28 -5.89
N CYS A 7 -25.94 7.53 -5.95
CA CYS A 7 -26.96 8.01 -5.04
C CYS A 7 -28.01 8.79 -5.86
N ASN A 8 -27.91 8.64 -7.18
CA ASN A 8 -28.83 9.30 -8.09
C ASN A 8 -29.07 10.75 -7.66
N GLY A 9 -28.02 11.40 -7.20
CA GLY A 9 -28.14 12.78 -6.76
C GLY A 9 -27.17 13.71 -7.47
N PRO A 10 -27.44 15.02 -7.41
CA PRO A 10 -26.61 16.03 -8.05
C PRO A 10 -25.24 16.19 -7.37
N ILE A 11 -24.26 16.62 -8.14
CA ILE A 11 -22.91 16.80 -7.60
C ILE A 11 -22.47 18.26 -7.69
N LEU A 12 -22.17 18.85 -6.55
CA LEU A 12 -21.74 20.25 -6.50
C LEU A 12 -20.23 20.35 -6.28
N ASP A 13 -19.72 19.57 -5.34
CA ASP A 13 -18.30 19.56 -5.03
C ASP A 13 -17.51 18.84 -6.13
N LYS A 14 -16.27 18.48 -5.83
CA LYS A 14 -15.42 17.79 -6.78
C LYS A 14 -16.06 16.49 -7.24
N VAL A 15 -16.11 16.29 -8.55
CA VAL A 15 -16.71 15.09 -9.13
C VAL A 15 -15.63 14.14 -9.65
N VAL A 16 -15.82 12.85 -9.41
CA VAL A 16 -14.86 11.84 -9.86
C VAL A 16 -15.34 11.16 -11.13
N THR A 17 -14.45 11.04 -12.11
CA THR A 17 -14.78 10.41 -13.37
C THR A 17 -14.39 8.94 -13.37
N ALA A 18 -15.36 8.07 -13.60
CA ALA A 18 -15.12 6.63 -13.62
C ALA A 18 -16.11 5.92 -14.52
N LEU A 19 -15.61 5.03 -15.37
CA LEU A 19 -16.46 4.28 -16.29
C LEU A 19 -17.32 5.21 -17.12
N ASP A 20 -16.74 6.35 -17.53
CA ASP A 20 -17.46 7.32 -18.33
C ASP A 20 -18.67 7.87 -17.58
N ARG A 21 -18.62 7.79 -16.26
CA ARG A 21 -19.72 8.26 -15.42
C ARG A 21 -19.20 9.12 -14.27
N THR A 22 -20.06 9.97 -13.72
CA THR A 22 -19.68 10.85 -12.62
C THR A 22 -20.16 10.29 -11.29
N TRP A 23 -19.27 10.28 -10.31
CA TRP A 23 -19.60 9.77 -8.98
C TRP A 23 -19.13 10.73 -7.90
N HIS A 24 -19.78 10.67 -6.74
CA HIS A 24 -19.43 11.54 -5.62
C HIS A 24 -18.08 11.15 -5.02
N PRO A 25 -17.44 12.11 -4.34
CA PRO A 25 -16.14 11.89 -3.71
C PRO A 25 -16.22 10.94 -2.51
N GLU A 26 -17.25 11.11 -1.69
CA GLU A 26 -17.44 10.27 -0.52
C GLU A 26 -18.09 8.95 -0.90
N HIS A 27 -18.66 8.90 -2.11
CA HIS A 27 -19.32 7.69 -2.59
C HIS A 27 -18.38 6.87 -3.47
N PHE A 28 -17.15 7.35 -3.61
CA PHE A 28 -16.16 6.66 -4.43
C PHE A 28 -15.04 6.08 -3.57
N PHE A 29 -15.02 4.76 -3.45
CA PHE A 29 -14.01 4.08 -2.64
C PHE A 29 -13.61 2.76 -3.29
N CYS A 30 -12.35 2.39 -3.12
CA CYS A 30 -11.85 1.14 -3.68
C CYS A 30 -12.68 -0.01 -3.11
N ALA A 31 -13.31 -0.76 -4.01
CA ALA A 31 -14.12 -1.89 -3.62
C ALA A 31 -13.27 -3.11 -3.30
N GLN A 32 -11.96 -2.98 -3.50
CA GLN A 32 -11.03 -4.07 -3.25
C GLN A 32 -10.37 -3.91 -1.87
N CYS A 33 -9.76 -2.76 -1.66
CA CYS A 33 -9.10 -2.49 -0.39
C CYS A 33 -9.87 -1.39 0.34
N GLY A 34 -10.55 -0.56 -0.45
CA GLY A 34 -11.33 0.53 0.11
C GLY A 34 -10.49 1.45 0.97
N ALA A 35 -9.49 2.08 0.36
CA ALA A 35 -8.61 3.00 1.08
C ALA A 35 -7.55 3.58 0.15
N PHE A 36 -8.00 4.32 -0.86
CA PHE A 36 -7.08 4.93 -1.82
C PHE A 36 -6.79 6.39 -1.43
N PHE A 37 -5.81 6.99 -2.11
CA PHE A 37 -5.43 8.37 -1.85
C PHE A 37 -6.58 9.32 -2.21
N GLY A 38 -6.30 10.62 -2.14
CA GLY A 38 -7.31 11.61 -2.45
C GLY A 38 -7.62 11.67 -3.93
N PRO A 39 -6.65 12.16 -4.73
CA PRO A 39 -6.81 12.28 -6.18
C PRO A 39 -6.81 10.93 -6.88
N GLU A 40 -7.09 10.94 -8.18
CA GLU A 40 -7.13 9.71 -8.96
C GLU A 40 -5.79 8.99 -8.91
N GLY A 41 -5.70 7.87 -9.63
CA GLY A 41 -4.46 7.11 -9.65
C GLY A 41 -4.68 5.64 -9.37
N PHE A 42 -5.76 5.09 -9.92
CA PHE A 42 -6.09 3.68 -9.72
C PHE A 42 -6.42 3.00 -11.04
N HIS A 43 -6.26 1.68 -11.08
CA HIS A 43 -6.53 0.91 -12.29
C HIS A 43 -7.98 0.43 -12.32
N GLU A 44 -8.63 0.63 -13.45
CA GLU A 44 -10.03 0.22 -13.61
C GLU A 44 -10.12 -1.16 -14.26
N LYS A 45 -11.00 -2.01 -13.73
CA LYS A 45 -11.18 -3.35 -14.25
C LYS A 45 -12.61 -3.85 -13.98
N ASP A 46 -13.26 -4.35 -15.03
CA ASP A 46 -14.62 -4.86 -14.92
C ASP A 46 -15.54 -3.80 -14.34
N GLY A 47 -15.26 -2.54 -14.67
CA GLY A 47 -16.09 -1.45 -14.18
C GLY A 47 -15.91 -1.21 -12.69
N LYS A 48 -14.86 -1.81 -12.12
CA LYS A 48 -14.58 -1.66 -10.69
C LYS A 48 -13.31 -0.84 -10.48
N ALA A 49 -13.17 -0.28 -9.29
CA ALA A 49 -12.00 0.53 -8.95
C ALA A 49 -11.00 -0.28 -8.12
N TYR A 50 -9.80 -0.43 -8.64
CA TYR A 50 -8.76 -1.18 -7.95
C TYR A 50 -7.45 -0.38 -7.90
N CYS A 51 -6.79 -0.44 -6.75
CA CYS A 51 -5.54 0.28 -6.57
C CYS A 51 -4.44 -0.48 -7.32
N ARG A 52 -3.27 0.15 -7.40
CA ARG A 52 -2.13 -0.45 -8.08
C ARG A 52 -1.80 -1.82 -7.50
N LYS A 53 -1.85 -1.92 -6.17
CA LYS A 53 -1.56 -3.18 -5.49
C LYS A 53 -2.68 -4.19 -5.73
N ASP A 54 -3.91 -3.71 -5.71
CA ASP A 54 -5.07 -4.57 -5.92
C ASP A 54 -5.02 -5.22 -7.30
N TYR A 55 -4.58 -4.45 -8.29
CA TYR A 55 -4.49 -4.96 -9.66
C TYR A 55 -3.56 -6.16 -9.73
N PHE A 56 -2.38 -6.03 -9.15
CA PHE A 56 -1.40 -7.11 -9.14
C PHE A 56 -1.83 -8.25 -8.22
N ASP A 57 -2.59 -7.89 -7.18
CA ASP A 57 -3.07 -8.88 -6.22
C ASP A 57 -3.95 -9.91 -6.91
N MET A 58 -4.74 -9.46 -7.88
CA MET A 58 -5.64 -10.35 -8.61
C MET A 58 -4.84 -11.44 -9.33
N PHE A 59 -3.60 -11.15 -9.66
CA PHE A 59 -2.73 -12.11 -10.35
C PHE A 59 -1.85 -12.85 -9.35
N ALA A 60 -1.00 -12.10 -8.65
CA ALA A 60 -0.10 -12.69 -7.66
C ALA A 60 0.75 -11.63 -6.99
N PRO A 61 1.28 -11.96 -5.81
CA PRO A 61 2.13 -11.04 -5.03
C PRO A 61 3.49 -10.81 -5.69
N LYS A 62 3.97 -9.57 -5.60
CA LYS A 62 5.26 -9.21 -6.18
C LYS A 62 6.07 -8.35 -5.22
N CYS A 63 7.37 -8.63 -5.15
CA CYS A 63 8.24 -7.87 -4.27
C CYS A 63 8.21 -6.41 -4.69
N GLY A 64 8.22 -5.52 -3.70
CA GLY A 64 8.19 -4.09 -3.96
C GLY A 64 9.26 -3.67 -4.95
N GLY A 65 10.35 -4.42 -5.00
CA GLY A 65 11.43 -4.10 -5.92
C GLY A 65 12.58 -5.09 -5.84
N CYS A 66 12.27 -6.36 -6.06
CA CYS A 66 13.28 -7.40 -6.00
C CYS A 66 13.04 -8.36 -7.17
N ALA A 67 11.81 -8.87 -7.23
CA ALA A 67 11.43 -9.80 -8.28
C ALA A 67 9.99 -9.57 -8.73
N ARG A 68 9.45 -10.51 -9.49
CA ARG A 68 8.09 -10.40 -9.99
C ARG A 68 7.18 -11.45 -9.33
N ALA A 69 7.27 -12.68 -9.82
CA ALA A 69 6.46 -13.76 -9.28
C ALA A 69 7.04 -14.27 -7.96
N ILE A 70 6.20 -14.29 -6.92
CA ILE A 70 6.63 -14.76 -5.61
C ILE A 70 6.16 -16.18 -5.35
N LEU A 71 7.11 -17.06 -5.01
CA LEU A 71 6.79 -18.45 -4.73
C LEU A 71 5.77 -18.57 -3.61
N GLU A 72 5.50 -19.80 -3.19
CA GLU A 72 4.54 -20.04 -2.12
C GLU A 72 4.79 -19.10 -0.95
N ASN A 73 5.93 -19.25 -0.30
CA ASN A 73 6.29 -18.41 0.83
C ASN A 73 6.09 -16.93 0.50
N TYR A 74 5.24 -16.27 1.28
CA TYR A 74 4.95 -14.85 1.06
C TYR A 74 4.58 -14.17 2.38
N ILE A 75 5.07 -12.95 2.56
CA ILE A 75 4.78 -12.18 3.77
C ILE A 75 4.07 -10.88 3.44
N SER A 76 3.04 -10.57 4.22
CA SER A 76 2.26 -9.35 4.01
C SER A 76 2.76 -8.23 4.92
N ALA A 77 3.33 -7.20 4.30
CA ALA A 77 3.85 -6.05 5.05
C ALA A 77 3.72 -4.76 4.25
N LEU A 78 3.42 -3.67 4.95
CA LEU A 78 3.26 -2.37 4.30
C LEU A 78 2.23 -2.44 3.18
N ASN A 79 1.19 -3.24 3.39
CA ASN A 79 0.13 -3.40 2.41
C ASN A 79 0.67 -4.02 1.12
N THR A 80 1.86 -4.60 1.21
CA THR A 80 2.49 -5.24 0.06
C THR A 80 3.04 -6.61 0.43
N LEU A 81 3.14 -7.49 -0.57
CA LEU A 81 3.65 -8.84 -0.35
C LEU A 81 5.12 -8.94 -0.77
N TRP A 82 5.95 -9.38 0.17
CA TRP A 82 7.38 -9.52 -0.10
C TRP A 82 7.87 -10.91 0.29
N HIS A 83 8.95 -11.36 -0.35
CA HIS A 83 9.51 -12.67 -0.07
C HIS A 83 9.87 -12.81 1.40
N PRO A 84 10.03 -14.05 1.87
CA PRO A 84 10.38 -14.34 3.27
C PRO A 84 11.81 -13.92 3.61
N GLU A 85 12.72 -14.16 2.68
CA GLU A 85 14.13 -13.81 2.88
C GLU A 85 14.37 -12.34 2.55
N CYS A 86 13.45 -11.73 1.82
CA CYS A 86 13.57 -10.34 1.46
C CYS A 86 13.28 -9.49 2.70
N PHE A 87 12.62 -10.11 3.66
CA PHE A 87 12.27 -9.44 4.91
C PHE A 87 13.48 -9.30 5.81
N VAL A 88 14.48 -8.56 5.36
CA VAL A 88 15.71 -8.35 6.13
C VAL A 88 16.33 -7.00 5.80
N CYS A 89 17.29 -6.59 6.63
CA CYS A 89 17.96 -5.32 6.42
C CYS A 89 18.93 -5.47 5.25
N ARG A 90 19.20 -4.36 4.58
CA ARG A 90 20.10 -4.34 3.44
C ARG A 90 21.55 -4.51 3.90
N GLU A 91 21.76 -4.54 5.20
CA GLU A 91 23.09 -4.69 5.77
C GLU A 91 23.30 -6.10 6.33
N CYS A 92 22.37 -6.53 7.17
CA CYS A 92 22.46 -7.85 7.77
C CYS A 92 22.01 -8.88 6.73
N PHE A 93 20.91 -8.54 6.06
CA PHE A 93 20.35 -9.42 5.04
C PHE A 93 19.90 -10.74 5.64
N THR A 94 20.10 -10.89 6.94
CA THR A 94 19.72 -12.12 7.64
C THR A 94 18.36 -11.97 8.32
N PRO A 95 17.58 -13.05 8.31
CA PRO A 95 16.24 -13.07 8.92
C PRO A 95 16.30 -13.00 10.44
N PHE A 96 15.26 -12.42 11.05
CA PHE A 96 15.19 -12.29 12.49
C PHE A 96 14.02 -13.10 13.06
N VAL A 97 12.90 -13.07 12.36
CA VAL A 97 11.71 -13.80 12.79
C VAL A 97 11.59 -13.80 14.31
N ASN A 98 11.38 -12.62 14.89
CA ASN A 98 11.25 -12.49 16.33
C ASN A 98 10.19 -11.44 16.68
N GLY A 99 8.92 -11.84 16.60
CA GLY A 99 7.84 -10.93 16.91
C GLY A 99 7.18 -10.37 15.66
N SER A 100 6.40 -9.30 15.84
CA SER A 100 5.71 -8.67 14.73
C SER A 100 6.70 -8.18 13.68
N PHE A 101 6.19 -7.48 12.66
CA PHE A 101 7.04 -6.97 11.59
C PHE A 101 7.36 -5.49 11.83
N PHE A 102 8.63 -5.14 11.67
CA PHE A 102 9.09 -3.77 11.87
C PHE A 102 9.11 -3.01 10.54
N GLU A 103 8.49 -1.84 10.53
CA GLU A 103 8.44 -1.01 9.33
C GLU A 103 9.37 0.20 9.45
N HIS A 104 10.15 0.44 8.40
CA HIS A 104 11.09 1.56 8.39
C HIS A 104 11.38 2.01 6.97
N ASP A 105 11.03 3.25 6.66
CA ASP A 105 11.25 3.80 5.33
C ASP A 105 10.63 2.91 4.26
N GLY A 106 9.53 2.25 4.60
CA GLY A 106 8.87 1.37 3.66
C GLY A 106 9.64 0.09 3.42
N GLN A 107 10.59 -0.19 4.30
CA GLN A 107 11.41 -1.40 4.17
C GLN A 107 11.46 -2.16 5.49
N PRO A 108 11.46 -3.49 5.40
CA PRO A 108 11.51 -4.38 6.57
C PRO A 108 12.86 -4.33 7.28
N TYR A 109 12.83 -4.37 8.60
CA TYR A 109 14.05 -4.33 9.40
C TYR A 109 13.99 -5.34 10.54
N CYS A 110 15.12 -5.57 11.19
CA CYS A 110 15.19 -6.50 12.29
C CYS A 110 14.77 -5.78 13.57
N GLU A 111 14.58 -6.56 14.62
CA GLU A 111 14.17 -6.01 15.91
C GLU A 111 15.24 -5.11 16.48
N VAL A 112 16.48 -5.60 16.50
CA VAL A 112 17.60 -4.82 17.02
C VAL A 112 17.99 -3.71 16.06
N HIS A 113 17.92 -4.00 14.76
CA HIS A 113 18.26 -3.02 13.73
C HIS A 113 17.23 -1.90 13.68
N TYR A 114 15.96 -2.27 13.89
CA TYR A 114 14.87 -1.29 13.85
C TYR A 114 14.99 -0.30 15.01
N HIS A 115 15.18 -0.83 16.21
CA HIS A 115 15.32 0.00 17.40
C HIS A 115 16.59 0.83 17.35
N GLU A 116 17.68 0.21 16.89
CA GLU A 116 18.96 0.88 16.79
C GLU A 116 18.94 1.94 15.68
N ARG A 117 18.16 1.66 14.64
CA ARG A 117 18.05 2.58 13.51
C ARG A 117 17.43 3.91 13.94
N ARG A 118 16.63 3.87 15.00
CA ARG A 118 15.99 5.07 15.53
C ARG A 118 17.02 6.10 15.96
N GLY A 119 18.14 5.61 16.47
CA GLY A 119 19.20 6.51 16.92
C GLY A 119 18.72 7.49 17.97
N SER A 120 19.58 8.44 18.34
CA SER A 120 19.22 9.44 19.33
C SER A 120 18.72 10.72 18.66
N PRO A 121 18.01 11.55 19.45
CA PRO A 121 17.45 12.81 18.96
C PRO A 121 18.54 13.85 18.67
N GLU A 122 18.21 14.84 17.85
CA GLU A 122 19.16 15.89 17.50
C GLU A 122 19.66 16.59 18.76
N TYR A 123 18.77 16.85 19.70
CA TYR A 123 19.13 17.52 20.94
C TYR A 123 19.64 16.50 21.97
N PHE A 124 20.95 16.28 21.97
CA PHE A 124 21.56 15.34 22.91
C PHE A 124 21.76 15.99 24.28
N LYS A 125 21.99 15.16 25.29
CA LYS A 125 22.20 15.64 26.65
C LYS A 125 23.35 16.65 26.69
N ASN A 126 24.31 16.47 25.79
CA ASN A 126 25.47 17.36 25.73
C ASN A 126 26.23 17.36 27.05
N GLY A 127 26.56 16.16 27.54
CA GLY A 127 27.28 16.04 28.80
C GLY A 127 28.72 16.49 28.67
ZN ZN B . -23.54 10.15 -4.57
ZN ZN C . -7.65 -0.53 -3.40
ZN ZN D . 11.70 -10.23 -2.79
ZN ZN E . 18.80 -6.70 10.16
N SER A 1 -24.14 19.94 -16.12
CA SER A 1 -23.17 19.51 -15.11
C SER A 1 -23.26 18.01 -14.88
N PRO A 2 -22.20 17.43 -14.30
CA PRO A 2 -22.13 16.00 -14.01
C PRO A 2 -23.08 15.58 -12.90
N ARG A 3 -23.71 14.42 -13.07
CA ARG A 3 -24.66 13.91 -12.08
C ARG A 3 -24.30 12.49 -11.66
N CYS A 4 -24.26 12.24 -10.36
CA CYS A 4 -23.92 10.92 -9.85
C CYS A 4 -25.10 9.99 -10.13
N TYR A 5 -24.87 9.04 -11.02
CA TYR A 5 -25.89 8.06 -11.39
C TYR A 5 -26.08 7.02 -10.29
N TYR A 6 -25.06 6.87 -9.44
CA TYR A 6 -25.12 5.91 -8.34
C TYR A 6 -26.20 6.29 -7.34
N CYS A 7 -26.51 7.58 -7.27
CA CYS A 7 -27.51 8.07 -6.35
C CYS A 7 -28.46 8.99 -7.12
N ASN A 8 -28.30 8.98 -8.43
CA ASN A 8 -29.13 9.81 -9.30
C ASN A 8 -29.25 11.23 -8.76
N GLY A 9 -28.16 11.73 -8.17
CA GLY A 9 -28.17 13.06 -7.62
C GLY A 9 -27.09 13.94 -8.21
N PRO A 10 -27.28 15.27 -8.09
CA PRO A 10 -26.32 16.24 -8.63
C PRO A 10 -25.01 16.26 -7.84
N ILE A 11 -23.92 16.62 -8.52
CA ILE A 11 -22.61 16.66 -7.88
C ILE A 11 -22.11 18.10 -7.79
N LEU A 12 -21.92 18.58 -6.56
CA LEU A 12 -21.44 19.94 -6.34
C LEU A 12 -19.95 19.93 -5.97
N ASP A 13 -19.55 18.96 -5.17
CA ASP A 13 -18.16 18.84 -4.75
C ASP A 13 -17.32 18.19 -5.84
N LYS A 14 -16.11 17.75 -5.47
CA LYS A 14 -15.21 17.11 -6.43
C LYS A 14 -15.86 15.89 -7.06
N VAL A 15 -15.82 15.81 -8.39
CA VAL A 15 -16.40 14.69 -9.11
C VAL A 15 -15.32 13.71 -9.56
N VAL A 16 -15.62 12.42 -9.43
CA VAL A 16 -14.67 11.38 -9.82
C VAL A 16 -15.00 10.84 -11.20
N THR A 17 -13.98 10.73 -12.05
CA THR A 17 -14.15 10.23 -13.40
C THR A 17 -13.90 8.72 -13.47
N ALA A 18 -14.88 7.99 -13.99
CA ALA A 18 -14.76 6.54 -14.11
C ALA A 18 -15.59 6.03 -15.28
N LEU A 19 -14.93 5.35 -16.22
CA LEU A 19 -15.60 4.80 -17.38
C LEU A 19 -16.34 5.89 -18.15
N ASP A 20 -15.68 7.03 -18.33
CA ASP A 20 -16.28 8.16 -19.05
C ASP A 20 -17.56 8.62 -18.36
N ARG A 21 -17.69 8.28 -17.08
CA ARG A 21 -18.87 8.66 -16.31
C ARG A 21 -18.48 9.38 -15.03
N THR A 22 -19.39 10.19 -14.51
CA THR A 22 -19.13 10.94 -13.28
C THR A 22 -19.82 10.30 -12.09
N TRP A 23 -19.07 10.12 -11.01
CA TRP A 23 -19.62 9.51 -9.79
C TRP A 23 -19.22 10.31 -8.56
N HIS A 24 -20.02 10.20 -7.50
CA HIS A 24 -19.74 10.91 -6.26
C HIS A 24 -18.49 10.36 -5.58
N PRO A 25 -17.84 11.20 -4.76
CA PRO A 25 -16.63 10.82 -4.04
C PRO A 25 -16.90 9.81 -2.93
N GLU A 26 -18.00 10.02 -2.20
CA GLU A 26 -18.38 9.13 -1.11
C GLU A 26 -19.07 7.88 -1.64
N HIS A 27 -19.57 7.97 -2.88
CA HIS A 27 -20.26 6.85 -3.51
C HIS A 27 -19.32 6.07 -4.41
N PHE A 28 -18.06 6.51 -4.47
CA PHE A 28 -17.06 5.86 -5.31
C PHE A 28 -16.00 5.18 -4.45
N PHE A 29 -16.02 3.86 -4.41
CA PHE A 29 -15.06 3.10 -3.62
C PHE A 29 -14.68 1.79 -4.33
N CYS A 30 -13.51 1.28 -4.03
CA CYS A 30 -13.05 0.05 -4.64
C CYS A 30 -14.00 -1.08 -4.24
N ALA A 31 -14.51 -1.77 -5.26
CA ALA A 31 -15.45 -2.87 -5.05
C ALA A 31 -14.71 -4.15 -4.68
N GLN A 32 -13.38 -4.10 -4.71
CA GLN A 32 -12.56 -5.25 -4.39
C GLN A 32 -12.01 -5.16 -2.96
N CYS A 33 -11.31 -4.06 -2.68
CA CYS A 33 -10.75 -3.86 -1.37
C CYS A 33 -11.58 -2.80 -0.65
N GLY A 34 -12.22 -1.94 -1.44
CA GLY A 34 -13.04 -0.89 -0.88
C GLY A 34 -12.34 -0.12 0.21
N ALA A 35 -11.34 0.67 -0.16
CA ALA A 35 -10.58 1.46 0.80
C ALA A 35 -9.51 2.30 0.11
N PHE A 36 -9.87 3.54 -0.23
CA PHE A 36 -8.95 4.44 -0.90
C PHE A 36 -9.41 5.88 -0.78
N PHE A 37 -8.54 6.82 -1.14
CA PHE A 37 -8.87 8.24 -1.08
C PHE A 37 -9.32 8.76 -2.43
N GLY A 38 -8.52 8.48 -3.46
CA GLY A 38 -8.84 8.92 -4.80
C GLY A 38 -8.20 8.06 -5.88
N PRO A 39 -8.68 8.19 -7.12
CA PRO A 39 -8.17 7.43 -8.25
C PRO A 39 -6.77 7.87 -8.65
N GLU A 40 -6.70 8.88 -9.52
CA GLU A 40 -5.41 9.39 -9.98
C GLU A 40 -4.53 8.26 -10.49
N GLY A 41 -5.04 7.48 -11.43
CA GLY A 41 -4.29 6.37 -11.98
C GLY A 41 -4.66 5.05 -11.36
N PHE A 42 -5.93 4.69 -11.44
CA PHE A 42 -6.43 3.44 -10.88
C PHE A 42 -6.67 2.40 -11.98
N HIS A 43 -6.64 1.13 -11.59
CA HIS A 43 -6.86 0.05 -12.55
C HIS A 43 -8.34 -0.31 -12.63
N GLU A 44 -8.87 -0.28 -13.85
CA GLU A 44 -10.28 -0.60 -14.07
C GLU A 44 -10.45 -2.06 -14.50
N LYS A 45 -11.39 -2.76 -13.87
CA LYS A 45 -11.65 -4.16 -14.18
C LYS A 45 -13.14 -4.42 -14.28
N ASP A 46 -13.58 -4.93 -15.42
CA ASP A 46 -14.99 -5.23 -15.63
C ASP A 46 -15.87 -4.01 -15.35
N GLY A 47 -15.36 -2.84 -15.71
CA GLY A 47 -16.11 -1.61 -15.48
C GLY A 47 -16.16 -1.23 -14.01
N LYS A 48 -15.28 -1.83 -13.22
CA LYS A 48 -15.23 -1.56 -11.79
C LYS A 48 -13.89 -0.96 -11.40
N ALA A 49 -13.85 -0.28 -10.25
CA ALA A 49 -12.63 0.34 -9.77
C ALA A 49 -11.79 -0.66 -8.97
N TYR A 50 -10.55 -0.88 -9.41
CA TYR A 50 -9.66 -1.81 -8.74
C TYR A 50 -8.30 -1.15 -8.44
N CYS A 51 -7.78 -1.42 -7.25
CA CYS A 51 -6.50 -0.85 -6.86
C CYS A 51 -5.39 -1.78 -7.34
N ARG A 52 -4.18 -1.24 -7.36
CA ARG A 52 -3.01 -2.00 -7.80
C ARG A 52 -2.74 -3.17 -6.85
N LYS A 53 -2.99 -2.95 -5.56
CA LYS A 53 -2.77 -3.98 -4.56
C LYS A 53 -3.68 -5.19 -4.81
N ASP A 54 -4.97 -4.94 -4.96
CA ASP A 54 -5.92 -6.00 -5.22
C ASP A 54 -5.79 -6.54 -6.64
N TYR A 55 -5.41 -5.66 -7.56
CA TYR A 55 -5.24 -6.04 -8.95
C TYR A 55 -4.06 -6.99 -9.12
N PHE A 56 -2.91 -6.59 -8.56
CA PHE A 56 -1.70 -7.41 -8.65
C PHE A 56 -1.81 -8.64 -7.76
N ASP A 57 -2.56 -8.51 -6.67
CA ASP A 57 -2.74 -9.61 -5.73
C ASP A 57 -3.39 -10.81 -6.42
N MET A 58 -4.27 -10.53 -7.38
CA MET A 58 -4.94 -11.59 -8.12
C MET A 58 -3.94 -12.49 -8.85
N PHE A 59 -2.78 -11.92 -9.18
CA PHE A 59 -1.74 -12.67 -9.87
C PHE A 59 -0.67 -13.15 -8.89
N ALA A 60 -0.10 -12.22 -8.14
CA ALA A 60 0.93 -12.55 -7.17
C ALA A 60 1.44 -11.30 -6.45
N PRO A 61 2.02 -11.49 -5.27
CA PRO A 61 2.56 -10.39 -4.46
C PRO A 61 3.81 -9.76 -5.08
N LYS A 62 4.03 -8.49 -4.78
CA LYS A 62 5.20 -7.78 -5.31
C LYS A 62 5.83 -6.90 -4.24
N CYS A 63 7.15 -6.78 -4.28
CA CYS A 63 7.85 -5.97 -3.30
C CYS A 63 7.56 -4.50 -3.61
N GLY A 64 7.46 -3.72 -2.53
CA GLY A 64 7.18 -2.30 -2.66
C GLY A 64 8.17 -1.60 -3.59
N GLY A 65 9.34 -2.20 -3.77
CA GLY A 65 10.35 -1.61 -4.63
C GLY A 65 11.65 -2.40 -4.61
N CYS A 66 11.57 -3.68 -4.92
CA CYS A 66 12.75 -4.52 -4.93
C CYS A 66 12.67 -5.45 -6.14
N ALA A 67 11.56 -6.18 -6.22
CA ALA A 67 11.33 -7.10 -7.32
C ALA A 67 9.85 -7.21 -7.64
N ARG A 68 9.49 -8.21 -8.45
CA ARG A 68 8.11 -8.42 -8.84
C ARG A 68 7.56 -9.72 -8.24
N ALA A 69 8.04 -10.85 -8.76
CA ALA A 69 7.61 -12.15 -8.28
C ALA A 69 8.25 -12.48 -6.93
N ILE A 70 7.40 -12.75 -5.94
CA ILE A 70 7.87 -13.07 -4.60
C ILE A 70 7.77 -14.58 -4.32
N LEU A 71 8.84 -15.15 -3.78
CA LEU A 71 8.86 -16.57 -3.46
C LEU A 71 7.69 -16.95 -2.56
N GLU A 72 7.63 -18.23 -2.19
CA GLU A 72 6.57 -18.72 -1.34
C GLU A 72 6.36 -17.80 -0.14
N ASN A 73 7.30 -17.85 0.80
CA ASN A 73 7.21 -17.02 2.01
C ASN A 73 7.01 -15.56 1.64
N TYR A 74 6.04 -14.92 2.29
CA TYR A 74 5.73 -13.53 2.03
C TYR A 74 5.20 -12.84 3.29
N ILE A 75 5.65 -11.62 3.52
CA ILE A 75 5.21 -10.85 4.69
C ILE A 75 4.42 -9.62 4.26
N SER A 76 3.24 -9.46 4.86
CA SER A 76 2.38 -8.32 4.55
C SER A 76 2.46 -7.26 5.65
N ALA A 77 3.03 -6.11 5.30
CA ALA A 77 3.18 -5.01 6.25
C ALA A 77 2.97 -3.67 5.56
N LEU A 78 2.37 -2.73 6.28
CA LEU A 78 2.11 -1.40 5.74
C LEU A 78 1.20 -1.47 4.52
N ASN A 79 0.24 -2.40 4.55
CA ASN A 79 -0.69 -2.57 3.46
C ASN A 79 0.02 -3.02 2.19
N THR A 80 1.28 -3.46 2.35
CA THR A 80 2.07 -3.90 1.21
C THR A 80 2.79 -5.22 1.53
N LEU A 81 2.99 -6.04 0.51
CA LEU A 81 3.66 -7.32 0.68
C LEU A 81 5.11 -7.24 0.24
N TRP A 82 6.01 -7.77 1.07
CA TRP A 82 7.44 -7.76 0.75
C TRP A 82 8.06 -9.13 1.00
N HIS A 83 9.14 -9.42 0.30
CA HIS A 83 9.83 -10.70 0.45
C HIS A 83 10.18 -10.95 1.92
N PRO A 84 10.49 -12.22 2.24
CA PRO A 84 10.85 -12.63 3.60
C PRO A 84 12.20 -12.08 4.04
N GLU A 85 13.15 -12.07 3.10
CA GLU A 85 14.50 -11.58 3.38
C GLU A 85 14.57 -10.07 3.22
N CYS A 86 13.57 -9.50 2.54
CA CYS A 86 13.53 -8.07 2.33
C CYS A 86 13.17 -7.39 3.66
N PHE A 87 12.59 -8.19 4.55
CA PHE A 87 12.19 -7.69 5.87
C PHE A 87 13.40 -7.55 6.78
N VAL A 88 14.32 -6.68 6.40
CA VAL A 88 15.53 -6.44 7.19
C VAL A 88 16.04 -5.01 7.00
N CYS A 89 16.85 -4.56 7.94
CA CYS A 89 17.40 -3.21 7.87
C CYS A 89 18.41 -3.16 6.72
N ARG A 90 18.59 -1.96 6.18
CA ARG A 90 19.52 -1.75 5.07
C ARG A 90 20.96 -1.86 5.56
N GLU A 91 21.14 -2.01 6.86
CA GLU A 91 22.47 -2.12 7.45
C GLU A 91 22.78 -3.56 7.84
N CYS A 92 21.88 -4.16 8.61
CA CYS A 92 22.06 -5.53 9.05
C CYS A 92 21.75 -6.46 7.87
N PHE A 93 20.69 -6.13 7.16
CA PHE A 93 20.26 -6.91 6.01
C PHE A 93 19.91 -8.33 6.41
N THR A 94 19.95 -8.59 7.71
CA THR A 94 19.64 -9.92 8.24
C THR A 94 18.42 -9.88 9.15
N PRO A 95 17.60 -10.93 9.09
CA PRO A 95 16.38 -11.04 9.90
C PRO A 95 16.69 -11.26 11.37
N PHE A 96 15.77 -10.81 12.23
CA PHE A 96 15.95 -10.95 13.67
C PHE A 96 15.57 -12.36 14.13
N VAL A 97 16.08 -12.76 15.29
CA VAL A 97 15.79 -14.07 15.84
C VAL A 97 14.29 -14.36 15.86
N ASN A 98 13.59 -13.69 16.78
CA ASN A 98 12.14 -13.86 16.90
C ASN A 98 11.49 -12.61 17.46
N GLY A 99 10.18 -12.49 17.26
CA GLY A 99 9.46 -11.33 17.75
C GLY A 99 8.53 -10.74 16.70
N SER A 100 7.59 -9.91 17.14
CA SER A 100 6.64 -9.29 16.23
C SER A 100 7.36 -8.47 15.17
N PHE A 101 6.58 -7.82 14.30
CA PHE A 101 7.15 -7.00 13.23
C PHE A 101 7.07 -5.52 13.59
N PHE A 102 8.08 -4.77 13.18
CA PHE A 102 8.14 -3.33 13.45
C PHE A 102 8.37 -2.55 12.16
N GLU A 103 7.80 -1.36 12.09
CA GLU A 103 7.95 -0.50 10.91
C GLU A 103 8.77 0.74 11.25
N HIS A 104 9.68 1.08 10.34
CA HIS A 104 10.54 2.25 10.54
C HIS A 104 10.66 3.05 9.25
N ASP A 105 10.20 4.31 9.28
CA ASP A 105 10.26 5.18 8.12
C ASP A 105 9.62 4.52 6.91
N GLY A 106 8.56 3.75 7.16
CA GLY A 106 7.87 3.06 6.07
C GLY A 106 8.66 1.90 5.53
N GLN A 107 9.67 1.47 6.27
CA GLN A 107 10.52 0.36 5.86
C GLN A 107 10.66 -0.68 6.97
N PRO A 108 10.94 -1.93 6.58
CA PRO A 108 11.10 -3.04 7.52
C PRO A 108 12.37 -2.90 8.36
N TYR A 109 12.23 -3.12 9.66
CA TYR A 109 13.37 -3.02 10.57
C TYR A 109 13.33 -4.14 11.61
N CYS A 110 14.44 -4.32 12.31
CA CYS A 110 14.52 -5.36 13.33
C CYS A 110 13.98 -4.78 14.64
N GLU A 111 13.75 -5.68 15.59
CA GLU A 111 13.23 -5.29 16.89
C GLU A 111 14.24 -4.42 17.64
N VAL A 112 15.49 -4.87 17.68
CA VAL A 112 16.55 -4.13 18.35
C VAL A 112 16.92 -2.87 17.58
N HIS A 113 16.96 -2.98 16.25
CA HIS A 113 17.30 -1.85 15.40
C HIS A 113 16.19 -0.79 15.43
N TYR A 114 14.95 -1.24 15.50
CA TYR A 114 13.80 -0.33 15.54
C TYR A 114 13.81 0.48 16.82
N HIS A 115 13.95 -0.21 17.96
CA HIS A 115 13.97 0.46 19.26
C HIS A 115 15.22 1.30 19.43
N GLU A 116 16.34 0.81 18.89
CA GLU A 116 17.61 1.53 18.98
C GLU A 116 17.52 2.87 18.26
N ARG A 117 16.77 2.92 17.16
CA ARG A 117 16.61 4.15 16.40
C ARG A 117 15.70 5.12 17.13
N ARG A 118 14.68 4.59 17.80
CA ARG A 118 13.74 5.42 18.53
C ARG A 118 14.29 5.80 19.90
N GLY A 119 15.34 5.11 20.32
CA GLY A 119 15.95 5.38 21.61
C GLY A 119 17.25 6.14 21.48
N SER A 120 18.06 6.13 22.55
CA SER A 120 19.33 6.83 22.56
C SER A 120 19.13 8.33 22.40
N PRO A 121 20.15 9.11 22.79
CA PRO A 121 20.11 10.58 22.71
C PRO A 121 20.15 11.08 21.26
N GLU A 122 21.36 11.23 20.72
CA GLU A 122 21.53 11.70 19.36
C GLU A 122 22.60 10.88 18.64
N TYR A 123 22.17 9.79 18.01
CA TYR A 123 23.08 8.92 17.28
C TYR A 123 22.82 8.97 15.78
N PHE A 124 23.82 9.43 15.04
CA PHE A 124 23.70 9.55 13.59
C PHE A 124 24.25 8.31 12.89
N LYS A 125 25.58 8.20 12.86
CA LYS A 125 26.23 7.07 12.23
C LYS A 125 27.47 6.65 13.02
N ASN A 126 27.84 5.38 12.92
CA ASN A 126 29.01 4.86 13.61
C ASN A 126 30.26 5.02 12.77
N GLY A 127 30.10 4.97 11.46
CA GLY A 127 31.23 5.12 10.55
C GLY A 127 30.98 4.49 9.21
ZN ZN B . -24.02 9.86 -5.52
ZN ZN C . -8.93 -1.83 -4.20
ZN ZN D . 11.67 -7.75 -1.91
ZN ZN E . 18.23 -4.93 11.41
N SER A 1 -20.25 21.40 -11.49
CA SER A 1 -19.22 20.80 -10.65
C SER A 1 -19.50 19.33 -10.41
N PRO A 2 -18.45 18.58 -10.01
CA PRO A 2 -18.56 17.15 -9.75
C PRO A 2 -19.37 16.84 -8.50
N ARG A 3 -20.19 15.79 -8.57
CA ARG A 3 -21.02 15.39 -7.45
C ARG A 3 -20.81 13.93 -7.10
N CYS A 4 -20.60 13.65 -5.82
CA CYS A 4 -20.39 12.28 -5.38
C CYS A 4 -21.72 11.54 -5.43
N TYR A 5 -21.79 10.56 -6.32
CA TYR A 5 -22.99 9.76 -6.50
C TYR A 5 -23.15 8.76 -5.36
N TYR A 6 -22.04 8.44 -4.70
CA TYR A 6 -22.06 7.50 -3.60
C TYR A 6 -22.87 8.03 -2.42
N CYS A 7 -22.94 9.35 -2.32
CA CYS A 7 -23.69 9.99 -1.24
C CYS A 7 -24.55 11.10 -1.84
N ASN A 8 -24.64 11.08 -3.17
CA ASN A 8 -25.42 12.08 -3.88
C ASN A 8 -25.19 13.47 -3.32
N GLY A 9 -23.94 13.75 -2.94
CA GLY A 9 -23.61 15.05 -2.38
C GLY A 9 -22.53 15.76 -3.18
N PRO A 10 -22.41 17.07 -2.98
CA PRO A 10 -21.41 17.90 -3.68
C PRO A 10 -20.00 17.60 -3.20
N ILE A 11 -19.02 17.84 -4.09
CA ILE A 11 -17.62 17.60 -3.75
C ILE A 11 -16.82 18.90 -3.81
N LEU A 12 -16.22 19.26 -2.69
CA LEU A 12 -15.41 20.48 -2.61
C LEU A 12 -13.92 20.15 -2.66
N ASP A 13 -13.47 19.32 -1.73
CA ASP A 13 -12.07 18.92 -1.67
C ASP A 13 -11.67 18.16 -2.93
N LYS A 14 -10.54 17.45 -2.85
CA LYS A 14 -10.05 16.68 -3.99
C LYS A 14 -11.09 15.67 -4.45
N VAL A 15 -11.36 15.66 -5.75
CA VAL A 15 -12.34 14.74 -6.33
C VAL A 15 -11.66 13.59 -7.04
N VAL A 16 -12.20 12.38 -6.87
CA VAL A 16 -11.64 11.20 -7.50
C VAL A 16 -12.44 10.79 -8.72
N THR A 17 -11.75 10.52 -9.83
CA THR A 17 -12.41 10.12 -11.06
C THR A 17 -12.44 8.60 -11.20
N ALA A 18 -13.65 8.06 -11.37
CA ALA A 18 -13.82 6.62 -11.51
C ALA A 18 -15.06 6.30 -12.33
N LEU A 19 -14.89 5.44 -13.34
CA LEU A 19 -16.00 5.05 -14.20
C LEU A 19 -16.68 6.28 -14.81
N ASP A 20 -15.88 7.25 -15.24
CA ASP A 20 -16.40 8.47 -15.84
C ASP A 20 -17.31 9.20 -14.86
N ARG A 21 -17.11 8.95 -13.57
CA ARG A 21 -17.91 9.59 -12.53
C ARG A 21 -17.02 10.12 -11.41
N THR A 22 -17.54 11.08 -10.65
CA THR A 22 -16.80 11.68 -9.55
C THR A 22 -17.25 11.10 -8.21
N TRP A 23 -16.30 10.74 -7.37
CA TRP A 23 -16.60 10.19 -6.05
C TRP A 23 -15.79 10.89 -4.97
N HIS A 24 -16.30 10.86 -3.74
CA HIS A 24 -15.63 11.49 -2.61
C HIS A 24 -14.38 10.72 -2.22
N PRO A 25 -13.45 11.39 -1.54
CA PRO A 25 -12.19 10.78 -1.08
C PRO A 25 -12.41 9.76 0.03
N GLU A 26 -13.29 10.10 0.97
CA GLU A 26 -13.58 9.21 2.09
C GLU A 26 -14.57 8.13 1.67
N HIS A 27 -15.29 8.37 0.58
CA HIS A 27 -16.28 7.43 0.08
C HIS A 27 -15.68 6.56 -1.02
N PHE A 28 -14.40 6.77 -1.32
CA PHE A 28 -13.72 6.01 -2.35
C PHE A 28 -12.67 5.09 -1.74
N PHE A 29 -12.92 3.79 -1.79
CA PHE A 29 -12.00 2.80 -1.23
C PHE A 29 -11.87 1.60 -2.16
N CYS A 30 -10.67 1.05 -2.24
CA CYS A 30 -10.42 -0.11 -3.10
C CYS A 30 -11.31 -1.26 -2.60
N ALA A 31 -12.12 -1.78 -3.51
CA ALA A 31 -13.01 -2.89 -3.20
C ALA A 31 -12.25 -4.21 -3.17
N GLN A 32 -10.97 -4.15 -3.50
CA GLN A 32 -10.14 -5.35 -3.52
C GLN A 32 -9.31 -5.46 -2.25
N CYS A 33 -8.55 -4.42 -1.95
CA CYS A 33 -7.71 -4.40 -0.77
C CYS A 33 -8.29 -3.38 0.22
N GLY A 34 -8.97 -2.38 -0.35
CA GLY A 34 -9.57 -1.34 0.47
C GLY A 34 -8.55 -0.66 1.37
N ALA A 35 -7.62 0.07 0.75
CA ALA A 35 -6.60 0.79 1.51
C ALA A 35 -5.68 1.56 0.57
N PHE A 36 -6.02 2.82 0.32
CA PHE A 36 -5.22 3.67 -0.56
C PHE A 36 -5.13 5.09 -0.01
N PHE A 37 -4.20 5.87 -0.55
CA PHE A 37 -4.02 7.25 -0.11
C PHE A 37 -3.74 8.17 -1.29
N GLY A 38 -2.94 7.69 -2.24
CA GLY A 38 -2.62 8.48 -3.41
C GLY A 38 -3.85 9.01 -4.11
N PRO A 39 -3.65 9.99 -5.01
CA PRO A 39 -4.75 10.60 -5.76
C PRO A 39 -5.36 9.64 -6.78
N GLU A 40 -4.78 9.60 -7.97
CA GLU A 40 -5.27 8.72 -9.02
C GLU A 40 -4.24 7.65 -9.38
N GLY A 41 -4.59 6.79 -10.33
CA GLY A 41 -3.67 5.74 -10.74
C GLY A 41 -4.14 4.37 -10.29
N PHE A 42 -5.34 3.98 -10.73
CA PHE A 42 -5.91 2.68 -10.37
C PHE A 42 -6.42 1.94 -11.60
N HIS A 43 -6.52 0.63 -11.49
CA HIS A 43 -6.99 -0.19 -12.61
C HIS A 43 -8.47 -0.54 -12.42
N GLU A 44 -9.21 -0.58 -13.53
CA GLU A 44 -10.62 -0.90 -13.49
C GLU A 44 -10.84 -2.41 -13.59
N LYS A 45 -11.59 -2.96 -12.63
CA LYS A 45 -11.87 -4.39 -12.61
C LYS A 45 -13.34 -4.64 -12.29
N ASP A 46 -14.03 -5.32 -13.20
CA ASP A 46 -15.43 -5.63 -13.02
C ASP A 46 -16.22 -4.39 -12.62
N GLY A 47 -15.79 -3.24 -13.13
CA GLY A 47 -16.47 -1.99 -12.80
C GLY A 47 -16.10 -1.47 -11.42
N LYS A 48 -14.99 -1.96 -10.88
CA LYS A 48 -14.54 -1.55 -9.56
C LYS A 48 -13.10 -1.04 -9.62
N ALA A 49 -12.71 -0.27 -8.61
CA ALA A 49 -11.36 0.27 -8.54
C ALA A 49 -10.41 -0.72 -7.88
N TYR A 50 -9.42 -1.18 -8.64
CA TYR A 50 -8.45 -2.13 -8.13
C TYR A 50 -7.05 -1.53 -8.14
N CYS A 51 -6.21 -2.00 -7.21
CA CYS A 51 -4.84 -1.50 -7.12
C CYS A 51 -3.98 -2.30 -8.10
N ARG A 52 -2.82 -1.71 -8.42
CA ARG A 52 -1.89 -2.34 -9.35
C ARG A 52 -1.39 -3.67 -8.79
N LYS A 53 -1.02 -3.67 -7.51
CA LYS A 53 -0.53 -4.88 -6.86
C LYS A 53 -1.61 -5.95 -6.80
N ASP A 54 -2.84 -5.52 -6.55
CA ASP A 54 -3.97 -6.43 -6.46
C ASP A 54 -4.13 -7.23 -7.76
N TYR A 55 -3.79 -6.60 -8.88
CA TYR A 55 -3.90 -7.24 -10.18
C TYR A 55 -2.89 -8.37 -10.32
N PHE A 56 -1.68 -8.14 -9.82
CA PHE A 56 -0.62 -9.14 -9.89
C PHE A 56 -0.90 -10.29 -8.93
N ASP A 57 -1.55 -9.97 -7.80
CA ASP A 57 -1.87 -10.98 -6.80
C ASP A 57 -2.77 -12.06 -7.40
N MET A 58 -3.62 -11.67 -8.34
CA MET A 58 -4.53 -12.61 -8.98
C MET A 58 -3.75 -13.72 -9.70
N PHE A 59 -2.53 -13.40 -10.10
CA PHE A 59 -1.69 -14.37 -10.80
C PHE A 59 -0.65 -14.97 -9.85
N ALA A 60 0.10 -14.11 -9.18
CA ALA A 60 1.13 -14.54 -8.24
C ALA A 60 1.81 -13.36 -7.58
N PRO A 61 2.45 -13.61 -6.42
CA PRO A 61 3.15 -12.57 -5.66
C PRO A 61 4.43 -12.09 -6.37
N LYS A 62 4.76 -10.83 -6.18
CA LYS A 62 5.96 -10.25 -6.80
C LYS A 62 6.70 -9.36 -5.81
N CYS A 63 8.02 -9.42 -5.86
CA CYS A 63 8.84 -8.62 -4.96
C CYS A 63 9.02 -7.23 -5.59
N GLY A 64 8.71 -6.20 -4.80
CA GLY A 64 8.83 -4.83 -5.26
C GLY A 64 10.17 -4.56 -5.90
N GLY A 65 11.21 -5.24 -5.41
CA GLY A 65 12.54 -5.03 -5.96
C GLY A 65 13.39 -6.29 -5.86
N CYS A 66 12.87 -7.40 -6.37
CA CYS A 66 13.59 -8.66 -6.33
C CYS A 66 12.83 -9.68 -7.17
N ALA A 67 13.50 -10.80 -7.43
CA ALA A 67 12.90 -11.87 -8.22
C ALA A 67 11.38 -11.79 -8.20
N ARG A 68 10.78 -11.73 -9.38
CA ARG A 68 9.33 -11.65 -9.50
C ARG A 68 8.66 -12.82 -8.81
N ALA A 69 8.82 -14.01 -9.38
CA ALA A 69 8.22 -15.21 -8.81
C ALA A 69 8.69 -15.43 -7.37
N ILE A 70 7.75 -15.50 -6.44
CA ILE A 70 8.07 -15.69 -5.04
C ILE A 70 7.77 -17.13 -4.61
N LEU A 71 8.73 -17.75 -3.92
CA LEU A 71 8.57 -19.12 -3.45
C LEU A 71 7.35 -19.24 -2.53
N GLU A 72 7.20 -20.40 -1.91
CA GLU A 72 6.08 -20.65 -1.00
C GLU A 72 6.00 -19.55 0.06
N ASN A 73 6.97 -19.54 0.97
CA ASN A 73 7.00 -18.55 2.03
C ASN A 73 6.90 -17.14 1.47
N TYR A 74 5.97 -16.35 2.01
CA TYR A 74 5.78 -14.98 1.55
C TYR A 74 5.30 -14.09 2.69
N ILE A 75 5.47 -12.78 2.54
CA ILE A 75 5.05 -11.82 3.54
C ILE A 75 4.34 -10.63 2.91
N SER A 76 3.12 -10.35 3.37
CA SER A 76 2.35 -9.24 2.85
C SER A 76 2.51 -7.99 3.73
N ALA A 77 3.14 -6.97 3.18
CA ALA A 77 3.38 -5.73 3.91
C ALA A 77 3.36 -4.53 2.96
N LEU A 78 2.83 -3.41 3.43
CA LEU A 78 2.77 -2.20 2.63
C LEU A 78 1.96 -2.42 1.36
N ASN A 79 0.89 -3.21 1.48
CA ASN A 79 0.03 -3.51 0.34
C ASN A 79 0.79 -4.25 -0.74
N THR A 80 1.97 -4.77 -0.39
CA THR A 80 2.80 -5.50 -1.34
C THR A 80 3.35 -6.77 -0.71
N LEU A 81 3.55 -7.79 -1.53
CA LEU A 81 4.08 -9.07 -1.05
C LEU A 81 5.57 -9.17 -1.32
N TRP A 82 6.32 -9.57 -0.29
CA TRP A 82 7.77 -9.71 -0.42
C TRP A 82 8.25 -11.00 0.24
N HIS A 83 9.36 -11.53 -0.25
CA HIS A 83 9.92 -12.77 0.29
C HIS A 83 10.17 -12.64 1.80
N PRO A 84 10.32 -13.78 2.48
CA PRO A 84 10.57 -13.81 3.92
C PRO A 84 11.95 -13.31 4.29
N GLU A 85 12.95 -13.66 3.47
CA GLU A 85 14.32 -13.23 3.71
C GLU A 85 14.58 -11.85 3.11
N CYS A 86 13.67 -11.41 2.25
CA CYS A 86 13.80 -10.12 1.61
C CYS A 86 13.55 -9.04 2.66
N PHE A 87 12.88 -9.44 3.73
CA PHE A 87 12.55 -8.53 4.83
C PHE A 87 13.76 -8.30 5.71
N VAL A 88 14.70 -7.47 5.24
CA VAL A 88 15.90 -7.16 5.99
C VAL A 88 16.41 -5.76 5.67
N CYS A 89 17.18 -5.19 6.58
CA CYS A 89 17.72 -3.85 6.39
C CYS A 89 18.79 -3.93 5.30
N ARG A 90 19.01 -2.78 4.66
CA ARG A 90 20.01 -2.70 3.59
C ARG A 90 21.42 -2.75 4.17
N GLU A 91 21.52 -2.75 5.48
CA GLU A 91 22.82 -2.80 6.16
C GLU A 91 23.05 -4.18 6.78
N CYS A 92 22.10 -4.62 7.59
CA CYS A 92 22.22 -5.93 8.24
C CYS A 92 21.93 -7.01 7.20
N PHE A 93 20.87 -6.78 6.43
CA PHE A 93 20.46 -7.73 5.39
C PHE A 93 20.07 -9.07 6.01
N THR A 94 20.21 -9.17 7.33
CA THR A 94 19.87 -10.41 8.03
C THR A 94 18.46 -10.34 8.61
N PRO A 95 17.77 -11.48 8.59
CA PRO A 95 16.40 -11.59 9.11
C PRO A 95 16.34 -11.47 10.63
N PHE A 96 15.22 -10.99 11.15
CA PHE A 96 15.04 -10.84 12.59
C PHE A 96 13.57 -10.86 12.96
N VAL A 97 12.74 -10.30 12.09
CA VAL A 97 11.30 -10.26 12.32
C VAL A 97 10.79 -11.59 12.88
N ASN A 98 10.65 -12.57 12.00
CA ASN A 98 10.17 -13.89 12.40
C ASN A 98 8.92 -13.78 13.26
N GLY A 99 8.02 -12.87 12.89
CA GLY A 99 6.79 -12.68 13.63
C GLY A 99 6.29 -11.26 13.55
N SER A 100 7.01 -10.33 14.18
CA SER A 100 6.62 -8.93 14.19
C SER A 100 7.34 -8.16 13.08
N PHE A 101 6.58 -7.74 12.07
CA PHE A 101 7.15 -7.00 10.95
C PHE A 101 7.05 -5.50 11.19
N PHE A 102 8.04 -4.76 10.69
CA PHE A 102 8.07 -3.32 10.86
C PHE A 102 8.37 -2.63 9.53
N GLU A 103 7.79 -1.45 9.34
CA GLU A 103 7.99 -0.69 8.11
C GLU A 103 8.92 0.50 8.36
N HIS A 104 9.83 0.74 7.40
CA HIS A 104 10.78 1.84 7.51
C HIS A 104 11.14 2.37 6.13
N ASP A 105 10.83 3.64 5.89
CA ASP A 105 11.12 4.28 4.61
C ASP A 105 10.54 3.46 3.46
N GLY A 106 9.39 2.86 3.69
CA GLY A 106 8.76 2.06 2.66
C GLY A 106 9.49 0.75 2.41
N GLN A 107 10.42 0.42 3.29
CA GLN A 107 11.19 -0.82 3.16
C GLN A 107 11.18 -1.60 4.46
N PRO A 108 11.37 -2.93 4.35
CA PRO A 108 11.39 -3.82 5.51
C PRO A 108 12.62 -3.63 6.38
N TYR A 109 12.42 -3.44 7.66
CA TYR A 109 13.53 -3.25 8.60
C TYR A 109 13.35 -4.11 9.85
N CYS A 110 14.42 -4.22 10.62
CA CYS A 110 14.38 -5.03 11.84
C CYS A 110 13.75 -4.19 12.94
N GLU A 111 13.37 -4.87 14.03
CA GLU A 111 12.74 -4.21 15.16
C GLU A 111 13.71 -3.23 15.82
N VAL A 112 14.94 -3.69 16.06
CA VAL A 112 15.96 -2.85 16.68
C VAL A 112 16.45 -1.78 15.71
N HIS A 113 16.61 -2.16 14.45
CA HIS A 113 17.08 -1.24 13.42
C HIS A 113 16.02 -0.18 13.13
N TYR A 114 14.77 -0.59 13.15
CA TYR A 114 13.67 0.33 12.89
C TYR A 114 13.56 1.40 13.96
N HIS A 115 13.58 0.97 15.22
CA HIS A 115 13.49 1.89 16.35
C HIS A 115 14.77 2.72 16.47
N GLU A 116 15.90 2.09 16.18
CA GLU A 116 17.19 2.78 16.26
C GLU A 116 17.29 3.88 15.20
N ARG A 117 16.63 3.65 14.06
CA ARG A 117 16.64 4.62 12.98
C ARG A 117 15.80 5.85 13.33
N ARG A 118 14.67 5.62 13.98
CA ARG A 118 13.77 6.70 14.37
C ARG A 118 14.29 7.40 15.64
N GLY A 119 14.90 6.62 16.52
CA GLY A 119 15.43 7.18 17.75
C GLY A 119 14.35 7.79 18.61
N SER A 120 14.18 9.10 18.50
CA SER A 120 13.18 9.81 19.27
C SER A 120 12.15 10.48 18.36
N PRO A 121 10.98 10.81 18.93
CA PRO A 121 9.90 11.46 18.19
C PRO A 121 10.22 12.90 17.80
N GLU A 122 9.94 13.25 16.55
CA GLU A 122 10.22 14.60 16.06
C GLU A 122 8.92 15.37 15.84
N TYR A 123 8.21 15.02 14.76
CA TYR A 123 6.95 15.68 14.43
C TYR A 123 6.06 14.76 13.60
N PHE A 124 4.85 15.23 13.31
CA PHE A 124 3.90 14.46 12.52
C PHE A 124 2.88 15.37 11.85
N LYS A 125 2.15 14.83 10.88
CA LYS A 125 1.14 15.59 10.16
C LYS A 125 0.14 16.21 11.12
N ASN A 126 -0.56 17.25 10.66
CA ASN A 126 -1.54 17.93 11.50
C ASN A 126 -2.34 18.95 10.67
N GLY A 127 -3.66 18.84 10.72
CA GLY A 127 -4.50 19.75 9.98
C GLY A 127 -4.24 19.70 8.48
ZN ZN B . -19.77 11.13 -1.09
ZN ZN C . -6.53 -2.28 -3.76
ZN ZN D . 12.08 -10.67 -2.66
ZN ZN E . 18.25 -5.03 10.22
#